data_2N8M
#
_entry.id   2N8M
#
loop_
_entity.id
_entity.type
_entity.pdbx_description
1 polymer 'Insulin-like growth factor 2 mRNA-binding protein 1'
2 polymer "RNA (5'-R(P*UP*CP*GP*GP*AP*CP*U)-3')"
#
loop_
_entity_poly.entity_id
_entity_poly.type
_entity_poly.pdbx_seq_one_letter_code
_entity_poly.pdbx_strand_id
1 'polypeptide(L)'
;GAMGPSSVSGAAPFSSFMPPEQETVHVFIPAQAVGAIIGDDGQHIKQLSRFASASIKIAPPETPDSKVRMVVITGPPEAQ
FKAQGRIYGKLKEENFFGPKEEVKLETHIRVPASAAGRVIGKGGKTVNELQNLTAAEVVVPRDQTPDENEQVIVKIIGHF
YASQMAQRKIRDILAQVKQQHQKGQSGQLQA
;
A
2 'polyribonucleotide' UCGGACU B
#
# COMPACT_ATOMS: atom_id res chain seq x y z
N GLY A 1 6.38 9.91 -28.95
CA GLY A 1 6.34 10.95 -30.01
C GLY A 1 7.18 12.15 -29.68
N ALA A 2 8.45 11.92 -29.39
CA ALA A 2 9.40 13.00 -29.17
C ALA A 2 10.57 12.86 -30.13
N MET A 3 10.44 13.48 -31.29
CA MET A 3 11.43 13.33 -32.35
C MET A 3 12.57 14.33 -32.18
N GLY A 4 13.22 14.27 -31.04
CA GLY A 4 14.36 15.12 -30.79
C GLY A 4 15.63 14.50 -31.33
N PRO A 5 16.25 15.11 -32.36
CA PRO A 5 17.46 14.58 -33.01
C PRO A 5 18.58 14.34 -32.03
N SER A 6 18.64 15.15 -30.97
CA SER A 6 19.64 15.02 -29.92
C SER A 6 21.04 15.18 -30.51
N SER A 7 21.17 16.11 -31.45
CA SER A 7 22.45 16.36 -32.11
C SER A 7 23.51 16.86 -31.12
N VAL A 8 23.05 17.52 -30.06
CA VAL A 8 23.95 17.93 -29.00
C VAL A 8 24.40 16.70 -28.19
N SER A 9 25.70 16.50 -28.12
CA SER A 9 26.26 15.36 -27.41
C SER A 9 27.25 15.83 -26.37
N GLY A 10 26.76 16.10 -25.17
CA GLY A 10 27.63 16.52 -24.09
C GLY A 10 28.25 15.33 -23.40
N ALA A 11 29.34 15.58 -22.69
CA ALA A 11 30.04 14.52 -21.95
C ALA A 11 29.18 14.01 -20.79
N ALA A 12 28.13 14.75 -20.46
CA ALA A 12 27.21 14.36 -19.40
C ALA A 12 25.81 14.18 -19.96
N PRO A 13 25.47 12.95 -20.38
CA PRO A 13 24.14 12.63 -20.91
C PRO A 13 23.09 12.58 -19.82
N PHE A 14 22.62 13.75 -19.41
CA PHE A 14 21.62 13.86 -18.35
C PHE A 14 20.31 13.20 -18.78
N SER A 15 20.03 12.04 -18.19
CA SER A 15 18.82 11.32 -18.47
C SER A 15 17.67 11.86 -17.63
N SER A 16 16.61 12.31 -18.28
CA SER A 16 15.51 12.97 -17.60
C SER A 16 14.42 11.97 -17.19
N PHE A 17 14.64 10.70 -17.49
CA PHE A 17 13.68 9.66 -17.13
C PHE A 17 14.14 8.91 -15.88
N MET A 18 13.20 8.58 -15.01
CA MET A 18 13.51 7.90 -13.76
C MET A 18 12.69 6.62 -13.63
N PRO A 19 13.36 5.49 -13.33
CA PRO A 19 12.70 4.21 -13.14
C PRO A 19 12.11 4.07 -11.75
N PRO A 20 10.78 3.95 -11.65
CA PRO A 20 10.10 3.82 -10.36
C PRO A 20 10.10 2.39 -9.84
N GLU A 21 11.27 1.91 -9.46
CA GLU A 21 11.37 0.62 -8.81
C GLU A 21 11.34 0.80 -7.30
N GLN A 22 10.60 1.83 -6.87
CA GLN A 22 10.48 2.14 -5.47
C GLN A 22 9.33 1.36 -4.83
N GLU A 23 9.18 1.52 -3.53
CA GLU A 23 8.13 0.83 -2.79
C GLU A 23 6.76 1.26 -3.29
N THR A 24 5.99 0.31 -3.79
CA THR A 24 4.74 0.61 -4.45
C THR A 24 3.54 0.10 -3.65
N VAL A 25 2.73 1.03 -3.17
CA VAL A 25 1.47 0.67 -2.50
C VAL A 25 0.30 1.01 -3.40
N HIS A 26 -0.77 0.24 -3.26
CA HIS A 26 -1.98 0.49 -4.03
C HIS A 26 -3.14 0.77 -3.08
N VAL A 27 -3.62 2.00 -3.09
CA VAL A 27 -4.74 2.36 -2.23
C VAL A 27 -5.85 2.95 -3.07
N PHE A 28 -7.10 2.62 -2.73
CA PHE A 28 -8.20 3.08 -3.56
C PHE A 28 -9.14 4.01 -2.84
N ILE A 29 -9.62 4.98 -3.61
CA ILE A 29 -10.61 5.94 -3.16
C ILE A 29 -11.87 5.81 -4.01
N PRO A 30 -13.03 6.12 -3.44
CA PRO A 30 -14.30 6.11 -4.18
C PRO A 30 -14.23 7.02 -5.40
N ALA A 31 -14.89 6.60 -6.47
CA ALA A 31 -14.84 7.30 -7.77
C ALA A 31 -15.23 8.76 -7.65
N GLN A 32 -16.07 9.08 -6.67
CA GLN A 32 -16.50 10.44 -6.44
C GLN A 32 -15.35 11.27 -5.87
N ALA A 33 -14.53 10.64 -5.05
CA ALA A 33 -13.40 11.31 -4.42
C ALA A 33 -12.27 11.49 -5.42
N VAL A 34 -12.19 10.60 -6.40
CA VAL A 34 -11.20 10.69 -7.46
C VAL A 34 -11.38 12.00 -8.21
N GLY A 35 -12.62 12.43 -8.36
CA GLY A 35 -12.91 13.68 -9.03
C GLY A 35 -12.33 14.89 -8.32
N ALA A 36 -12.19 14.79 -7.00
CA ALA A 36 -11.60 15.89 -6.23
C ALA A 36 -10.09 15.90 -6.36
N ILE A 37 -9.50 14.71 -6.41
CA ILE A 37 -8.05 14.58 -6.49
C ILE A 37 -7.54 14.88 -7.89
N ILE A 38 -8.18 14.28 -8.88
CA ILE A 38 -7.75 14.43 -10.27
C ILE A 38 -8.34 15.68 -10.90
N GLY A 39 -9.50 16.09 -10.40
CA GLY A 39 -10.30 17.11 -11.05
C GLY A 39 -9.60 18.43 -11.25
N ASP A 40 -8.79 18.85 -10.28
CA ASP A 40 -8.11 20.15 -10.30
C ASP A 40 -7.20 20.27 -11.53
N ASP A 41 -7.77 20.78 -12.62
CA ASP A 41 -7.08 20.96 -13.91
C ASP A 41 -6.52 19.64 -14.45
N GLY A 42 -6.91 18.53 -13.83
CA GLY A 42 -6.43 17.23 -14.24
C GLY A 42 -4.93 17.06 -14.00
N GLN A 43 -4.36 17.87 -13.13
CA GLN A 43 -2.92 17.81 -12.88
C GLN A 43 -2.57 17.81 -11.40
N HIS A 44 -3.55 18.04 -10.54
CA HIS A 44 -3.27 18.15 -9.10
C HIS A 44 -2.74 16.82 -8.55
N ILE A 45 -3.24 15.72 -9.10
CA ILE A 45 -2.76 14.39 -8.75
C ILE A 45 -1.31 14.20 -9.20
N LYS A 46 -0.97 14.79 -10.34
CA LYS A 46 0.38 14.69 -10.88
C LYS A 46 1.32 15.59 -10.08
N GLN A 47 0.73 16.60 -9.45
CA GLN A 47 1.45 17.48 -8.54
C GLN A 47 1.90 16.70 -7.31
N LEU A 48 1.11 15.69 -6.95
CA LEU A 48 1.43 14.80 -5.84
C LEU A 48 2.75 14.10 -6.08
N SER A 49 3.06 13.88 -7.37
CA SER A 49 4.28 13.19 -7.77
C SER A 49 5.50 13.89 -7.20
N ARG A 50 5.62 15.17 -7.47
CA ARG A 50 6.77 15.93 -7.02
C ARG A 50 6.63 16.25 -5.53
N PHE A 51 5.40 16.47 -5.09
CA PHE A 51 5.14 16.85 -3.71
C PHE A 51 5.49 15.72 -2.75
N ALA A 52 4.95 14.54 -2.98
CA ALA A 52 5.19 13.40 -2.11
C ALA A 52 6.49 12.70 -2.48
N SER A 53 7.12 13.20 -3.55
CA SER A 53 8.38 12.66 -4.04
C SER A 53 8.21 11.22 -4.50
N ALA A 54 7.19 10.99 -5.33
CA ALA A 54 6.85 9.65 -5.76
C ALA A 54 6.37 9.64 -7.20
N SER A 55 6.34 8.45 -7.78
CA SER A 55 5.78 8.26 -9.11
C SER A 55 4.29 7.97 -8.97
N ILE A 56 3.48 8.97 -9.22
CA ILE A 56 2.04 8.87 -9.04
C ILE A 56 1.37 8.40 -10.34
N LYS A 57 0.72 7.25 -10.28
CA LYS A 57 -0.08 6.78 -11.40
C LYS A 57 -1.51 6.54 -10.93
N ILE A 58 -2.47 7.00 -11.72
CA ILE A 58 -3.87 6.86 -11.37
C ILE A 58 -4.53 5.81 -12.27
N ALA A 59 -5.39 4.99 -11.69
CA ALA A 59 -6.07 3.96 -12.46
C ALA A 59 -7.29 4.51 -13.18
N PRO A 60 -7.34 4.30 -14.51
CA PRO A 60 -8.53 4.57 -15.32
C PRO A 60 -9.61 3.51 -15.05
N PRO A 61 -10.78 3.61 -15.70
CA PRO A 61 -11.84 2.60 -15.54
C PRO A 61 -11.48 1.29 -16.23
N GLU A 62 -10.38 0.68 -15.81
CA GLU A 62 -9.89 -0.55 -16.43
C GLU A 62 -10.42 -1.78 -15.73
N THR A 63 -10.26 -1.82 -14.43
CA THR A 63 -10.64 -2.96 -13.63
C THR A 63 -12.12 -2.90 -13.26
N PRO A 64 -12.79 -4.07 -13.19
CA PRO A 64 -14.24 -4.19 -12.93
C PRO A 64 -14.67 -3.49 -11.64
N ASP A 65 -13.73 -3.29 -10.74
CA ASP A 65 -13.98 -2.61 -9.47
C ASP A 65 -13.91 -1.09 -9.69
N SER A 66 -14.31 -0.65 -10.88
CA SER A 66 -14.18 0.74 -11.29
C SER A 66 -15.15 1.66 -10.51
N LYS A 67 -15.78 1.12 -9.47
CA LYS A 67 -16.55 1.96 -8.55
C LYS A 67 -15.57 2.76 -7.69
N VAL A 68 -14.34 2.27 -7.66
CA VAL A 68 -13.25 2.98 -7.03
C VAL A 68 -12.06 3.02 -8.00
N ARG A 69 -11.03 3.76 -7.65
CA ARG A 69 -9.84 3.83 -8.47
C ARG A 69 -8.61 3.57 -7.62
N MET A 70 -7.75 2.68 -8.08
CA MET A 70 -6.52 2.38 -7.36
C MET A 70 -5.43 3.37 -7.73
N VAL A 71 -4.81 3.96 -6.72
CA VAL A 71 -3.69 4.85 -6.97
C VAL A 71 -2.38 4.10 -6.74
N VAL A 72 -1.46 4.27 -7.68
CA VAL A 72 -0.17 3.63 -7.62
C VAL A 72 0.85 4.56 -7.02
N ILE A 73 1.08 4.44 -5.72
CA ILE A 73 2.06 5.26 -5.04
C ILE A 73 3.41 4.55 -5.04
N THR A 74 4.25 4.92 -5.98
CA THR A 74 5.59 4.34 -6.07
C THR A 74 6.61 5.29 -5.48
N GLY A 75 7.12 4.95 -4.29
CA GLY A 75 8.11 5.78 -3.66
C GLY A 75 8.51 5.25 -2.31
N PRO A 76 9.44 5.92 -1.61
CA PRO A 76 9.90 5.49 -0.28
C PRO A 76 8.83 5.73 0.79
N PRO A 77 9.09 5.38 2.07
CA PRO A 77 8.15 5.66 3.17
C PRO A 77 7.79 7.14 3.23
N GLU A 78 8.70 7.96 2.74
CA GLU A 78 8.48 9.39 2.58
C GLU A 78 7.19 9.64 1.80
N ALA A 79 7.05 8.97 0.67
CA ALA A 79 5.89 9.12 -0.19
C ALA A 79 4.70 8.37 0.38
N GLN A 80 4.96 7.20 0.94
CA GLN A 80 3.90 6.38 1.53
C GLN A 80 3.17 7.17 2.61
N PHE A 81 3.93 7.76 3.54
CA PHE A 81 3.37 8.53 4.64
C PHE A 81 2.70 9.81 4.13
N LYS A 82 3.37 10.51 3.24
CA LYS A 82 2.93 11.83 2.80
C LYS A 82 1.70 11.74 1.89
N ALA A 83 1.81 10.96 0.83
CA ALA A 83 0.72 10.85 -0.15
C ALA A 83 -0.51 10.18 0.44
N GLN A 84 -0.31 9.12 1.22
CA GLN A 84 -1.42 8.38 1.80
C GLN A 84 -2.22 9.29 2.74
N GLY A 85 -1.51 9.99 3.61
CA GLY A 85 -2.17 10.90 4.53
C GLY A 85 -2.74 12.11 3.84
N ARG A 86 -2.08 12.53 2.76
CA ARG A 86 -2.51 13.70 2.02
C ARG A 86 -3.86 13.45 1.37
N ILE A 87 -4.01 12.32 0.68
CA ILE A 87 -5.26 11.99 0.02
C ILE A 87 -6.33 11.62 1.04
N TYR A 88 -5.91 11.00 2.14
CA TYR A 88 -6.84 10.59 3.18
C TYR A 88 -7.49 11.81 3.81
N GLY A 89 -6.67 12.81 4.14
CA GLY A 89 -7.17 14.05 4.68
C GLY A 89 -7.96 14.83 3.65
N LYS A 90 -7.60 14.65 2.39
CA LYS A 90 -8.25 15.37 1.29
C LYS A 90 -9.72 14.95 1.18
N LEU A 91 -9.98 13.67 1.38
CA LEU A 91 -11.36 13.18 1.38
C LEU A 91 -12.16 13.84 2.50
N LYS A 92 -11.48 14.19 3.57
CA LYS A 92 -12.13 14.82 4.73
C LYS A 92 -12.45 16.28 4.43
N GLU A 93 -11.44 17.00 3.94
CA GLU A 93 -11.58 18.42 3.63
C GLU A 93 -12.63 18.66 2.55
N GLU A 94 -12.80 17.69 1.66
CA GLU A 94 -13.68 17.86 0.52
C GLU A 94 -15.15 17.65 0.91
N ASN A 95 -15.38 17.51 2.22
CA ASN A 95 -16.71 17.32 2.81
C ASN A 95 -17.55 16.29 2.06
N PHE A 96 -16.88 15.30 1.47
CA PHE A 96 -17.58 14.17 0.86
C PHE A 96 -18.14 13.26 1.94
N PHE A 97 -17.22 12.64 2.66
CA PHE A 97 -17.53 11.72 3.74
C PHE A 97 -16.54 11.94 4.87
N GLY A 98 -16.54 13.17 5.39
CA GLY A 98 -15.58 13.57 6.39
C GLY A 98 -16.23 14.07 7.67
N PRO A 99 -17.12 15.07 7.59
CA PRO A 99 -17.85 15.58 8.76
C PRO A 99 -18.87 14.59 9.32
N LYS A 100 -19.60 13.92 8.42
CA LYS A 100 -20.68 13.03 8.85
C LYS A 100 -20.27 11.57 8.72
N GLU A 101 -19.02 11.33 8.35
CA GLU A 101 -18.54 9.98 8.11
C GLU A 101 -17.02 9.97 8.26
N GLU A 102 -16.44 8.83 8.57
CA GLU A 102 -14.99 8.73 8.63
C GLU A 102 -14.47 8.13 7.34
N VAL A 103 -13.44 8.74 6.80
CA VAL A 103 -12.86 8.26 5.56
C VAL A 103 -12.21 6.91 5.79
N LYS A 104 -12.65 5.92 5.02
CA LYS A 104 -12.15 4.56 5.16
C LYS A 104 -11.60 4.06 3.85
N LEU A 105 -10.29 4.14 3.70
CA LEU A 105 -9.62 3.70 2.50
C LEU A 105 -9.00 2.33 2.72
N GLU A 106 -8.69 1.65 1.63
CA GLU A 106 -8.04 0.36 1.71
C GLU A 106 -6.65 0.46 1.10
N THR A 107 -5.64 0.42 1.97
CA THR A 107 -4.25 0.42 1.53
C THR A 107 -3.76 -1.00 1.34
N HIS A 108 -3.27 -1.30 0.15
CA HIS A 108 -2.69 -2.61 -0.14
C HIS A 108 -1.18 -2.55 0.01
N ILE A 109 -0.63 -3.37 0.90
CA ILE A 109 0.81 -3.42 1.07
C ILE A 109 1.32 -4.82 0.72
N ARG A 110 2.59 -4.88 0.35
CA ARG A 110 3.20 -6.11 -0.13
C ARG A 110 3.67 -6.99 1.01
N VAL A 111 3.11 -8.20 1.09
CA VAL A 111 3.53 -9.16 2.09
C VAL A 111 3.81 -10.50 1.41
N PRO A 112 4.88 -11.17 1.83
CA PRO A 112 5.20 -12.51 1.35
C PRO A 112 4.16 -13.53 1.81
N ALA A 113 3.78 -14.42 0.90
CA ALA A 113 2.75 -15.41 1.17
C ALA A 113 3.14 -16.33 2.32
N SER A 114 4.44 -16.50 2.52
CA SER A 114 4.93 -17.36 3.58
C SER A 114 4.77 -16.68 4.95
N ALA A 115 4.42 -15.40 4.94
CA ALA A 115 4.28 -14.65 6.18
C ALA A 115 2.91 -14.00 6.28
N ALA A 116 1.96 -14.46 5.46
CA ALA A 116 0.60 -13.90 5.46
C ALA A 116 -0.06 -14.11 6.82
N GLY A 117 0.03 -15.33 7.32
CA GLY A 117 -0.56 -15.66 8.61
C GLY A 117 0.29 -15.16 9.77
N ARG A 118 1.43 -14.54 9.45
CA ARG A 118 2.34 -14.04 10.47
C ARG A 118 2.02 -12.58 10.78
N VAL A 119 1.73 -11.79 9.74
CA VAL A 119 1.43 -10.38 9.90
C VAL A 119 0.06 -10.18 10.55
N ILE A 120 -0.76 -11.23 10.48
CA ILE A 120 -2.08 -11.18 11.08
C ILE A 120 -1.99 -11.51 12.59
N GLY A 121 -0.76 -11.72 13.05
CA GLY A 121 -0.55 -12.06 14.44
C GLY A 121 -0.77 -13.52 14.70
N LYS A 122 -0.77 -13.91 15.97
CA LYS A 122 -0.97 -15.29 16.34
C LYS A 122 -2.46 -15.64 16.29
N GLY A 123 -3.01 -15.65 15.09
CA GLY A 123 -4.40 -15.97 14.90
C GLY A 123 -5.29 -14.75 14.98
N GLY A 124 -5.08 -13.80 14.08
CA GLY A 124 -5.93 -12.61 14.01
C GLY A 124 -5.78 -11.72 15.22
N LYS A 125 -4.59 -11.69 15.79
CA LYS A 125 -4.36 -10.91 17.00
C LYS A 125 -4.14 -9.44 16.68
N THR A 126 -3.43 -9.17 15.58
CA THR A 126 -3.14 -7.80 15.20
C THR A 126 -4.42 -7.05 14.83
N VAL A 127 -5.40 -7.79 14.30
CA VAL A 127 -6.70 -7.22 13.99
C VAL A 127 -7.33 -6.65 15.25
N ASN A 128 -7.35 -7.48 16.30
CA ASN A 128 -7.95 -7.09 17.56
C ASN A 128 -7.20 -5.91 18.19
N GLU A 129 -5.87 -6.01 18.21
CA GLU A 129 -5.03 -5.00 18.83
C GLU A 129 -5.16 -3.65 18.12
N LEU A 130 -5.00 -3.67 16.82
CA LEU A 130 -4.92 -2.44 16.05
C LEU A 130 -6.29 -1.83 15.83
N GLN A 131 -7.31 -2.65 15.64
CA GLN A 131 -8.65 -2.14 15.38
C GLN A 131 -9.21 -1.45 16.62
N ASN A 132 -9.11 -2.13 17.75
CA ASN A 132 -9.72 -1.65 18.99
C ASN A 132 -8.96 -0.44 19.55
N LEU A 133 -7.64 -0.53 19.59
CA LEU A 133 -6.83 0.49 20.22
C LEU A 133 -6.42 1.59 19.24
N THR A 134 -6.04 1.20 18.03
CA THR A 134 -5.49 2.14 17.08
C THR A 134 -6.53 2.58 16.04
N ALA A 135 -7.63 1.82 15.95
CA ALA A 135 -8.68 2.04 14.93
C ALA A 135 -8.17 1.65 13.55
N ALA A 136 -7.27 0.67 13.51
CA ALA A 136 -6.73 0.16 12.26
C ALA A 136 -7.17 -1.27 12.02
N GLU A 137 -8.09 -1.46 11.09
CA GLU A 137 -8.65 -2.76 10.80
C GLU A 137 -7.80 -3.47 9.74
N VAL A 138 -7.11 -4.52 10.15
CA VAL A 138 -6.20 -5.24 9.26
C VAL A 138 -6.83 -6.55 8.79
N VAL A 139 -6.83 -6.75 7.47
CA VAL A 139 -7.45 -7.94 6.89
C VAL A 139 -6.48 -8.62 5.92
N VAL A 140 -6.40 -9.94 5.99
CA VAL A 140 -5.56 -10.68 5.06
C VAL A 140 -6.41 -11.49 4.08
N PRO A 141 -5.81 -12.06 3.02
CA PRO A 141 -6.51 -12.95 2.12
C PRO A 141 -6.92 -14.25 2.81
N ARG A 142 -7.85 -14.99 2.22
CA ARG A 142 -8.27 -16.25 2.79
C ARG A 142 -7.15 -17.26 2.68
N ASP A 143 -6.55 -17.57 3.84
CA ASP A 143 -5.41 -18.47 3.95
C ASP A 143 -4.15 -17.79 3.42
N GLN A 144 -4.09 -17.59 2.11
CA GLN A 144 -2.97 -16.89 1.50
C GLN A 144 -3.30 -16.47 0.07
N THR A 145 -3.73 -17.43 -0.75
CA THR A 145 -3.94 -17.20 -2.19
C THR A 145 -2.78 -16.40 -2.79
N PRO A 146 -1.61 -17.07 -2.90
CA PRO A 146 -0.34 -16.41 -3.20
C PRO A 146 -0.06 -16.28 -4.69
N ASP A 147 0.68 -15.24 -5.01
CA ASP A 147 1.27 -15.06 -6.33
C ASP A 147 2.46 -16.01 -6.47
N GLU A 148 2.93 -16.26 -7.68
CA GLU A 148 4.05 -17.18 -7.89
C GLU A 148 5.30 -16.70 -7.16
N ASN A 149 5.43 -15.38 -7.03
CA ASN A 149 6.56 -14.77 -6.31
C ASN A 149 6.28 -14.76 -4.81
N GLU A 150 5.40 -15.67 -4.39
CA GLU A 150 4.88 -15.75 -3.02
C GLU A 150 4.49 -14.37 -2.50
N GLN A 151 3.68 -13.67 -3.27
CA GLN A 151 3.20 -12.36 -2.89
C GLN A 151 1.72 -12.42 -2.54
N VAL A 152 1.39 -11.84 -1.40
CA VAL A 152 0.01 -11.66 -1.00
C VAL A 152 -0.20 -10.22 -0.59
N ILE A 153 -1.44 -9.77 -0.60
CA ILE A 153 -1.75 -8.41 -0.24
C ILE A 153 -2.62 -8.36 1.00
N VAL A 154 -2.23 -7.53 1.95
CA VAL A 154 -3.00 -7.36 3.16
C VAL A 154 -3.52 -5.93 3.22
N LYS A 155 -4.75 -5.77 3.68
CA LYS A 155 -5.46 -4.51 3.57
C LYS A 155 -5.50 -3.80 4.91
N ILE A 156 -5.41 -2.47 4.87
CA ILE A 156 -5.51 -1.66 6.07
C ILE A 156 -6.70 -0.72 5.94
N ILE A 157 -7.72 -0.95 6.76
CA ILE A 157 -8.91 -0.11 6.75
C ILE A 157 -8.96 0.67 8.06
N GLY A 158 -8.78 1.99 8.01
CA GLY A 158 -8.83 2.75 9.23
C GLY A 158 -8.74 4.24 9.01
N HIS A 159 -7.70 4.85 9.56
CA HIS A 159 -7.51 6.28 9.47
C HIS A 159 -6.01 6.57 9.37
N PHE A 160 -5.65 7.77 8.91
CA PHE A 160 -4.25 8.10 8.61
C PHE A 160 -3.29 7.70 9.73
N TYR A 161 -3.61 8.10 10.96
CA TYR A 161 -2.73 7.83 12.09
C TYR A 161 -2.63 6.32 12.33
N ALA A 162 -3.77 5.65 12.22
CA ALA A 162 -3.86 4.22 12.45
C ALA A 162 -3.16 3.44 11.34
N SER A 163 -3.42 3.81 10.10
CA SER A 163 -2.88 3.12 8.95
C SER A 163 -1.35 3.15 8.95
N GLN A 164 -0.77 4.29 9.27
CA GLN A 164 0.68 4.43 9.32
C GLN A 164 1.29 3.53 10.38
N MET A 165 0.71 3.57 11.58
CA MET A 165 1.15 2.70 12.66
C MET A 165 1.01 1.23 12.26
N ALA A 166 -0.13 0.90 11.69
CA ALA A 166 -0.41 -0.48 11.28
C ALA A 166 0.58 -0.97 10.23
N GLN A 167 0.70 -0.23 9.13
CA GLN A 167 1.59 -0.63 8.04
C GLN A 167 3.04 -0.72 8.51
N ARG A 168 3.41 0.15 9.46
CA ARG A 168 4.75 0.11 10.02
C ARG A 168 4.94 -1.17 10.84
N LYS A 169 4.00 -1.46 11.74
CA LYS A 169 4.08 -2.67 12.55
C LYS A 169 4.05 -3.94 11.70
N ILE A 170 3.21 -3.94 10.67
CA ILE A 170 3.10 -5.09 9.79
C ILE A 170 4.44 -5.38 9.11
N ARG A 171 5.01 -4.37 8.47
CA ARG A 171 6.31 -4.53 7.83
C ARG A 171 7.42 -4.78 8.86
N ASP A 172 7.22 -4.28 10.07
CA ASP A 172 8.17 -4.47 11.16
C ASP A 172 8.28 -5.96 11.50
N ILE A 173 7.15 -6.56 11.83
CA ILE A 173 7.12 -7.99 12.08
C ILE A 173 7.56 -8.74 10.82
N LEU A 174 6.95 -8.37 9.70
CA LEU A 174 7.18 -9.02 8.41
C LEU A 174 8.68 -9.12 8.11
N ALA A 175 9.37 -7.99 8.13
CA ALA A 175 10.79 -7.96 7.78
C ALA A 175 11.60 -8.86 8.70
N GLN A 176 11.33 -8.76 9.99
CA GLN A 176 12.05 -9.54 10.98
C GLN A 176 11.77 -11.03 10.86
N VAL A 177 10.60 -11.40 10.31
CA VAL A 177 10.29 -12.80 10.02
C VAL A 177 11.22 -13.35 8.94
N LYS A 178 11.31 -12.64 7.82
CA LYS A 178 12.18 -13.05 6.73
C LYS A 178 13.63 -13.13 7.19
N GLN A 179 14.04 -12.19 8.03
CA GLN A 179 15.38 -12.21 8.63
C GLN A 179 15.57 -13.47 9.48
N GLN A 180 14.60 -13.74 10.35
CA GLN A 180 14.61 -14.93 11.20
C GLN A 180 14.64 -16.20 10.36
N HIS A 181 13.95 -16.18 9.22
CA HIS A 181 13.94 -17.28 8.28
C HIS A 181 15.35 -17.54 7.73
N GLN A 182 15.98 -16.48 7.24
CA GLN A 182 17.31 -16.59 6.64
C GLN A 182 18.37 -16.89 7.70
N LYS A 183 18.46 -16.06 8.71
CA LYS A 183 19.46 -16.21 9.76
C LYS A 183 18.93 -17.07 10.89
N GLY A 184 18.79 -18.35 10.61
CA GLY A 184 18.29 -19.27 11.60
C GLY A 184 18.26 -20.70 11.07
N GLN A 185 17.14 -21.37 11.27
CA GLN A 185 17.00 -22.75 10.85
C GLN A 185 16.03 -22.86 9.66
N SER A 186 15.91 -21.76 8.93
CA SER A 186 15.01 -21.67 7.77
C SER A 186 13.54 -21.74 8.21
N GLY A 187 13.08 -22.93 8.56
CA GLY A 187 11.72 -23.12 8.98
C GLY A 187 11.44 -24.56 9.38
N GLN A 188 12.45 -25.19 9.95
CA GLN A 188 12.35 -26.59 10.35
C GLN A 188 12.86 -26.79 11.77
N LEU A 189 12.36 -27.80 12.43
CA LEU A 189 12.82 -28.17 13.75
C LEU A 189 13.73 -29.39 13.66
N GLN A 190 14.96 -29.15 13.22
CA GLN A 190 15.94 -30.21 13.06
C GLN A 190 16.82 -30.30 14.30
N ALA A 191 17.20 -29.14 14.83
CA ALA A 191 18.04 -29.07 16.02
C ALA A 191 17.64 -27.90 16.90
N GLY A 1 28.12 23.19 5.84
CA GLY A 1 28.85 22.84 7.09
C GLY A 1 28.22 21.66 7.81
N ALA A 2 27.93 21.85 9.09
CA ALA A 2 27.34 20.80 9.90
C ALA A 2 25.86 20.63 9.58
N MET A 3 25.53 19.51 8.92
CA MET A 3 24.16 19.17 8.55
C MET A 3 23.53 20.26 7.71
N GLY A 4 23.85 20.25 6.42
CA GLY A 4 23.31 21.24 5.52
C GLY A 4 24.22 21.51 4.34
N PRO A 5 23.83 21.08 3.13
CA PRO A 5 24.61 21.33 1.90
C PRO A 5 24.65 22.81 1.56
N SER A 6 23.48 23.42 1.51
CA SER A 6 23.33 24.84 1.25
C SER A 6 21.89 25.24 1.56
N SER A 7 21.61 25.33 2.87
CA SER A 7 20.25 25.49 3.39
C SER A 7 19.49 24.17 3.27
N VAL A 8 18.55 23.94 4.18
CA VAL A 8 17.82 22.68 4.22
C VAL A 8 16.44 22.84 3.58
N SER A 9 16.19 23.98 2.97
CA SER A 9 14.92 24.25 2.33
C SER A 9 14.89 23.75 0.89
N GLY A 10 15.99 23.12 0.47
CA GLY A 10 16.05 22.58 -0.87
C GLY A 10 17.48 22.33 -1.31
N ALA A 11 18.08 23.33 -1.97
CA ALA A 11 19.42 23.21 -2.52
C ALA A 11 19.48 22.06 -3.53
N ALA A 12 18.43 21.97 -4.35
CA ALA A 12 18.32 20.90 -5.33
C ALA A 12 18.42 21.45 -6.73
N PRO A 13 19.14 20.76 -7.62
CA PRO A 13 19.25 21.13 -9.02
C PRO A 13 17.90 20.95 -9.73
N PHE A 14 17.49 21.97 -10.47
CA PHE A 14 16.21 21.92 -11.16
C PHE A 14 16.27 20.94 -12.32
N SER A 15 15.18 20.19 -12.49
CA SER A 15 15.07 19.17 -13.54
C SER A 15 15.97 17.98 -13.25
N SER A 16 16.30 17.78 -11.97
CA SER A 16 17.08 16.62 -11.57
C SER A 16 16.20 15.37 -11.66
N PHE A 17 16.70 14.34 -12.34
CA PHE A 17 15.92 13.14 -12.59
C PHE A 17 16.23 12.05 -11.58
N MET A 18 15.20 11.32 -11.18
CA MET A 18 15.34 10.17 -10.28
C MET A 18 14.12 9.27 -10.43
N PRO A 19 14.26 8.16 -11.18
CA PRO A 19 13.19 7.20 -11.39
C PRO A 19 12.92 6.36 -10.14
N PRO A 20 11.76 6.55 -9.50
CA PRO A 20 11.40 5.85 -8.28
C PRO A 20 10.66 4.55 -8.54
N GLU A 21 11.40 3.44 -8.51
CA GLU A 21 10.80 2.12 -8.60
C GLU A 21 10.93 1.43 -7.24
N GLN A 22 10.70 2.20 -6.19
CA GLN A 22 10.92 1.76 -4.83
C GLN A 22 9.69 1.01 -4.29
N GLU A 23 9.22 1.41 -3.11
CA GLU A 23 8.11 0.73 -2.46
C GLU A 23 6.81 1.03 -3.20
N THR A 24 5.96 0.03 -3.33
CA THR A 24 4.74 0.15 -4.11
C THR A 24 3.49 -0.16 -3.27
N VAL A 25 2.64 0.83 -3.10
CA VAL A 25 1.34 0.63 -2.46
C VAL A 25 0.22 0.99 -3.44
N HIS A 26 -0.85 0.22 -3.42
CA HIS A 26 -2.03 0.53 -4.21
C HIS A 26 -3.11 1.09 -3.28
N VAL A 27 -3.39 2.37 -3.43
CA VAL A 27 -4.38 3.02 -2.58
C VAL A 27 -5.75 2.90 -3.19
N PHE A 28 -6.62 2.15 -2.54
CA PHE A 28 -7.98 1.99 -3.01
C PHE A 28 -8.87 3.06 -2.39
N ILE A 29 -9.24 4.03 -3.22
CA ILE A 29 -10.12 5.09 -2.82
C ILE A 29 -11.42 4.98 -3.61
N PRO A 30 -12.55 5.37 -3.01
CA PRO A 30 -13.85 5.32 -3.68
C PRO A 30 -13.87 6.22 -4.91
N ALA A 31 -14.47 5.73 -6.00
CA ALA A 31 -14.51 6.46 -7.27
C ALA A 31 -15.18 7.82 -7.10
N GLN A 32 -15.98 7.95 -6.07
CA GLN A 32 -16.66 9.20 -5.75
C GLN A 32 -15.65 10.23 -5.25
N ALA A 33 -14.59 9.75 -4.60
CA ALA A 33 -13.57 10.62 -4.04
C ALA A 33 -12.46 10.91 -5.05
N VAL A 34 -12.43 10.12 -6.13
CA VAL A 34 -11.42 10.31 -7.17
C VAL A 34 -11.58 11.69 -7.80
N GLY A 35 -12.82 12.12 -7.97
CA GLY A 35 -13.10 13.43 -8.56
C GLY A 35 -12.47 14.57 -7.77
N ALA A 36 -12.40 14.39 -6.45
CA ALA A 36 -11.81 15.40 -5.58
C ALA A 36 -10.29 15.38 -5.68
N ILE A 37 -9.73 14.17 -5.66
CA ILE A 37 -8.29 13.98 -5.72
C ILE A 37 -7.74 14.45 -7.06
N ILE A 38 -8.45 14.13 -8.14
CA ILE A 38 -8.03 14.53 -9.47
C ILE A 38 -8.32 16.00 -9.68
N GLY A 39 -9.56 16.40 -9.41
CA GLY A 39 -10.03 17.74 -9.69
C GLY A 39 -9.25 18.82 -8.95
N ASP A 40 -8.49 18.42 -7.93
CA ASP A 40 -7.69 19.33 -7.11
C ASP A 40 -6.97 20.38 -7.97
N ASP A 41 -6.54 19.95 -9.15
CA ASP A 41 -6.03 20.84 -10.20
C ASP A 41 -6.20 20.14 -11.55
N GLY A 42 -6.98 19.06 -11.51
CA GLY A 42 -7.07 18.15 -12.65
C GLY A 42 -5.82 17.29 -12.78
N GLN A 43 -4.66 17.90 -12.67
CA GLN A 43 -3.41 17.17 -12.75
C GLN A 43 -2.64 17.28 -11.43
N HIS A 44 -3.33 17.76 -10.38
CA HIS A 44 -2.69 17.94 -9.07
C HIS A 44 -2.26 16.61 -8.50
N ILE A 45 -3.07 15.58 -8.73
CA ILE A 45 -2.72 14.22 -8.37
C ILE A 45 -1.40 13.78 -9.02
N LYS A 46 -1.13 14.26 -10.22
CA LYS A 46 0.11 13.95 -10.91
C LYS A 46 1.24 14.84 -10.39
N GLN A 47 0.88 16.08 -10.02
CA GLN A 47 1.82 16.98 -9.36
C GLN A 47 2.22 16.42 -8.00
N LEU A 48 1.30 15.68 -7.40
CA LEU A 48 1.50 15.07 -6.09
C LEU A 48 2.76 14.21 -6.09
N SER A 49 3.07 13.65 -7.27
CA SER A 49 4.27 12.82 -7.42
C SER A 49 5.51 13.56 -6.97
N ARG A 50 5.69 14.78 -7.45
CA ARG A 50 6.88 15.57 -7.13
C ARG A 50 6.82 16.02 -5.67
N PHE A 51 5.62 16.42 -5.26
CA PHE A 51 5.39 16.91 -3.89
C PHE A 51 5.74 15.83 -2.87
N ALA A 52 5.28 14.61 -3.11
CA ALA A 52 5.54 13.51 -2.20
C ALA A 52 6.95 12.97 -2.40
N SER A 53 7.49 13.21 -3.59
CA SER A 53 8.78 12.67 -4.03
C SER A 53 8.63 11.19 -4.39
N ALA A 54 7.56 10.90 -5.12
CA ALA A 54 7.25 9.53 -5.53
C ALA A 54 6.70 9.52 -6.94
N SER A 55 6.46 8.33 -7.47
CA SER A 55 5.81 8.18 -8.76
C SER A 55 4.36 7.79 -8.52
N ILE A 56 3.47 8.75 -8.64
CA ILE A 56 2.06 8.52 -8.36
C ILE A 56 1.30 8.27 -9.67
N LYS A 57 0.70 7.09 -9.75
CA LYS A 57 0.00 6.67 -10.95
C LYS A 57 -1.47 6.41 -10.61
N ILE A 58 -2.38 7.02 -11.36
CA ILE A 58 -3.79 6.75 -11.13
C ILE A 58 -4.31 5.74 -12.16
N ALA A 59 -4.62 4.54 -11.68
CA ALA A 59 -5.14 3.49 -12.55
C ALA A 59 -6.66 3.54 -12.56
N PRO A 60 -7.25 3.89 -13.72
CA PRO A 60 -8.69 4.13 -13.85
C PRO A 60 -9.53 2.89 -13.56
N PRO A 61 -10.74 3.09 -13.02
CA PRO A 61 -11.68 2.00 -12.73
C PRO A 61 -12.28 1.40 -13.99
N GLU A 62 -11.42 0.86 -14.84
CA GLU A 62 -11.85 0.25 -16.09
C GLU A 62 -12.54 -1.08 -15.84
N THR A 63 -12.01 -1.84 -14.90
CA THR A 63 -12.49 -3.18 -14.63
C THR A 63 -13.74 -3.14 -13.74
N PRO A 64 -14.39 -4.29 -13.46
CA PRO A 64 -15.60 -4.33 -12.61
C PRO A 64 -15.43 -3.61 -11.27
N ASP A 65 -14.17 -3.38 -10.90
CA ASP A 65 -13.83 -2.66 -9.67
C ASP A 65 -14.06 -1.15 -9.84
N SER A 66 -15.04 -0.79 -10.66
CA SER A 66 -15.25 0.61 -11.03
C SER A 66 -15.80 1.45 -9.87
N LYS A 67 -16.03 0.83 -8.73
CA LYS A 67 -16.52 1.55 -7.57
C LYS A 67 -15.38 2.29 -6.87
N VAL A 68 -14.15 1.87 -7.19
CA VAL A 68 -12.96 2.47 -6.60
C VAL A 68 -11.89 2.69 -7.66
N ARG A 69 -10.87 3.45 -7.30
CA ARG A 69 -9.72 3.64 -8.18
C ARG A 69 -8.45 3.43 -7.37
N MET A 70 -7.47 2.75 -7.96
CA MET A 70 -6.24 2.46 -7.25
C MET A 70 -5.16 3.48 -7.57
N VAL A 71 -4.52 3.99 -6.52
CA VAL A 71 -3.40 4.88 -6.65
C VAL A 71 -2.10 4.12 -6.46
N VAL A 72 -1.31 4.03 -7.51
CA VAL A 72 -0.03 3.34 -7.44
C VAL A 72 1.04 4.29 -6.92
N ILE A 73 1.29 4.23 -5.62
CA ILE A 73 2.31 5.07 -5.00
C ILE A 73 3.63 4.32 -4.97
N THR A 74 4.51 4.65 -5.91
CA THR A 74 5.82 4.03 -5.96
C THR A 74 6.90 5.02 -5.54
N GLY A 75 7.49 4.80 -4.38
CA GLY A 75 8.52 5.69 -3.90
C GLY A 75 9.03 5.29 -2.53
N PRO A 76 9.67 6.21 -1.81
CA PRO A 76 10.21 5.93 -0.48
C PRO A 76 9.17 6.09 0.62
N PRO A 77 9.38 5.49 1.80
CA PRO A 77 8.42 5.56 2.92
C PRO A 77 7.89 6.97 3.15
N GLU A 78 8.78 7.96 3.03
CA GLU A 78 8.41 9.37 3.20
C GLU A 78 7.20 9.72 2.36
N ALA A 79 7.26 9.36 1.08
CA ALA A 79 6.23 9.69 0.12
C ALA A 79 4.98 8.85 0.34
N GLN A 80 5.19 7.61 0.78
CA GLN A 80 4.07 6.71 1.03
C GLN A 80 3.11 7.33 2.03
N PHE A 81 3.65 7.83 3.15
CA PHE A 81 2.85 8.43 4.19
C PHE A 81 2.43 9.86 3.81
N LYS A 82 3.29 10.55 3.07
CA LYS A 82 3.04 11.93 2.69
C LYS A 82 1.86 12.04 1.72
N ALA A 83 1.93 11.29 0.63
CA ALA A 83 0.88 11.27 -0.37
C ALA A 83 -0.41 10.66 0.18
N GLN A 84 -0.28 9.57 0.94
CA GLN A 84 -1.45 8.91 1.53
C GLN A 84 -2.12 9.84 2.53
N GLY A 85 -1.32 10.53 3.34
CA GLY A 85 -1.86 11.50 4.27
C GLY A 85 -2.46 12.69 3.55
N ARG A 86 -1.91 13.00 2.38
CA ARG A 86 -2.39 14.11 1.57
C ARG A 86 -3.80 13.82 1.08
N ILE A 87 -4.03 12.61 0.57
CA ILE A 87 -5.34 12.25 0.05
C ILE A 87 -6.35 12.09 1.19
N TYR A 88 -5.88 11.65 2.35
CA TYR A 88 -6.72 11.59 3.54
C TYR A 88 -7.26 12.98 3.88
N GLY A 89 -6.34 13.94 3.95
CA GLY A 89 -6.72 15.32 4.26
C GLY A 89 -7.67 15.88 3.23
N LYS A 90 -7.52 15.45 1.98
CA LYS A 90 -8.40 15.89 0.92
C LYS A 90 -9.83 15.38 1.16
N LEU A 91 -9.95 14.13 1.59
CA LEU A 91 -11.25 13.58 1.95
C LEU A 91 -11.94 14.46 2.98
N LYS A 92 -11.17 14.86 3.98
CA LYS A 92 -11.68 15.70 5.05
C LYS A 92 -12.12 17.07 4.53
N GLU A 93 -11.24 17.71 3.78
CA GLU A 93 -11.50 19.05 3.28
C GLU A 93 -12.63 19.06 2.27
N GLU A 94 -12.80 17.95 1.53
CA GLU A 94 -13.85 17.86 0.55
C GLU A 94 -15.19 17.58 1.23
N ASN A 95 -15.10 17.29 2.53
CA ASN A 95 -16.26 17.11 3.40
C ASN A 95 -17.08 15.87 3.02
N PHE A 96 -16.40 14.87 2.47
CA PHE A 96 -17.05 13.60 2.16
C PHE A 96 -17.36 12.84 3.43
N PHE A 97 -16.44 12.90 4.39
CA PHE A 97 -16.58 12.19 5.65
C PHE A 97 -16.30 13.12 6.81
N GLY A 98 -16.97 12.89 7.92
CA GLY A 98 -16.72 13.67 9.12
C GLY A 98 -17.63 13.25 10.25
N PRO A 99 -18.82 13.84 10.33
CA PRO A 99 -19.81 13.50 11.37
C PRO A 99 -20.39 12.09 11.20
N LYS A 100 -20.80 11.75 9.99
CA LYS A 100 -21.47 10.46 9.76
C LYS A 100 -20.48 9.37 9.37
N GLU A 101 -19.39 9.79 8.77
CA GLU A 101 -18.43 8.85 8.22
C GLU A 101 -17.02 9.16 8.65
N GLU A 102 -16.28 8.11 8.97
CA GLU A 102 -14.85 8.19 9.19
C GLU A 102 -14.17 7.94 7.86
N VAL A 103 -13.14 8.71 7.52
CA VAL A 103 -12.44 8.47 6.27
C VAL A 103 -11.75 7.12 6.34
N LYS A 104 -12.11 6.24 5.42
CA LYS A 104 -11.63 4.87 5.44
C LYS A 104 -11.09 4.49 4.08
N LEU A 105 -9.78 4.48 3.96
CA LEU A 105 -9.15 4.12 2.72
C LEU A 105 -8.58 2.72 2.82
N GLU A 106 -8.32 2.10 1.68
CA GLU A 106 -7.87 0.72 1.66
C GLU A 106 -6.49 0.61 1.04
N THR A 107 -5.49 0.38 1.89
CA THR A 107 -4.10 0.33 1.46
C THR A 107 -3.70 -1.09 1.08
N HIS A 108 -3.33 -1.28 -0.18
CA HIS A 108 -2.87 -2.57 -0.66
C HIS A 108 -1.36 -2.60 -0.78
N ILE A 109 -0.72 -3.50 -0.06
CA ILE A 109 0.72 -3.68 -0.16
C ILE A 109 1.05 -5.12 -0.58
N ARG A 110 2.16 -5.27 -1.28
CA ARG A 110 2.61 -6.58 -1.73
C ARG A 110 3.53 -7.19 -0.70
N VAL A 111 3.13 -8.34 -0.15
CA VAL A 111 3.95 -9.02 0.85
C VAL A 111 4.02 -10.51 0.55
N PRO A 112 5.06 -11.20 1.04
CA PRO A 112 5.19 -12.65 0.87
C PRO A 112 4.04 -13.38 1.53
N ALA A 113 3.45 -14.32 0.80
CA ALA A 113 2.29 -15.08 1.26
C ALA A 113 2.62 -15.87 2.51
N SER A 114 3.89 -16.20 2.67
CA SER A 114 4.33 -16.94 3.84
C SER A 114 4.30 -16.05 5.08
N ALA A 115 4.11 -14.75 4.87
CA ALA A 115 4.06 -13.79 5.97
C ALA A 115 2.66 -13.23 6.14
N ALA A 116 1.73 -13.69 5.31
CA ALA A 116 0.34 -13.23 5.39
C ALA A 116 -0.31 -13.69 6.68
N GLY A 117 0.05 -14.90 7.11
CA GLY A 117 -0.44 -15.40 8.38
C GLY A 117 0.41 -14.91 9.54
N ARG A 118 1.49 -14.22 9.20
CA ARG A 118 2.40 -13.69 10.22
C ARG A 118 2.02 -12.27 10.60
N VAL A 119 1.51 -11.50 9.64
CA VAL A 119 1.11 -10.11 9.91
C VAL A 119 0.05 -10.07 11.02
N ILE A 120 -0.81 -11.08 11.04
CA ILE A 120 -1.86 -11.18 12.05
C ILE A 120 -1.28 -11.69 13.38
N GLY A 121 -0.32 -12.61 13.28
CA GLY A 121 0.33 -13.14 14.44
C GLY A 121 -0.22 -14.50 14.82
N LYS A 122 0.08 -14.94 16.03
CA LYS A 122 -0.40 -16.22 16.50
C LYS A 122 -1.84 -16.07 17.01
N GLY A 123 -2.76 -15.92 16.07
CA GLY A 123 -4.15 -15.73 16.42
C GLY A 123 -4.62 -14.35 16.05
N GLY A 124 -5.88 -14.03 16.36
CA GLY A 124 -6.42 -12.73 16.04
C GLY A 124 -5.87 -11.64 16.92
N LYS A 125 -4.64 -11.24 16.65
CA LYS A 125 -3.98 -10.21 17.44
C LYS A 125 -4.06 -8.85 16.76
N THR A 126 -3.20 -8.62 15.78
CA THR A 126 -3.03 -7.30 15.18
C THR A 126 -4.35 -6.75 14.64
N VAL A 127 -5.11 -7.57 13.93
CA VAL A 127 -6.39 -7.15 13.38
C VAL A 127 -7.32 -6.67 14.50
N ASN A 128 -7.33 -7.38 15.62
CA ASN A 128 -8.20 -7.03 16.74
C ASN A 128 -7.69 -5.78 17.46
N GLU A 129 -6.40 -5.81 17.80
CA GLU A 129 -5.77 -4.74 18.57
C GLU A 129 -5.78 -3.42 17.80
N LEU A 130 -5.45 -3.47 16.53
CA LEU A 130 -5.37 -2.27 15.71
C LEU A 130 -6.76 -1.75 15.34
N GLN A 131 -7.72 -2.64 15.16
CA GLN A 131 -9.06 -2.22 14.76
C GLN A 131 -9.79 -1.60 15.95
N ASN A 132 -9.80 -2.31 17.07
CA ASN A 132 -10.61 -1.90 18.21
C ASN A 132 -10.03 -0.66 18.88
N LEU A 133 -8.71 -0.58 18.93
CA LEU A 133 -8.05 0.50 19.64
C LEU A 133 -7.59 1.61 18.68
N THR A 134 -6.96 1.22 17.58
CA THR A 134 -6.34 2.17 16.68
C THR A 134 -7.28 2.60 15.55
N ALA A 135 -8.38 1.86 15.39
CA ALA A 135 -9.37 2.12 14.34
C ALA A 135 -8.79 1.83 12.95
N ALA A 136 -7.94 0.80 12.89
CA ALA A 136 -7.36 0.38 11.63
C ALA A 136 -7.58 -1.11 11.41
N GLU A 137 -8.35 -1.44 10.38
CA GLU A 137 -8.65 -2.82 10.07
C GLU A 137 -7.59 -3.40 9.15
N VAL A 138 -6.99 -4.51 9.58
CA VAL A 138 -6.01 -5.22 8.78
C VAL A 138 -6.66 -6.46 8.17
N VAL A 139 -6.68 -6.52 6.84
CA VAL A 139 -7.33 -7.62 6.15
C VAL A 139 -6.36 -8.36 5.25
N VAL A 140 -6.37 -9.68 5.33
CA VAL A 140 -5.53 -10.50 4.47
C VAL A 140 -6.37 -11.57 3.78
N PRO A 141 -5.84 -12.20 2.72
CA PRO A 141 -6.57 -13.26 2.01
C PRO A 141 -6.71 -14.52 2.85
N ARG A 142 -7.89 -15.11 2.82
CA ARG A 142 -8.15 -16.35 3.53
C ARG A 142 -7.62 -17.53 2.74
N ASP A 143 -7.08 -18.52 3.46
CA ASP A 143 -6.53 -19.72 2.85
C ASP A 143 -5.28 -19.38 2.03
N GLN A 144 -4.79 -20.33 1.25
CA GLN A 144 -3.56 -20.12 0.50
C GLN A 144 -3.84 -19.89 -0.97
N THR A 145 -3.48 -18.69 -1.43
CA THR A 145 -3.52 -18.37 -2.85
C THR A 145 -2.31 -17.50 -3.24
N PRO A 146 -1.08 -17.90 -2.87
CA PRO A 146 0.15 -17.15 -3.18
C PRO A 146 0.29 -16.86 -4.67
N ASP A 147 0.72 -15.64 -4.97
CA ASP A 147 1.02 -15.22 -6.34
C ASP A 147 2.25 -15.97 -6.87
N GLU A 148 2.66 -15.70 -8.11
CA GLU A 148 3.80 -16.39 -8.73
C GLU A 148 5.04 -16.33 -7.84
N ASN A 149 5.30 -15.17 -7.25
CA ASN A 149 6.45 -14.97 -6.39
C ASN A 149 6.08 -15.21 -4.92
N GLU A 150 5.04 -16.02 -4.73
CA GLU A 150 4.42 -16.27 -3.42
C GLU A 150 4.12 -14.96 -2.70
N GLN A 151 3.44 -14.07 -3.40
CA GLN A 151 3.03 -12.79 -2.83
C GLN A 151 1.54 -12.79 -2.59
N VAL A 152 1.08 -11.95 -1.68
CA VAL A 152 -0.33 -11.75 -1.43
C VAL A 152 -0.62 -10.28 -1.17
N ILE A 153 -1.89 -9.94 -1.07
CA ILE A 153 -2.30 -8.57 -0.86
C ILE A 153 -2.84 -8.36 0.55
N VAL A 154 -2.22 -7.45 1.28
CA VAL A 154 -2.70 -7.08 2.61
C VAL A 154 -3.35 -5.71 2.55
N LYS A 155 -4.54 -5.61 3.11
CA LYS A 155 -5.33 -4.40 3.01
C LYS A 155 -5.40 -3.72 4.37
N ILE A 156 -5.00 -2.46 4.41
CA ILE A 156 -5.09 -1.67 5.64
C ILE A 156 -6.11 -0.55 5.47
N ILE A 157 -7.21 -0.65 6.19
CA ILE A 157 -8.25 0.36 6.14
C ILE A 157 -8.32 1.07 7.48
N GLY A 158 -7.92 2.33 7.51
CA GLY A 158 -7.87 3.02 8.78
C GLY A 158 -8.00 4.52 8.62
N HIS A 159 -7.60 5.22 9.66
CA HIS A 159 -7.65 6.67 9.68
C HIS A 159 -6.26 7.23 9.38
N PHE A 160 -6.10 8.54 9.49
CA PHE A 160 -4.86 9.19 9.08
C PHE A 160 -3.65 8.66 9.85
N TYR A 161 -3.73 8.68 11.18
CA TYR A 161 -2.69 8.13 12.02
C TYR A 161 -2.79 6.62 12.10
N ALA A 162 -4.00 6.11 11.98
CA ALA A 162 -4.28 4.69 12.18
C ALA A 162 -3.61 3.83 11.13
N SER A 163 -3.74 4.21 9.86
CA SER A 163 -3.23 3.41 8.77
C SER A 163 -1.70 3.34 8.82
N GLN A 164 -1.06 4.50 8.97
CA GLN A 164 0.40 4.58 8.96
C GLN A 164 1.00 3.74 10.10
N MET A 165 0.34 3.72 11.25
CA MET A 165 0.80 2.91 12.37
C MET A 165 0.74 1.42 12.04
N ALA A 166 -0.38 0.99 11.48
CA ALA A 166 -0.55 -0.39 11.05
C ALA A 166 0.46 -0.75 9.96
N GLN A 167 0.68 0.16 9.02
CA GLN A 167 1.65 -0.04 7.94
C GLN A 167 3.05 -0.24 8.50
N ARG A 168 3.38 0.46 9.57
CA ARG A 168 4.66 0.28 10.24
C ARG A 168 4.76 -1.09 10.90
N LYS A 169 3.65 -1.60 11.44
CA LYS A 169 3.67 -2.93 12.02
C LYS A 169 3.84 -4.02 10.97
N ILE A 170 2.99 -3.98 9.94
CA ILE A 170 2.99 -5.02 8.91
C ILE A 170 4.39 -5.17 8.28
N ARG A 171 5.04 -4.05 7.99
CA ARG A 171 6.38 -4.09 7.40
C ARG A 171 7.39 -4.69 8.39
N ASP A 172 7.33 -4.25 9.65
CA ASP A 172 8.25 -4.71 10.68
C ASP A 172 8.08 -6.21 10.89
N ILE A 173 6.84 -6.64 11.10
CA ILE A 173 6.55 -8.06 11.29
C ILE A 173 7.07 -8.87 10.11
N LEU A 174 6.83 -8.36 8.91
CA LEU A 174 7.29 -8.99 7.68
C LEU A 174 8.81 -9.13 7.71
N ALA A 175 9.51 -8.03 8.00
CA ALA A 175 10.95 -8.04 8.10
C ALA A 175 11.44 -9.07 9.12
N GLN A 176 10.75 -9.12 10.25
CA GLN A 176 11.06 -10.08 11.31
C GLN A 176 11.00 -11.52 10.79
N VAL A 177 10.06 -11.79 9.88
CA VAL A 177 9.94 -13.12 9.27
C VAL A 177 11.21 -13.46 8.51
N LYS A 178 11.63 -12.54 7.64
CA LYS A 178 12.86 -12.72 6.89
C LYS A 178 14.05 -12.88 7.82
N GLN A 179 14.08 -12.09 8.89
CA GLN A 179 15.16 -12.16 9.88
C GLN A 179 15.21 -13.54 10.55
N GLN A 180 14.10 -13.98 11.13
CA GLN A 180 14.04 -15.29 11.79
C GLN A 180 14.29 -16.43 10.81
N HIS A 181 13.99 -16.19 9.53
CA HIS A 181 14.24 -17.18 8.48
C HIS A 181 15.74 -17.26 8.16
N GLN A 182 16.35 -16.11 7.86
CA GLN A 182 17.77 -16.07 7.46
C GLN A 182 18.68 -16.41 8.64
N LYS A 183 18.44 -15.77 9.79
CA LYS A 183 19.27 -15.96 10.97
C LYS A 183 20.72 -15.56 10.69
N GLY A 184 20.90 -14.33 10.26
CA GLY A 184 22.24 -13.83 9.99
C GLY A 184 22.42 -12.41 10.50
N GLN A 185 23.51 -12.18 11.21
CA GLN A 185 23.80 -10.87 11.78
C GLN A 185 25.23 -10.82 12.31
N SER A 186 25.90 -9.70 12.04
CA SER A 186 27.28 -9.47 12.48
C SER A 186 28.21 -10.57 11.95
N GLY A 187 28.51 -10.49 10.66
CA GLY A 187 29.39 -11.47 10.06
C GLY A 187 30.84 -11.03 10.10
N GLN A 188 31.73 -11.88 9.63
CA GLN A 188 33.15 -11.57 9.55
C GLN A 188 33.67 -11.88 8.16
N LEU A 189 33.08 -12.86 7.51
CA LEU A 189 33.43 -13.22 6.15
C LEU A 189 32.78 -12.25 5.16
N GLN A 190 33.02 -10.96 5.39
CA GLN A 190 32.41 -9.91 4.58
C GLN A 190 33.27 -9.65 3.35
N ALA A 191 33.12 -10.49 2.35
CA ALA A 191 33.87 -10.36 1.11
C ALA A 191 32.99 -9.83 -0.01
N GLY A 1 10.28 -36.40 -1.50
CA GLY A 1 11.76 -36.52 -1.62
C GLY A 1 12.22 -36.44 -3.05
N ALA A 2 12.95 -37.46 -3.50
CA ALA A 2 13.49 -37.53 -4.85
C ALA A 2 14.42 -36.35 -5.13
N MET A 3 15.45 -36.21 -4.30
CA MET A 3 16.41 -35.13 -4.45
C MET A 3 17.49 -35.53 -5.44
N GLY A 4 17.88 -34.59 -6.28
CA GLY A 4 18.88 -34.85 -7.30
C GLY A 4 18.74 -33.88 -8.45
N PRO A 5 17.72 -34.06 -9.29
CA PRO A 5 17.39 -33.10 -10.35
C PRO A 5 17.06 -31.74 -9.75
N SER A 6 17.14 -30.69 -10.57
CA SER A 6 16.96 -29.30 -10.13
C SER A 6 18.17 -28.83 -9.33
N SER A 7 18.57 -29.59 -8.32
CA SER A 7 19.68 -29.24 -7.45
C SER A 7 21.00 -29.26 -8.23
N VAL A 8 21.03 -30.01 -9.33
CA VAL A 8 22.19 -30.04 -10.21
C VAL A 8 22.15 -28.91 -11.23
N SER A 9 21.77 -27.72 -10.76
CA SER A 9 21.65 -26.53 -11.59
C SER A 9 20.67 -26.75 -12.75
N GLY A 10 19.55 -27.40 -12.43
CA GLY A 10 18.57 -27.71 -13.45
C GLY A 10 17.19 -27.21 -13.06
N ALA A 11 17.11 -25.95 -12.70
CA ALA A 11 15.85 -25.34 -12.28
C ALA A 11 15.95 -23.83 -12.35
N ALA A 12 14.90 -23.15 -11.89
CA ALA A 12 14.88 -21.68 -11.82
C ALA A 12 15.12 -21.05 -13.19
N PRO A 13 14.11 -21.02 -14.05
CA PRO A 13 14.20 -20.40 -15.37
C PRO A 13 14.33 -18.89 -15.25
N PHE A 14 15.49 -18.37 -15.60
CA PHE A 14 15.76 -16.93 -15.50
C PHE A 14 15.12 -16.20 -16.67
N SER A 15 13.80 -16.14 -16.69
CA SER A 15 13.08 -15.45 -17.74
C SER A 15 12.27 -14.31 -17.15
N SER A 16 12.40 -14.12 -15.84
CA SER A 16 11.66 -13.08 -15.14
C SER A 16 12.39 -11.74 -15.18
N PHE A 17 12.51 -11.19 -16.38
CA PHE A 17 13.14 -9.88 -16.55
C PHE A 17 12.16 -8.78 -16.18
N MET A 18 11.88 -8.69 -14.88
CA MET A 18 10.91 -7.74 -14.36
C MET A 18 11.59 -6.69 -13.51
N PRO A 19 11.59 -5.42 -13.94
CA PRO A 19 12.15 -4.32 -13.17
C PRO A 19 11.24 -3.97 -11.98
N PRO A 20 11.71 -4.24 -10.75
CA PRO A 20 10.92 -4.01 -9.54
C PRO A 20 10.74 -2.52 -9.26
N GLU A 21 9.49 -2.11 -9.11
CA GLU A 21 9.15 -0.71 -8.87
C GLU A 21 9.41 -0.30 -7.42
N GLN A 22 10.66 -0.47 -6.98
CA GLN A 22 11.12 -0.01 -5.66
C GLN A 22 10.15 -0.41 -4.55
N GLU A 23 9.53 0.58 -3.91
CA GLU A 23 8.50 0.35 -2.94
C GLU A 23 7.17 0.87 -3.49
N THR A 24 6.20 -0.01 -3.67
CA THR A 24 4.94 0.38 -4.27
C THR A 24 3.74 -0.17 -3.52
N VAL A 25 2.78 0.71 -3.25
CA VAL A 25 1.51 0.33 -2.67
C VAL A 25 0.40 0.58 -3.68
N HIS A 26 -0.60 -0.30 -3.70
CA HIS A 26 -1.75 -0.11 -4.56
C HIS A 26 -2.96 0.15 -3.68
N VAL A 27 -3.49 1.36 -3.73
CA VAL A 27 -4.55 1.73 -2.81
C VAL A 27 -5.86 1.98 -3.55
N PHE A 28 -6.95 1.49 -2.97
CA PHE A 28 -8.27 1.66 -3.54
C PHE A 28 -9.04 2.72 -2.78
N ILE A 29 -9.25 3.85 -3.43
CA ILE A 29 -10.05 4.92 -2.87
C ILE A 29 -11.38 4.99 -3.61
N PRO A 30 -12.44 5.47 -2.95
CA PRO A 30 -13.78 5.51 -3.53
C PRO A 30 -13.82 6.44 -4.74
N ALA A 31 -14.56 6.03 -5.77
CA ALA A 31 -14.64 6.78 -7.02
C ALA A 31 -15.13 8.20 -6.80
N GLN A 32 -15.86 8.41 -5.71
CA GLN A 32 -16.32 9.74 -5.34
C GLN A 32 -15.15 10.55 -4.80
N ALA A 33 -14.30 9.91 -4.01
CA ALA A 33 -13.15 10.57 -3.41
C ALA A 33 -12.08 10.87 -4.44
N VAL A 34 -11.98 10.01 -5.47
CA VAL A 34 -11.06 10.26 -6.57
C VAL A 34 -11.46 11.54 -7.28
N GLY A 35 -12.76 11.81 -7.33
CA GLY A 35 -13.26 13.03 -7.91
C GLY A 35 -12.72 14.26 -7.21
N ALA A 36 -12.42 14.12 -5.93
CA ALA A 36 -11.81 15.20 -5.17
C ALA A 36 -10.32 15.29 -5.47
N ILE A 37 -9.64 14.14 -5.43
CA ILE A 37 -8.20 14.09 -5.63
C ILE A 37 -7.81 14.60 -7.01
N ILE A 38 -8.51 14.13 -8.03
CA ILE A 38 -8.25 14.54 -9.41
C ILE A 38 -9.00 15.83 -9.71
N GLY A 39 -9.91 16.19 -8.82
CA GLY A 39 -10.79 17.32 -9.05
C GLY A 39 -10.09 18.65 -9.09
N ASP A 40 -9.15 18.86 -8.19
CA ASP A 40 -8.45 20.15 -8.07
C ASP A 40 -7.71 20.52 -9.35
N ASP A 41 -8.45 21.15 -10.27
CA ASP A 41 -7.93 21.64 -11.54
C ASP A 41 -7.36 20.50 -12.39
N GLY A 42 -7.68 19.26 -12.00
CA GLY A 42 -7.16 18.09 -12.69
C GLY A 42 -5.64 18.00 -12.65
N GLN A 43 -5.02 18.72 -11.72
CA GLN A 43 -3.57 18.73 -11.64
C GLN A 43 -3.08 18.20 -10.28
N HIS A 44 -3.92 18.33 -9.25
CA HIS A 44 -3.51 18.07 -7.88
C HIS A 44 -2.86 16.70 -7.71
N ILE A 45 -3.47 15.66 -8.27
CA ILE A 45 -2.96 14.30 -8.15
C ILE A 45 -1.63 14.11 -8.92
N LYS A 46 -1.54 14.68 -10.11
CA LYS A 46 -0.34 14.53 -10.92
C LYS A 46 0.78 15.38 -10.35
N GLN A 47 0.40 16.51 -9.77
CA GLN A 47 1.32 17.38 -9.07
C GLN A 47 1.81 16.68 -7.81
N LEU A 48 0.92 15.90 -7.20
CA LEU A 48 1.22 15.13 -5.98
C LEU A 48 2.43 14.23 -6.21
N SER A 49 2.50 13.66 -7.41
CA SER A 49 3.60 12.77 -7.78
C SER A 49 4.94 13.48 -7.61
N ARG A 50 5.06 14.67 -8.18
CA ARG A 50 6.29 15.44 -8.10
C ARG A 50 6.44 16.04 -6.71
N PHE A 51 5.30 16.35 -6.10
CA PHE A 51 5.24 16.97 -4.79
C PHE A 51 5.89 16.10 -3.71
N ALA A 52 5.66 14.81 -3.78
CA ALA A 52 6.18 13.89 -2.77
C ALA A 52 7.48 13.23 -3.22
N SER A 53 8.03 13.71 -4.34
CA SER A 53 9.19 13.06 -4.97
C SER A 53 8.84 11.61 -5.24
N ALA A 54 7.65 11.43 -5.78
CA ALA A 54 7.04 10.12 -5.89
C ALA A 54 6.73 9.78 -7.35
N SER A 55 6.26 8.57 -7.58
CA SER A 55 5.76 8.18 -8.88
C SER A 55 4.29 7.80 -8.76
N ILE A 56 3.40 8.73 -9.09
CA ILE A 56 1.97 8.51 -8.94
C ILE A 56 1.31 8.26 -10.29
N LYS A 57 0.74 7.09 -10.44
CA LYS A 57 -0.02 6.75 -11.63
C LYS A 57 -1.44 6.39 -11.26
N ILE A 58 -2.40 7.20 -11.70
CA ILE A 58 -3.80 6.95 -11.39
C ILE A 58 -4.43 6.09 -12.47
N ALA A 59 -5.20 5.08 -12.07
CA ALA A 59 -5.84 4.19 -13.02
C ALA A 59 -7.33 4.51 -13.13
N PRO A 60 -7.89 4.37 -14.35
CA PRO A 60 -9.32 4.58 -14.60
C PRO A 60 -10.16 3.43 -14.05
N PRO A 61 -11.45 3.69 -13.74
CA PRO A 61 -12.36 2.67 -13.20
C PRO A 61 -12.87 1.73 -14.30
N GLU A 62 -11.95 1.23 -15.08
CA GLU A 62 -12.25 0.41 -16.25
C GLU A 62 -12.61 -1.01 -15.83
N THR A 63 -12.06 -1.45 -14.71
CA THR A 63 -12.23 -2.82 -14.25
C THR A 63 -13.52 -2.98 -13.45
N PRO A 64 -13.85 -4.20 -12.98
CA PRO A 64 -15.06 -4.44 -12.17
C PRO A 64 -15.09 -3.56 -10.91
N ASP A 65 -13.92 -3.17 -10.45
CA ASP A 65 -13.76 -2.36 -9.23
C ASP A 65 -14.14 -0.90 -9.49
N SER A 66 -15.08 -0.68 -10.40
CA SER A 66 -15.36 0.66 -10.93
C SER A 66 -15.89 1.63 -9.85
N LYS A 67 -16.45 1.11 -8.76
CA LYS A 67 -16.98 1.95 -7.70
C LYS A 67 -15.84 2.61 -6.91
N VAL A 68 -14.63 2.08 -7.11
CA VAL A 68 -13.43 2.67 -6.55
C VAL A 68 -12.40 2.87 -7.66
N ARG A 69 -11.27 3.45 -7.33
CA ARG A 69 -10.21 3.61 -8.31
C ARG A 69 -8.86 3.31 -7.67
N MET A 70 -8.09 2.46 -8.33
CA MET A 70 -6.80 2.05 -7.81
C MET A 70 -5.68 2.92 -8.36
N VAL A 71 -4.77 3.31 -7.48
CA VAL A 71 -3.62 4.08 -7.90
C VAL A 71 -2.34 3.34 -7.54
N VAL A 72 -1.35 3.47 -8.42
CA VAL A 72 -0.05 2.85 -8.19
C VAL A 72 0.92 3.92 -7.71
N ILE A 73 1.29 3.84 -6.44
CA ILE A 73 2.23 4.80 -5.89
C ILE A 73 3.57 4.15 -5.61
N THR A 74 4.57 4.60 -6.36
CA THR A 74 5.93 4.07 -6.28
C THR A 74 6.89 5.12 -5.72
N GLY A 75 7.72 4.72 -4.76
CA GLY A 75 8.74 5.62 -4.26
C GLY A 75 9.20 5.25 -2.87
N PRO A 76 9.94 6.14 -2.20
CA PRO A 76 10.38 5.93 -0.82
C PRO A 76 9.20 5.96 0.15
N PRO A 77 9.25 5.16 1.22
CA PRO A 77 8.15 5.07 2.20
C PRO A 77 7.81 6.40 2.85
N GLU A 78 8.72 7.37 2.71
CA GLU A 78 8.50 8.71 3.23
C GLU A 78 7.49 9.44 2.36
N ALA A 79 7.52 9.14 1.08
CA ALA A 79 6.60 9.71 0.12
C ALA A 79 5.27 9.03 0.21
N GLN A 80 5.29 7.72 0.47
CA GLN A 80 4.06 7.01 0.77
C GLN A 80 3.43 7.61 2.00
N PHE A 81 4.24 7.90 3.02
CA PHE A 81 3.77 8.50 4.25
C PHE A 81 3.07 9.85 3.98
N LYS A 82 3.77 10.74 3.30
CA LYS A 82 3.24 12.09 3.07
C LYS A 82 2.06 12.07 2.08
N ALA A 83 2.22 11.36 0.97
CA ALA A 83 1.14 11.23 -0.02
C ALA A 83 -0.11 10.58 0.60
N GLN A 84 0.11 9.54 1.40
CA GLN A 84 -0.99 8.82 2.06
C GLN A 84 -1.71 9.75 3.03
N GLY A 85 -0.93 10.46 3.84
CA GLY A 85 -1.50 11.44 4.74
C GLY A 85 -2.20 12.55 3.99
N ARG A 86 -1.68 12.86 2.81
CA ARG A 86 -2.23 13.91 1.99
C ARG A 86 -3.60 13.51 1.46
N ILE A 87 -3.70 12.29 0.92
CA ILE A 87 -4.96 11.82 0.37
C ILE A 87 -6.00 11.60 1.48
N TYR A 88 -5.56 11.08 2.63
CA TYR A 88 -6.44 10.93 3.79
C TYR A 88 -6.94 12.29 4.26
N GLY A 89 -6.05 13.26 4.26
CA GLY A 89 -6.42 14.61 4.64
C GLY A 89 -7.40 15.22 3.67
N LYS A 90 -7.32 14.77 2.41
CA LYS A 90 -8.16 15.32 1.37
C LYS A 90 -9.63 15.02 1.64
N LEU A 91 -9.96 13.78 1.94
CA LEU A 91 -11.35 13.42 2.24
C LEU A 91 -11.92 14.29 3.35
N LYS A 92 -11.05 14.72 4.27
CA LYS A 92 -11.48 15.52 5.39
C LYS A 92 -11.83 16.93 4.95
N GLU A 93 -10.89 17.59 4.28
CA GLU A 93 -11.08 18.94 3.79
C GLU A 93 -12.21 18.98 2.76
N GLU A 94 -12.35 17.87 2.03
CA GLU A 94 -13.34 17.77 0.98
C GLU A 94 -14.74 17.64 1.58
N ASN A 95 -14.77 17.26 2.85
CA ASN A 95 -16.00 17.13 3.63
C ASN A 95 -16.84 15.95 3.14
N PHE A 96 -16.17 14.88 2.75
CA PHE A 96 -16.86 13.63 2.43
C PHE A 96 -17.43 13.03 3.71
N PHE A 97 -16.86 13.45 4.83
CA PHE A 97 -17.23 12.96 6.14
C PHE A 97 -17.29 14.13 7.11
N GLY A 98 -17.85 13.92 8.28
CA GLY A 98 -17.99 14.99 9.25
C GLY A 98 -18.11 14.48 10.67
N PRO A 99 -19.32 14.12 11.10
CA PRO A 99 -19.60 13.65 12.47
C PRO A 99 -18.62 12.58 12.95
N LYS A 100 -18.34 11.61 12.09
CA LYS A 100 -17.44 10.52 12.45
C LYS A 100 -16.02 10.84 12.00
N GLU A 101 -15.93 11.68 10.96
CA GLU A 101 -14.69 11.99 10.26
C GLU A 101 -13.91 10.72 9.94
N GLU A 102 -14.66 9.69 9.60
CA GLU A 102 -14.08 8.43 9.25
C GLU A 102 -13.69 8.43 7.79
N VAL A 103 -12.38 8.47 7.53
CA VAL A 103 -11.89 8.31 6.19
C VAL A 103 -11.48 6.86 6.00
N LYS A 104 -12.08 6.20 5.03
CA LYS A 104 -11.92 4.76 4.91
C LYS A 104 -11.39 4.38 3.56
N LEU A 105 -10.08 4.28 3.48
CA LEU A 105 -9.42 3.81 2.28
C LEU A 105 -8.80 2.46 2.55
N GLU A 106 -8.48 1.74 1.50
CA GLU A 106 -7.87 0.44 1.66
C GLU A 106 -6.49 0.40 1.03
N THR A 107 -5.48 0.40 1.88
CA THR A 107 -4.10 0.40 1.41
C THR A 107 -3.61 -1.03 1.26
N HIS A 108 -3.25 -1.41 0.04
CA HIS A 108 -2.76 -2.76 -0.22
C HIS A 108 -1.24 -2.76 -0.26
N ILE A 109 -0.64 -3.53 0.62
CA ILE A 109 0.81 -3.65 0.66
C ILE A 109 1.25 -5.04 0.23
N ARG A 110 2.46 -5.12 -0.30
CA ARG A 110 2.98 -6.38 -0.81
C ARG A 110 3.85 -7.06 0.23
N VAL A 111 3.44 -8.26 0.63
CA VAL A 111 4.17 -9.04 1.61
C VAL A 111 4.31 -10.47 1.11
N PRO A 112 5.25 -11.24 1.69
CA PRO A 112 5.45 -12.64 1.31
C PRO A 112 4.31 -13.55 1.76
N ALA A 113 3.84 -14.36 0.83
CA ALA A 113 2.74 -15.28 1.08
C ALA A 113 3.06 -16.25 2.20
N SER A 114 4.35 -16.53 2.36
CA SER A 114 4.81 -17.44 3.40
C SER A 114 4.54 -16.84 4.78
N ALA A 115 4.31 -15.53 4.83
CA ALA A 115 4.03 -14.84 6.07
C ALA A 115 2.69 -14.11 6.01
N ALA A 116 1.79 -14.58 5.14
CA ALA A 116 0.48 -13.95 4.99
C ALA A 116 -0.32 -14.04 6.29
N GLY A 117 -0.28 -15.20 6.92
CA GLY A 117 -0.94 -15.38 8.20
C GLY A 117 -0.06 -14.94 9.35
N ARG A 118 1.16 -14.56 9.05
CA ARG A 118 2.10 -14.12 10.06
C ARG A 118 2.06 -12.60 10.22
N VAL A 119 1.76 -11.90 9.12
CA VAL A 119 1.66 -10.45 9.14
C VAL A 119 0.47 -10.00 9.99
N ILE A 120 -0.48 -10.90 10.20
CA ILE A 120 -1.62 -10.63 11.05
C ILE A 120 -1.24 -10.84 12.52
N GLY A 121 0.03 -11.17 12.74
CA GLY A 121 0.57 -11.24 14.07
C GLY A 121 0.48 -12.62 14.69
N LYS A 122 -0.72 -12.96 15.16
CA LYS A 122 -0.93 -14.17 15.94
C LYS A 122 -2.41 -14.51 15.90
N GLY A 123 -2.87 -14.97 14.74
CA GLY A 123 -4.30 -15.12 14.53
C GLY A 123 -4.93 -13.78 14.23
N GLY A 124 -6.18 -13.60 14.62
CA GLY A 124 -6.84 -12.32 14.38
C GLY A 124 -6.42 -11.26 15.38
N LYS A 125 -5.11 -11.17 15.63
CA LYS A 125 -4.60 -10.29 16.67
C LYS A 125 -4.53 -8.85 16.21
N THR A 126 -3.84 -8.60 15.09
CA THR A 126 -3.70 -7.23 14.58
C THR A 126 -5.06 -6.65 14.23
N VAL A 127 -5.98 -7.53 13.79
CA VAL A 127 -7.33 -7.10 13.47
C VAL A 127 -8.01 -6.52 14.71
N ASN A 128 -7.88 -7.21 15.84
CA ASN A 128 -8.50 -6.76 17.08
C ASN A 128 -7.81 -5.51 17.62
N GLU A 129 -6.49 -5.56 17.71
CA GLU A 129 -5.74 -4.45 18.31
C GLU A 129 -5.85 -3.18 17.47
N LEU A 130 -5.61 -3.29 16.18
CA LEU A 130 -5.58 -2.12 15.32
C LEU A 130 -6.99 -1.54 15.13
N GLN A 131 -7.99 -2.40 15.06
CA GLN A 131 -9.35 -1.93 14.80
C GLN A 131 -9.98 -1.32 16.05
N ASN A 132 -9.82 -2.01 17.17
CA ASN A 132 -10.42 -1.58 18.43
C ASN A 132 -9.88 -0.21 18.87
N LEU A 133 -8.57 -0.07 18.87
CA LEU A 133 -7.95 1.14 19.40
C LEU A 133 -7.66 2.15 18.30
N THR A 134 -7.06 1.68 17.22
CA THR A 134 -6.57 2.57 16.17
C THR A 134 -7.61 2.79 15.07
N ALA A 135 -8.68 1.98 15.09
CA ALA A 135 -9.73 2.03 14.08
C ALA A 135 -9.22 1.58 12.71
N ALA A 136 -8.24 0.68 12.72
CA ALA A 136 -7.67 0.15 11.49
C ALA A 136 -7.98 -1.33 11.33
N GLU A 137 -8.74 -1.66 10.30
CA GLU A 137 -9.11 -3.04 10.02
C GLU A 137 -8.07 -3.70 9.13
N VAL A 138 -7.36 -4.68 9.68
CA VAL A 138 -6.31 -5.38 8.94
C VAL A 138 -6.84 -6.69 8.37
N VAL A 139 -6.86 -6.78 7.04
CA VAL A 139 -7.35 -7.97 6.37
C VAL A 139 -6.24 -8.61 5.55
N VAL A 140 -5.99 -9.88 5.76
CA VAL A 140 -4.93 -10.58 5.06
C VAL A 140 -5.50 -11.45 3.94
N PRO A 141 -4.66 -11.87 2.97
CA PRO A 141 -5.11 -12.66 1.85
C PRO A 141 -5.20 -14.15 2.18
N ARG A 142 -6.43 -14.64 2.32
CA ARG A 142 -6.66 -16.03 2.65
C ARG A 142 -6.47 -16.90 1.40
N ASP A 143 -5.21 -17.11 1.06
CA ASP A 143 -4.81 -17.91 -0.11
C ASP A 143 -5.53 -17.44 -1.36
N GLN A 144 -5.60 -16.13 -1.55
CA GLN A 144 -6.34 -15.56 -2.67
C GLN A 144 -5.44 -14.85 -3.67
N THR A 145 -4.19 -14.62 -3.30
CA THR A 145 -3.27 -13.86 -4.15
C THR A 145 -1.85 -14.47 -4.35
N PRO A 146 -1.39 -15.46 -3.53
CA PRO A 146 -0.01 -15.96 -3.64
C PRO A 146 0.32 -16.51 -5.04
N ASP A 147 1.38 -15.99 -5.64
CA ASP A 147 1.85 -16.45 -6.95
C ASP A 147 3.23 -17.09 -6.82
N GLU A 148 3.90 -17.27 -7.95
CA GLU A 148 5.26 -17.83 -7.97
C GLU A 148 6.22 -16.92 -7.21
N ASN A 149 5.92 -15.64 -7.20
CA ASN A 149 6.74 -14.64 -6.52
C ASN A 149 6.40 -14.58 -5.03
N GLU A 150 5.46 -15.44 -4.65
CA GLU A 150 4.91 -15.53 -3.29
C GLU A 150 4.58 -14.15 -2.72
N GLN A 151 4.03 -13.28 -3.54
CA GLN A 151 3.61 -11.97 -3.07
C GLN A 151 2.09 -11.96 -2.90
N VAL A 152 1.65 -11.42 -1.78
CA VAL A 152 0.23 -11.36 -1.47
C VAL A 152 -0.23 -9.95 -1.17
N ILE A 153 -1.54 -9.78 -1.06
CA ILE A 153 -2.15 -8.49 -0.84
C ILE A 153 -2.78 -8.39 0.53
N VAL A 154 -2.22 -7.55 1.37
CA VAL A 154 -2.77 -7.29 2.69
C VAL A 154 -3.39 -5.90 2.70
N LYS A 155 -4.56 -5.77 3.31
CA LYS A 155 -5.35 -4.55 3.22
C LYS A 155 -5.51 -3.89 4.57
N ILE A 156 -5.25 -2.58 4.60
CA ILE A 156 -5.47 -1.78 5.80
C ILE A 156 -6.61 -0.81 5.58
N ILE A 157 -7.67 -0.95 6.36
CA ILE A 157 -8.81 -0.04 6.28
C ILE A 157 -8.78 0.89 7.50
N GLY A 158 -8.49 2.16 7.30
CA GLY A 158 -8.43 3.07 8.43
C GLY A 158 -8.09 4.48 8.06
N HIS A 159 -7.68 5.26 9.07
CA HIS A 159 -7.36 6.68 8.89
C HIS A 159 -5.86 6.84 8.64
N PHE A 160 -5.39 8.08 8.59
CA PHE A 160 -3.97 8.32 8.32
C PHE A 160 -3.08 7.74 9.42
N TYR A 161 -3.37 8.06 10.67
CA TYR A 161 -2.56 7.57 11.77
C TYR A 161 -2.84 6.09 12.00
N ALA A 162 -4.04 5.67 11.65
CA ALA A 162 -4.43 4.28 11.79
C ALA A 162 -3.62 3.41 10.84
N SER A 163 -3.64 3.77 9.56
CA SER A 163 -2.90 3.04 8.56
C SER A 163 -1.40 3.18 8.81
N GLN A 164 -0.98 4.36 9.26
CA GLN A 164 0.43 4.63 9.57
C GLN A 164 0.94 3.62 10.58
N MET A 165 0.27 3.52 11.72
CA MET A 165 0.66 2.59 12.78
C MET A 165 0.55 1.14 12.29
N ALA A 166 -0.54 0.82 11.61
CA ALA A 166 -0.79 -0.53 11.15
C ALA A 166 0.28 -1.02 10.17
N GLN A 167 0.52 -0.25 9.11
CA GLN A 167 1.49 -0.63 8.08
C GLN A 167 2.90 -0.74 8.66
N ARG A 168 3.24 0.14 9.59
CA ARG A 168 4.53 0.05 10.26
C ARG A 168 4.62 -1.18 11.14
N LYS A 169 3.55 -1.50 11.88
CA LYS A 169 3.53 -2.68 12.74
C LYS A 169 3.57 -3.97 11.94
N ILE A 170 2.76 -4.06 10.89
CA ILE A 170 2.70 -5.28 10.09
C ILE A 170 4.02 -5.55 9.38
N ARG A 171 4.64 -4.49 8.83
CA ARG A 171 5.97 -4.65 8.23
C ARG A 171 7.02 -4.91 9.32
N ASP A 172 6.78 -4.40 10.53
CA ASP A 172 7.64 -4.71 11.67
C ASP A 172 7.62 -6.20 11.95
N ILE A 173 6.41 -6.74 12.13
CA ILE A 173 6.23 -8.18 12.32
C ILE A 173 6.94 -8.95 11.22
N LEU A 174 6.67 -8.54 9.99
CA LEU A 174 7.28 -9.15 8.81
C LEU A 174 8.80 -9.17 8.95
N ALA A 175 9.38 -8.01 9.22
CA ALA A 175 10.82 -7.88 9.38
C ALA A 175 11.33 -8.77 10.50
N GLN A 176 10.58 -8.81 11.60
CA GLN A 176 10.93 -9.65 12.72
C GLN A 176 10.96 -11.12 12.31
N VAL A 177 9.93 -11.55 11.61
CA VAL A 177 9.84 -12.93 11.11
C VAL A 177 10.99 -13.23 10.18
N LYS A 178 11.30 -12.29 9.29
CA LYS A 178 12.45 -12.42 8.41
C LYS A 178 13.72 -12.68 9.21
N GLN A 179 13.91 -11.92 10.27
CA GLN A 179 15.04 -12.10 11.16
C GLN A 179 15.00 -13.44 11.88
N GLN A 180 13.83 -13.77 12.43
CA GLN A 180 13.60 -15.05 13.09
C GLN A 180 13.98 -16.22 12.21
N HIS A 181 13.40 -16.28 11.02
CA HIS A 181 13.61 -17.41 10.13
C HIS A 181 15.04 -17.44 9.57
N GLN A 182 15.53 -16.30 9.10
CA GLN A 182 16.86 -16.23 8.48
C GLN A 182 17.96 -16.38 9.52
N LYS A 183 17.61 -16.05 10.77
CA LYS A 183 18.53 -16.18 11.91
C LYS A 183 19.70 -15.22 11.81
N GLY A 184 19.47 -14.06 11.20
CA GLY A 184 20.51 -13.07 11.10
C GLY A 184 20.83 -12.70 9.67
N GLN A 185 22.11 -12.44 9.41
CA GLN A 185 22.55 -12.07 8.07
C GLN A 185 23.51 -13.12 7.52
N SER A 186 24.02 -12.88 6.31
CA SER A 186 24.97 -13.76 5.64
C SER A 186 24.50 -15.21 5.60
N GLY A 187 23.19 -15.39 5.44
CA GLY A 187 22.62 -16.72 5.34
C GLY A 187 22.41 -17.12 3.89
N GLN A 188 22.04 -16.15 3.07
CA GLN A 188 21.87 -16.39 1.64
C GLN A 188 23.22 -16.45 0.95
N LEU A 189 24.22 -15.86 1.60
CA LEU A 189 25.57 -15.80 1.04
C LEU A 189 26.42 -16.92 1.59
N GLN A 190 26.68 -17.93 0.79
CA GLN A 190 27.47 -19.07 1.22
C GLN A 190 28.92 -18.90 0.79
N ALA A 191 29.64 -18.05 1.49
CA ALA A 191 31.05 -17.80 1.19
C ALA A 191 31.94 -18.58 2.14
N GLY A 1 24.06 4.80 -9.60
CA GLY A 1 25.26 5.50 -10.11
C GLY A 1 25.47 6.83 -9.43
N ALA A 2 26.37 7.63 -9.96
CA ALA A 2 26.67 8.94 -9.40
C ALA A 2 27.12 9.89 -10.48
N MET A 3 26.56 9.73 -11.67
CA MET A 3 26.86 10.63 -12.78
C MET A 3 26.26 11.99 -12.50
N GLY A 4 27.08 13.01 -12.59
CA GLY A 4 26.65 14.36 -12.28
C GLY A 4 27.82 15.27 -11.96
N PRO A 5 28.52 15.02 -10.84
CA PRO A 5 29.76 15.73 -10.51
C PRO A 5 30.93 15.26 -11.36
N SER A 6 30.77 15.36 -12.67
CA SER A 6 31.78 14.93 -13.61
C SER A 6 33.04 15.79 -13.49
N SER A 7 32.90 17.08 -13.77
CA SER A 7 33.97 18.04 -13.54
C SER A 7 33.37 19.41 -13.22
N VAL A 8 32.52 19.90 -14.11
CA VAL A 8 31.83 21.16 -13.90
C VAL A 8 30.32 20.95 -13.91
N SER A 9 29.91 19.76 -13.44
CA SER A 9 28.50 19.35 -13.41
C SER A 9 28.02 18.97 -14.81
N GLY A 10 27.38 17.82 -14.90
CA GLY A 10 26.83 17.36 -16.15
C GLY A 10 25.74 16.33 -15.96
N ALA A 11 25.05 15.99 -17.04
CA ALA A 11 23.99 14.97 -17.03
C ALA A 11 22.83 15.38 -16.13
N ALA A 12 22.35 16.61 -16.31
CA ALA A 12 21.18 17.09 -15.59
C ALA A 12 19.87 16.73 -16.32
N PRO A 13 19.76 17.04 -17.65
CA PRO A 13 18.55 16.74 -18.42
C PRO A 13 18.43 15.26 -18.79
N PHE A 14 19.34 14.45 -18.28
CA PHE A 14 19.34 13.03 -18.54
C PHE A 14 18.83 12.27 -17.33
N SER A 15 17.58 11.83 -17.40
CA SER A 15 16.94 11.12 -16.29
C SER A 15 16.85 12.03 -15.06
N SER A 16 16.18 13.16 -15.24
CA SER A 16 16.13 14.22 -14.23
C SER A 16 15.30 13.82 -13.00
N PHE A 17 15.93 13.04 -12.11
CA PHE A 17 15.37 12.69 -10.81
C PHE A 17 14.03 11.96 -10.92
N MET A 18 14.10 10.68 -11.26
CA MET A 18 12.91 9.85 -11.38
C MET A 18 12.98 8.68 -10.40
N PRO A 19 11.95 8.47 -9.58
CA PRO A 19 11.88 7.33 -8.67
C PRO A 19 11.55 6.04 -9.41
N PRO A 20 12.47 5.05 -9.34
CA PRO A 20 12.31 3.77 -10.04
C PRO A 20 11.20 2.91 -9.44
N GLU A 21 10.81 1.86 -10.16
CA GLU A 21 9.70 1.01 -9.77
C GLU A 21 9.78 0.56 -8.31
N GLN A 22 10.90 -0.06 -7.99
CA GLN A 22 11.18 -0.55 -6.63
C GLN A 22 10.12 -1.54 -6.16
N GLU A 23 8.99 -1.02 -5.69
CA GLU A 23 7.86 -1.84 -5.30
C GLU A 23 6.58 -1.05 -5.52
N THR A 24 5.56 -1.73 -6.02
CA THR A 24 4.32 -1.08 -6.41
C THR A 24 3.17 -1.40 -5.43
N VAL A 25 2.51 -0.35 -4.98
CA VAL A 25 1.36 -0.50 -4.10
C VAL A 25 0.10 -0.03 -4.82
N HIS A 26 -1.04 -0.65 -4.53
CA HIS A 26 -2.29 -0.28 -5.19
C HIS A 26 -3.31 0.16 -4.16
N VAL A 27 -3.84 1.37 -4.30
CA VAL A 27 -4.83 1.84 -3.34
C VAL A 27 -6.13 2.25 -4.02
N PHE A 28 -7.23 1.79 -3.43
CA PHE A 28 -8.56 2.02 -3.97
C PHE A 28 -9.25 3.16 -3.24
N ILE A 29 -9.52 4.23 -3.98
CA ILE A 29 -10.25 5.36 -3.45
C ILE A 29 -11.57 5.50 -4.21
N PRO A 30 -12.64 5.94 -3.51
CA PRO A 30 -13.95 6.12 -4.12
C PRO A 30 -13.89 6.99 -5.38
N ALA A 31 -14.65 6.59 -6.40
CA ALA A 31 -14.61 7.25 -7.70
C ALA A 31 -14.97 8.72 -7.61
N GLN A 32 -15.78 9.06 -6.62
CA GLN A 32 -16.15 10.46 -6.38
C GLN A 32 -14.99 11.19 -5.72
N ALA A 33 -14.25 10.48 -4.86
CA ALA A 33 -13.11 11.05 -4.18
C ALA A 33 -12.00 11.35 -5.17
N VAL A 34 -11.93 10.55 -6.22
CA VAL A 34 -10.97 10.76 -7.30
C VAL A 34 -11.20 12.12 -7.95
N GLY A 35 -12.47 12.49 -8.08
CA GLY A 35 -12.81 13.78 -8.64
C GLY A 35 -12.21 14.92 -7.82
N ALA A 36 -12.13 14.71 -6.52
CA ALA A 36 -11.53 15.68 -5.63
C ALA A 36 -10.01 15.64 -5.71
N ILE A 37 -9.45 14.43 -5.58
CA ILE A 37 -8.00 14.25 -5.56
C ILE A 37 -7.38 14.73 -6.85
N ILE A 38 -8.01 14.43 -7.97
CA ILE A 38 -7.52 14.86 -9.26
C ILE A 38 -8.00 16.27 -9.57
N GLY A 39 -9.32 16.42 -9.61
CA GLY A 39 -9.95 17.61 -10.14
C GLY A 39 -9.62 18.89 -9.41
N ASP A 40 -9.28 18.78 -8.13
CA ASP A 40 -8.94 19.94 -7.28
C ASP A 40 -8.06 20.93 -8.03
N ASP A 41 -7.09 20.39 -8.75
CA ASP A 41 -6.19 21.19 -9.58
C ASP A 41 -6.04 20.53 -10.95
N GLY A 42 -6.65 19.36 -11.08
CA GLY A 42 -6.39 18.48 -12.21
C GLY A 42 -5.08 17.75 -12.07
N GLN A 43 -4.03 18.51 -11.79
CA GLN A 43 -2.71 17.93 -11.55
C GLN A 43 -2.42 17.89 -10.06
N HIS A 44 -3.47 18.04 -9.25
CA HIS A 44 -3.35 18.02 -7.79
C HIS A 44 -2.79 16.68 -7.32
N ILE A 45 -3.22 15.63 -7.99
CA ILE A 45 -2.72 14.28 -7.74
C ILE A 45 -1.23 14.16 -8.10
N LYS A 46 -0.80 14.85 -9.14
CA LYS A 46 0.58 14.79 -9.58
C LYS A 46 1.44 15.73 -8.73
N GLN A 47 0.78 16.67 -8.09
CA GLN A 47 1.40 17.48 -7.05
C GLN A 47 1.61 16.62 -5.81
N LEU A 48 0.71 15.66 -5.63
CA LEU A 48 0.77 14.73 -4.50
C LEU A 48 2.03 13.89 -4.57
N SER A 49 2.25 13.29 -5.74
CA SER A 49 3.37 12.40 -5.95
C SER A 49 4.69 13.13 -5.80
N ARG A 50 4.90 14.17 -6.61
CA ARG A 50 6.17 14.87 -6.64
C ARG A 50 6.51 15.46 -5.27
N PHE A 51 5.48 15.86 -4.54
CA PHE A 51 5.67 16.49 -3.23
C PHE A 51 6.37 15.56 -2.26
N ALA A 52 5.97 14.31 -2.24
CA ALA A 52 6.53 13.36 -1.29
C ALA A 52 7.73 12.63 -1.88
N SER A 53 8.12 13.00 -3.09
CA SER A 53 9.16 12.28 -3.85
C SER A 53 8.62 10.91 -4.25
N ALA A 54 7.35 10.88 -4.61
CA ALA A 54 6.64 9.66 -4.91
C ALA A 54 6.27 9.60 -6.39
N SER A 55 5.83 8.42 -6.83
CA SER A 55 5.32 8.25 -8.18
C SER A 55 3.89 7.73 -8.11
N ILE A 56 2.95 8.48 -8.68
CA ILE A 56 1.55 8.11 -8.65
C ILE A 56 0.95 8.14 -10.05
N LYS A 57 0.28 7.07 -10.42
CA LYS A 57 -0.43 7.00 -11.69
C LYS A 57 -1.90 6.79 -11.42
N ILE A 58 -2.75 7.63 -11.95
CA ILE A 58 -4.16 7.49 -11.71
C ILE A 58 -4.80 6.60 -12.79
N ALA A 59 -4.96 5.33 -12.45
CA ALA A 59 -5.39 4.32 -13.40
C ALA A 59 -6.90 4.38 -13.61
N PRO A 60 -7.35 4.28 -14.87
CA PRO A 60 -8.78 4.33 -15.21
C PRO A 60 -9.54 3.13 -14.65
N PRO A 61 -10.77 3.37 -14.16
CA PRO A 61 -11.64 2.31 -13.63
C PRO A 61 -12.22 1.45 -14.74
N GLU A 62 -11.35 0.64 -15.34
CA GLU A 62 -11.72 -0.20 -16.47
C GLU A 62 -12.49 -1.45 -16.01
N THR A 63 -12.13 -1.96 -14.84
CA THR A 63 -12.71 -3.19 -14.33
C THR A 63 -14.05 -2.90 -13.63
N PRO A 64 -14.76 -3.96 -13.15
CA PRO A 64 -16.01 -3.79 -12.38
C PRO A 64 -15.80 -3.00 -11.09
N ASP A 65 -14.55 -2.68 -10.78
CA ASP A 65 -14.22 -1.88 -9.62
C ASP A 65 -14.42 -0.39 -9.93
N SER A 66 -15.17 -0.11 -11.00
CA SER A 66 -15.39 1.26 -11.47
C SER A 66 -16.20 2.09 -10.47
N LYS A 67 -16.63 1.47 -9.38
CA LYS A 67 -17.27 2.18 -8.28
C LYS A 67 -16.21 2.98 -7.52
N VAL A 68 -14.97 2.57 -7.70
CA VAL A 68 -13.82 3.25 -7.12
C VAL A 68 -12.75 3.39 -8.22
N ARG A 69 -11.62 3.98 -7.89
CA ARG A 69 -10.53 4.09 -8.85
C ARG A 69 -9.21 3.81 -8.16
N MET A 70 -8.38 2.99 -8.79
CA MET A 70 -7.11 2.60 -8.20
C MET A 70 -5.98 3.46 -8.74
N VAL A 71 -5.08 3.84 -7.86
CA VAL A 71 -3.88 4.53 -8.26
C VAL A 71 -2.67 3.65 -8.06
N VAL A 72 -1.74 3.75 -9.00
CA VAL A 72 -0.52 2.99 -8.98
C VAL A 72 0.54 3.72 -8.19
N ILE A 73 0.86 3.19 -7.03
CA ILE A 73 1.89 3.75 -6.19
C ILE A 73 3.23 3.10 -6.48
N THR A 74 4.22 3.90 -6.77
CA THR A 74 5.55 3.42 -7.08
C THR A 74 6.61 4.16 -6.27
N GLY A 75 7.41 3.42 -5.52
CA GLY A 75 8.50 4.04 -4.79
C GLY A 75 8.61 3.59 -3.34
N PRO A 76 9.32 4.35 -2.50
CA PRO A 76 9.56 4.00 -1.10
C PRO A 76 8.39 4.35 -0.20
N PRO A 77 7.94 3.39 0.62
CA PRO A 77 6.73 3.54 1.45
C PRO A 77 6.74 4.76 2.37
N GLU A 78 7.92 5.26 2.72
CA GLU A 78 8.03 6.47 3.55
C GLU A 78 7.21 7.62 2.97
N ALA A 79 7.35 7.82 1.66
CA ALA A 79 6.65 8.90 0.97
C ALA A 79 5.16 8.61 0.91
N GLN A 80 4.81 7.34 0.86
CA GLN A 80 3.42 6.95 0.76
C GLN A 80 2.73 7.07 2.11
N PHE A 81 3.47 6.95 3.19
CA PHE A 81 2.89 7.09 4.52
C PHE A 81 2.40 8.51 4.73
N LYS A 82 3.22 9.48 4.36
CA LYS A 82 2.87 10.89 4.49
C LYS A 82 1.84 11.30 3.43
N ALA A 83 2.09 10.91 2.19
CA ALA A 83 1.16 11.16 1.08
C ALA A 83 -0.22 10.55 1.33
N GLN A 84 -0.25 9.36 1.92
CA GLN A 84 -1.52 8.68 2.17
C GLN A 84 -2.33 9.42 3.22
N GLY A 85 -1.67 9.81 4.31
CA GLY A 85 -2.32 10.61 5.32
C GLY A 85 -2.77 11.95 4.75
N ARG A 86 -1.98 12.45 3.81
CA ARG A 86 -2.27 13.68 3.10
C ARG A 86 -3.60 13.56 2.35
N ILE A 87 -3.73 12.50 1.54
CA ILE A 87 -4.92 12.32 0.72
C ILE A 87 -6.11 11.84 1.56
N TYR A 88 -5.84 11.18 2.68
CA TYR A 88 -6.87 10.88 3.67
C TYR A 88 -7.53 12.16 4.15
N GLY A 89 -6.70 13.14 4.51
CA GLY A 89 -7.21 14.42 4.97
C GLY A 89 -7.95 15.15 3.88
N LYS A 90 -7.55 14.91 2.64
CA LYS A 90 -8.20 15.53 1.49
C LYS A 90 -9.66 15.09 1.41
N LEU A 91 -9.93 13.82 1.72
CA LEU A 91 -11.31 13.35 1.78
C LEU A 91 -12.10 14.22 2.75
N LYS A 92 -11.54 14.43 3.95
CA LYS A 92 -12.17 15.26 4.98
C LYS A 92 -12.37 16.68 4.49
N GLU A 93 -11.30 17.27 3.92
CA GLU A 93 -11.34 18.66 3.47
C GLU A 93 -12.38 18.81 2.36
N GLU A 94 -12.65 17.72 1.66
CA GLU A 94 -13.58 17.76 0.55
C GLU A 94 -15.00 17.52 1.04
N ASN A 95 -15.09 17.05 2.27
CA ASN A 95 -16.35 16.89 3.00
C ASN A 95 -17.33 15.98 2.25
N PHE A 96 -16.81 14.90 1.69
CA PHE A 96 -17.64 13.95 0.96
C PHE A 96 -18.50 13.12 1.91
N PHE A 97 -17.95 12.81 3.06
CA PHE A 97 -18.56 11.84 3.96
C PHE A 97 -18.96 12.51 5.27
N GLY A 98 -20.01 11.99 5.90
CA GLY A 98 -20.42 12.50 7.17
C GLY A 98 -21.48 11.64 7.82
N PRO A 99 -22.73 11.78 7.39
CA PRO A 99 -23.85 11.02 7.94
C PRO A 99 -23.64 9.51 7.86
N LYS A 100 -23.36 9.01 6.66
CA LYS A 100 -23.32 7.58 6.43
C LYS A 100 -21.91 7.05 6.21
N GLU A 101 -21.03 7.90 5.72
CA GLU A 101 -19.72 7.44 5.28
C GLU A 101 -18.60 8.02 6.12
N GLU A 102 -17.42 7.46 5.93
CA GLU A 102 -16.20 7.83 6.64
C GLU A 102 -15.05 7.68 5.65
N VAL A 103 -13.86 8.16 5.96
CA VAL A 103 -12.75 7.91 5.06
C VAL A 103 -12.46 6.41 5.07
N LYS A 104 -12.55 5.79 3.92
CA LYS A 104 -12.41 4.37 3.81
C LYS A 104 -11.55 4.03 2.61
N LEU A 105 -10.27 3.94 2.85
CA LEU A 105 -9.33 3.62 1.79
C LEU A 105 -8.72 2.27 2.05
N GLU A 106 -8.15 1.67 1.02
CA GLU A 106 -7.55 0.36 1.16
C GLU A 106 -6.25 0.27 0.38
N THR A 107 -5.16 0.24 1.11
CA THR A 107 -3.85 0.07 0.50
C THR A 107 -3.51 -1.41 0.41
N HIS A 108 -3.36 -1.90 -0.81
CA HIS A 108 -2.94 -3.27 -1.02
C HIS A 108 -1.44 -3.29 -1.19
N ILE A 109 -0.76 -3.99 -0.30
CA ILE A 109 0.69 -3.93 -0.26
C ILE A 109 1.28 -5.31 -0.53
N ARG A 110 2.40 -5.33 -1.23
CA ARG A 110 3.08 -6.59 -1.56
C ARG A 110 3.82 -7.12 -0.33
N VAL A 111 3.44 -8.30 0.11
CA VAL A 111 4.11 -8.94 1.24
C VAL A 111 4.36 -10.41 0.93
N PRO A 112 5.39 -10.99 1.55
CA PRO A 112 5.73 -12.40 1.35
C PRO A 112 4.68 -13.32 1.99
N ALA A 113 4.32 -14.36 1.25
CA ALA A 113 3.32 -15.32 1.70
C ALA A 113 3.77 -16.03 2.97
N SER A 114 5.07 -16.11 3.16
CA SER A 114 5.64 -16.72 4.37
C SER A 114 5.39 -15.81 5.59
N ALA A 115 4.98 -14.58 5.33
CA ALA A 115 4.67 -13.64 6.39
C ALA A 115 3.20 -13.23 6.35
N ALA A 116 2.42 -13.91 5.51
CA ALA A 116 1.00 -13.60 5.36
C ALA A 116 0.24 -13.89 6.64
N GLY A 117 0.42 -15.09 7.15
CA GLY A 117 -0.25 -15.47 8.39
C GLY A 117 0.41 -14.84 9.60
N ARG A 118 1.57 -14.25 9.39
CA ARG A 118 2.30 -13.60 10.47
C ARG A 118 1.98 -12.11 10.53
N VAL A 119 1.65 -11.52 9.38
CA VAL A 119 1.34 -10.09 9.31
C VAL A 119 0.03 -9.80 10.03
N ILE A 120 -0.76 -10.85 10.21
CA ILE A 120 -1.99 -10.75 10.98
C ILE A 120 -1.68 -11.00 12.47
N GLY A 121 -0.41 -11.18 12.77
CA GLY A 121 0.01 -11.47 14.12
C GLY A 121 -0.08 -12.95 14.40
N LYS A 122 -0.11 -13.32 15.67
CA LYS A 122 -0.27 -14.72 16.04
C LYS A 122 -1.75 -15.11 15.94
N GLY A 123 -2.23 -15.20 14.70
CA GLY A 123 -3.60 -15.59 14.46
C GLY A 123 -4.61 -14.52 14.82
N GLY A 124 -4.53 -13.38 14.14
CA GLY A 124 -5.48 -12.32 14.37
C GLY A 124 -5.11 -11.46 15.55
N LYS A 125 -3.83 -11.21 15.73
CA LYS A 125 -3.36 -10.38 16.81
C LYS A 125 -3.36 -8.92 16.39
N THR A 126 -3.00 -8.66 15.14
CA THR A 126 -2.88 -7.29 14.65
C THR A 126 -4.24 -6.62 14.59
N VAL A 127 -5.25 -7.32 14.07
CA VAL A 127 -6.60 -6.75 14.05
C VAL A 127 -7.09 -6.43 15.45
N ASN A 128 -6.68 -7.25 16.43
CA ASN A 128 -7.11 -7.04 17.82
C ASN A 128 -6.52 -5.76 18.38
N GLU A 129 -5.21 -5.62 18.29
CA GLU A 129 -4.53 -4.49 18.91
C GLU A 129 -4.59 -3.23 18.05
N LEU A 130 -4.42 -3.41 16.75
CA LEU A 130 -4.29 -2.28 15.84
C LEU A 130 -5.64 -1.63 15.59
N GLN A 131 -6.71 -2.40 15.65
CA GLN A 131 -8.05 -1.83 15.48
C GLN A 131 -8.52 -1.20 16.77
N ASN A 132 -8.25 -1.87 17.90
CA ASN A 132 -8.70 -1.38 19.20
C ASN A 132 -7.97 -0.10 19.60
N LEU A 133 -6.67 -0.03 19.31
CA LEU A 133 -5.87 1.12 19.71
C LEU A 133 -5.80 2.18 18.60
N THR A 134 -5.46 1.73 17.40
CA THR A 134 -5.17 2.65 16.31
C THR A 134 -6.35 2.82 15.35
N ALA A 135 -7.34 1.92 15.50
CA ALA A 135 -8.53 1.90 14.63
C ALA A 135 -8.17 1.50 13.20
N ALA A 136 -7.19 0.60 13.08
CA ALA A 136 -6.75 0.14 11.78
C ALA A 136 -7.23 -1.28 11.51
N GLU A 137 -7.86 -1.48 10.36
CA GLU A 137 -8.44 -2.76 9.99
C GLU A 137 -7.51 -3.51 9.04
N VAL A 138 -6.94 -4.61 9.51
CA VAL A 138 -6.00 -5.40 8.73
C VAL A 138 -6.71 -6.57 8.07
N VAL A 139 -6.64 -6.63 6.74
CA VAL A 139 -7.33 -7.68 6.01
C VAL A 139 -6.38 -8.42 5.07
N VAL A 140 -6.38 -9.74 5.17
CA VAL A 140 -5.53 -10.59 4.34
C VAL A 140 -6.36 -11.71 3.73
N PRO A 141 -5.83 -12.41 2.70
CA PRO A 141 -6.48 -13.58 2.14
C PRO A 141 -6.34 -14.78 3.06
N ARG A 142 -7.45 -15.18 3.69
CA ARG A 142 -7.41 -16.29 4.64
C ARG A 142 -7.36 -17.61 3.91
N ASP A 143 -6.22 -17.92 3.33
CA ASP A 143 -5.99 -19.20 2.69
C ASP A 143 -4.53 -19.35 2.31
N GLN A 144 -4.08 -20.59 2.24
CA GLN A 144 -2.70 -20.90 1.90
C GLN A 144 -2.54 -20.91 0.38
N THR A 145 -2.44 -19.72 -0.21
CA THR A 145 -2.37 -19.58 -1.66
C THR A 145 -1.24 -18.63 -2.10
N PRO A 146 0.01 -18.95 -1.76
CA PRO A 146 1.19 -18.18 -2.21
C PRO A 146 1.30 -18.12 -3.73
N ASP A 147 1.75 -16.98 -4.21
CA ASP A 147 1.99 -16.77 -5.64
C ASP A 147 3.38 -17.28 -6.03
N GLU A 148 3.73 -17.18 -7.31
CA GLU A 148 5.02 -17.68 -7.83
C GLU A 148 6.20 -17.20 -6.99
N ASN A 149 6.21 -15.91 -6.65
CA ASN A 149 7.30 -15.33 -5.86
C ASN A 149 6.91 -15.23 -4.40
N GLU A 150 5.98 -16.10 -3.99
CA GLU A 150 5.39 -16.10 -2.65
C GLU A 150 4.91 -14.71 -2.28
N GLN A 151 4.18 -14.10 -3.18
CA GLN A 151 3.64 -12.77 -2.95
C GLN A 151 2.15 -12.84 -2.65
N VAL A 152 1.76 -12.23 -1.55
CA VAL A 152 0.37 -12.10 -1.20
C VAL A 152 0.02 -10.64 -0.97
N ILE A 153 -1.26 -10.34 -0.90
CA ILE A 153 -1.69 -8.97 -0.73
C ILE A 153 -2.38 -8.77 0.60
N VAL A 154 -1.94 -7.76 1.32
CA VAL A 154 -2.56 -7.35 2.56
C VAL A 154 -3.07 -5.93 2.39
N LYS A 155 -4.24 -5.65 2.92
CA LYS A 155 -4.88 -4.37 2.73
C LYS A 155 -5.28 -3.77 4.07
N ILE A 156 -4.97 -2.49 4.23
CA ILE A 156 -5.29 -1.79 5.47
C ILE A 156 -6.44 -0.82 5.27
N ILE A 157 -7.51 -1.04 5.99
CA ILE A 157 -8.61 -0.11 6.01
C ILE A 157 -8.47 0.77 7.24
N GLY A 158 -8.17 2.04 7.05
CA GLY A 158 -7.92 2.88 8.19
C GLY A 158 -8.13 4.35 7.94
N HIS A 159 -7.41 5.16 8.70
CA HIS A 159 -7.55 6.61 8.64
C HIS A 159 -6.15 7.21 8.60
N PHE A 160 -6.04 8.53 8.85
CA PHE A 160 -4.75 9.21 8.81
C PHE A 160 -3.78 8.58 9.81
N TYR A 161 -4.21 8.46 11.06
CA TYR A 161 -3.38 7.86 12.09
C TYR A 161 -3.36 6.34 11.96
N ALA A 162 -4.53 5.76 11.74
CA ALA A 162 -4.69 4.31 11.70
C ALA A 162 -3.77 3.66 10.68
N SER A 163 -3.81 4.13 9.44
CA SER A 163 -3.02 3.52 8.38
C SER A 163 -1.53 3.77 8.59
N GLN A 164 -1.20 4.94 9.12
CA GLN A 164 0.19 5.31 9.39
C GLN A 164 0.85 4.27 10.29
N MET A 165 0.24 4.04 11.44
CA MET A 165 0.75 3.06 12.40
C MET A 165 0.61 1.63 11.87
N ALA A 166 -0.51 1.35 11.20
CA ALA A 166 -0.75 0.02 10.64
C ALA A 166 0.33 -0.39 9.66
N GLN A 167 0.62 0.48 8.70
CA GLN A 167 1.62 0.21 7.68
C GLN A 167 3.00 0.02 8.31
N ARG A 168 3.29 0.77 9.36
CA ARG A 168 4.53 0.59 10.12
C ARG A 168 4.51 -0.76 10.86
N LYS A 169 3.40 -1.07 11.52
CA LYS A 169 3.26 -2.31 12.25
C LYS A 169 3.52 -3.52 11.37
N ILE A 170 2.81 -3.59 10.25
CA ILE A 170 2.87 -4.76 9.37
C ILE A 170 4.26 -4.93 8.75
N ARG A 171 4.86 -3.83 8.30
CA ARG A 171 6.19 -3.89 7.72
C ARG A 171 7.23 -4.33 8.76
N ASP A 172 7.08 -3.85 9.99
CA ASP A 172 7.99 -4.19 11.07
C ASP A 172 7.92 -5.68 11.36
N ILE A 173 6.71 -6.17 11.63
CA ILE A 173 6.50 -7.60 11.84
C ILE A 173 7.07 -8.40 10.67
N LEU A 174 6.80 -7.91 9.47
CA LEU A 174 7.29 -8.53 8.24
C LEU A 174 8.81 -8.67 8.28
N ALA A 175 9.48 -7.59 8.66
CA ALA A 175 10.94 -7.58 8.76
C ALA A 175 11.41 -8.62 9.77
N GLN A 176 10.73 -8.68 10.92
CA GLN A 176 11.06 -9.65 11.95
C GLN A 176 10.85 -11.08 11.48
N VAL A 177 9.81 -11.32 10.67
CA VAL A 177 9.61 -12.63 10.07
C VAL A 177 10.80 -12.99 9.22
N LYS A 178 11.19 -12.05 8.36
CA LYS A 178 12.36 -12.20 7.51
C LYS A 178 13.61 -12.49 8.32
N GLN A 179 13.73 -11.86 9.49
CA GLN A 179 14.85 -12.10 10.39
C GLN A 179 14.83 -13.53 10.92
N GLN A 180 13.71 -13.89 11.56
CA GLN A 180 13.56 -15.25 12.12
C GLN A 180 13.67 -16.33 11.05
N HIS A 181 13.18 -16.04 9.85
CA HIS A 181 13.24 -16.98 8.75
C HIS A 181 14.68 -17.13 8.21
N GLN A 182 15.29 -16.01 7.87
CA GLN A 182 16.59 -16.02 7.20
C GLN A 182 17.73 -16.31 8.18
N LYS A 183 17.60 -15.81 9.41
CA LYS A 183 18.68 -15.91 10.38
C LYS A 183 18.19 -16.63 11.65
N GLY A 184 17.40 -17.67 11.46
CA GLY A 184 16.80 -18.35 12.59
C GLY A 184 17.47 -19.66 12.95
N GLN A 185 17.26 -20.09 14.18
CA GLN A 185 17.78 -21.36 14.66
C GLN A 185 16.63 -22.36 14.75
N SER A 186 16.90 -23.61 14.39
CA SER A 186 15.85 -24.61 14.38
C SER A 186 15.75 -25.32 15.72
N GLY A 187 14.71 -25.01 16.48
CA GLY A 187 14.46 -25.69 17.73
C GLY A 187 13.65 -26.94 17.50
N GLN A 188 12.55 -26.81 16.79
CA GLN A 188 11.72 -27.95 16.43
C GLN A 188 11.96 -28.33 14.98
N LEU A 189 13.08 -28.98 14.73
CA LEU A 189 13.39 -29.45 13.39
C LEU A 189 12.43 -30.58 13.02
N GLN A 190 11.63 -30.35 11.97
CA GLN A 190 10.61 -31.30 11.54
C GLN A 190 9.51 -31.42 12.59
N ALA A 191 8.69 -30.38 12.68
CA ALA A 191 7.58 -30.36 13.62
C ALA A 191 6.32 -30.94 12.99
N GLY A 1 28.08 -17.29 -29.25
CA GLY A 1 27.67 -16.24 -30.22
C GLY A 1 28.77 -15.96 -31.23
N ALA A 2 28.52 -15.03 -32.13
CA ALA A 2 29.51 -14.67 -33.14
C ALA A 2 30.60 -13.79 -32.55
N MET A 3 30.27 -12.52 -32.31
CA MET A 3 31.22 -11.56 -31.76
C MET A 3 30.55 -10.20 -31.62
N GLY A 4 30.99 -9.41 -30.66
CA GLY A 4 30.46 -8.09 -30.50
C GLY A 4 30.40 -7.64 -29.05
N PRO A 5 30.74 -6.38 -28.77
CA PRO A 5 30.67 -5.81 -27.43
C PRO A 5 29.31 -5.19 -27.15
N SER A 6 28.40 -5.34 -28.10
CA SER A 6 27.08 -4.72 -28.03
C SER A 6 26.08 -5.58 -27.26
N SER A 7 26.56 -6.32 -26.26
CA SER A 7 25.69 -7.19 -25.47
C SER A 7 24.76 -6.34 -24.62
N VAL A 8 25.14 -5.10 -24.37
CA VAL A 8 24.32 -4.18 -23.59
C VAL A 8 23.43 -3.34 -24.50
N SER A 9 23.46 -3.63 -25.79
CA SER A 9 22.70 -2.87 -26.77
C SER A 9 21.70 -3.77 -27.49
N GLY A 10 20.52 -3.91 -26.91
CA GLY A 10 19.50 -4.74 -27.51
C GLY A 10 18.16 -4.06 -27.54
N ALA A 11 17.51 -4.07 -28.70
CA ALA A 11 16.20 -3.46 -28.84
C ALA A 11 15.10 -4.41 -28.36
N ALA A 12 15.10 -4.66 -27.06
CA ALA A 12 14.10 -5.54 -26.45
C ALA A 12 12.84 -4.76 -26.12
N PRO A 13 11.68 -5.29 -26.50
CA PRO A 13 10.38 -4.64 -26.27
C PRO A 13 9.97 -4.67 -24.80
N PHE A 14 10.73 -5.39 -23.99
CA PHE A 14 10.49 -5.46 -22.56
C PHE A 14 11.82 -5.63 -21.81
N SER A 15 12.26 -4.54 -21.21
CA SER A 15 13.43 -4.57 -20.35
C SER A 15 13.00 -4.76 -18.90
N SER A 16 12.42 -3.71 -18.33
CA SER A 16 11.84 -3.77 -17.01
C SER A 16 11.01 -2.50 -16.79
N PHE A 17 9.80 -2.49 -17.32
CA PHE A 17 8.93 -1.33 -17.21
C PHE A 17 8.17 -1.36 -15.88
N MET A 18 8.92 -1.29 -14.79
CA MET A 18 8.34 -1.28 -13.47
C MET A 18 8.68 0.02 -12.74
N PRO A 19 7.76 1.00 -12.79
CA PRO A 19 7.88 2.25 -12.06
C PRO A 19 8.21 2.05 -10.57
N PRO A 20 7.54 1.10 -9.86
CA PRO A 20 7.91 0.77 -8.48
C PRO A 20 9.30 0.14 -8.39
N GLU A 21 10.33 0.98 -8.41
CA GLU A 21 11.68 0.54 -8.13
C GLU A 21 11.99 0.75 -6.66
N GLN A 22 10.95 1.11 -5.93
CA GLN A 22 11.00 1.29 -4.49
C GLN A 22 9.72 0.72 -3.88
N GLU A 23 9.51 0.99 -2.61
CA GLU A 23 8.29 0.57 -1.95
C GLU A 23 7.11 1.44 -2.38
N THR A 24 5.99 0.81 -2.67
CA THR A 24 4.83 1.53 -3.13
C THR A 24 3.54 0.99 -2.51
N VAL A 25 2.62 1.88 -2.21
CA VAL A 25 1.32 1.49 -1.70
C VAL A 25 0.25 1.66 -2.78
N HIS A 26 -0.73 0.77 -2.79
CA HIS A 26 -1.83 0.87 -3.73
C HIS A 26 -3.11 1.15 -2.97
N VAL A 27 -3.67 2.33 -3.15
CA VAL A 27 -4.82 2.75 -2.36
C VAL A 27 -6.10 2.69 -3.16
N PHE A 28 -7.00 1.80 -2.75
CA PHE A 28 -8.34 1.76 -3.31
C PHE A 28 -9.18 2.84 -2.67
N ILE A 29 -9.43 3.88 -3.45
CA ILE A 29 -10.22 4.98 -2.97
C ILE A 29 -11.49 5.04 -3.79
N PRO A 30 -12.58 5.51 -3.18
CA PRO A 30 -13.87 5.62 -3.87
C PRO A 30 -13.67 6.27 -5.22
N ALA A 31 -14.09 5.59 -6.27
CA ALA A 31 -13.86 6.09 -7.62
C ALA A 31 -14.54 7.44 -7.84
N GLN A 32 -15.55 7.74 -7.03
CA GLN A 32 -16.15 9.06 -7.02
C GLN A 32 -15.18 10.08 -6.41
N ALA A 33 -14.44 9.65 -5.40
CA ALA A 33 -13.46 10.50 -4.74
C ALA A 33 -12.24 10.70 -5.62
N VAL A 34 -11.97 9.74 -6.50
CA VAL A 34 -10.89 9.87 -7.47
C VAL A 34 -11.16 11.09 -8.34
N GLY A 35 -12.41 11.26 -8.74
CA GLY A 35 -12.82 12.43 -9.50
C GLY A 35 -12.49 13.72 -8.80
N ALA A 36 -12.46 13.67 -7.47
CA ALA A 36 -12.11 14.83 -6.66
C ALA A 36 -10.61 15.06 -6.65
N ILE A 37 -9.85 13.99 -6.44
CA ILE A 37 -8.39 14.05 -6.42
C ILE A 37 -7.86 14.51 -7.77
N ILE A 38 -8.49 14.00 -8.83
CA ILE A 38 -8.15 14.39 -10.18
C ILE A 38 -8.92 15.66 -10.56
N GLY A 39 -9.76 16.11 -9.65
CA GLY A 39 -10.63 17.23 -9.93
C GLY A 39 -9.93 18.56 -9.86
N ASP A 40 -9.10 18.75 -8.84
CA ASP A 40 -8.38 20.02 -8.64
C ASP A 40 -7.49 20.33 -9.84
N ASP A 41 -8.03 21.12 -10.78
CA ASP A 41 -7.28 21.56 -11.97
C ASP A 41 -7.00 20.38 -12.91
N GLY A 42 -7.42 19.19 -12.51
CA GLY A 42 -7.15 17.99 -13.29
C GLY A 42 -5.69 17.61 -13.29
N GLN A 43 -4.90 18.30 -12.47
CA GLN A 43 -3.47 18.08 -12.42
C GLN A 43 -2.97 18.02 -10.98
N HIS A 44 -3.88 18.02 -10.02
CA HIS A 44 -3.49 17.97 -8.62
C HIS A 44 -2.85 16.62 -8.29
N ILE A 45 -3.40 15.56 -8.88
CA ILE A 45 -2.81 14.23 -8.73
C ILE A 45 -1.42 14.19 -9.37
N LYS A 46 -1.24 14.97 -10.44
CA LYS A 46 0.04 15.04 -11.13
C LYS A 46 1.03 15.85 -10.29
N GLN A 47 0.49 16.80 -9.53
CA GLN A 47 1.28 17.57 -8.58
C GLN A 47 1.70 16.66 -7.42
N LEU A 48 0.81 15.76 -7.05
CA LEU A 48 1.05 14.82 -5.94
C LEU A 48 2.35 14.07 -6.17
N SER A 49 2.61 13.71 -7.41
CA SER A 49 3.82 12.99 -7.79
C SER A 49 5.06 13.67 -7.24
N ARG A 50 5.28 14.90 -7.64
CA ARG A 50 6.49 15.62 -7.26
C ARG A 50 6.39 16.15 -5.84
N PHE A 51 5.17 16.53 -5.44
CA PHE A 51 4.95 17.09 -4.11
C PHE A 51 5.30 16.07 -3.02
N ALA A 52 4.96 14.81 -3.27
CA ALA A 52 5.29 13.74 -2.34
C ALA A 52 6.61 13.09 -2.71
N SER A 53 7.15 13.50 -3.86
CA SER A 53 8.43 12.99 -4.37
C SER A 53 8.34 11.51 -4.71
N ALA A 54 7.25 11.11 -5.36
CA ALA A 54 7.01 9.72 -5.67
C ALA A 54 6.60 9.52 -7.12
N SER A 55 6.88 8.35 -7.64
CA SER A 55 6.40 7.96 -8.95
C SER A 55 4.97 7.44 -8.80
N ILE A 56 4.06 8.00 -9.58
CA ILE A 56 2.65 7.76 -9.36
C ILE A 56 1.94 7.22 -10.60
N LYS A 57 0.97 6.34 -10.37
CA LYS A 57 0.01 5.96 -11.39
C LYS A 57 -1.38 6.20 -10.84
N ILE A 58 -2.32 6.56 -11.70
CA ILE A 58 -3.69 6.76 -11.27
C ILE A 58 -4.62 5.85 -12.04
N ALA A 59 -5.66 5.37 -11.38
CA ALA A 59 -6.72 4.66 -12.06
C ALA A 59 -7.93 5.58 -12.22
N PRO A 60 -8.33 5.85 -13.47
CA PRO A 60 -9.41 6.80 -13.78
C PRO A 60 -10.77 6.41 -13.18
N PRO A 61 -11.51 7.39 -12.64
CA PRO A 61 -12.84 7.18 -12.06
C PRO A 61 -13.86 6.77 -13.12
N GLU A 62 -13.97 5.47 -13.35
CA GLU A 62 -14.71 4.97 -14.51
C GLU A 62 -16.19 4.69 -14.21
N THR A 63 -16.43 3.99 -13.11
CA THR A 63 -17.62 3.19 -12.92
C THR A 63 -17.38 2.21 -11.75
N PRO A 64 -16.14 1.67 -11.67
CA PRO A 64 -15.58 0.96 -10.51
C PRO A 64 -15.82 1.59 -9.14
N ASP A 65 -16.62 2.65 -8.99
CA ASP A 65 -16.79 3.32 -7.67
C ASP A 65 -17.37 2.43 -6.55
N SER A 66 -17.04 1.16 -6.61
CA SER A 66 -17.13 0.20 -5.50
C SER A 66 -15.93 -0.75 -5.67
N LYS A 67 -15.79 -1.15 -6.92
CA LYS A 67 -14.65 -1.83 -7.50
C LYS A 67 -13.44 -0.90 -7.70
N VAL A 68 -13.08 -0.04 -6.72
CA VAL A 68 -12.63 1.33 -6.98
C VAL A 68 -11.15 1.44 -7.21
N ARG A 69 -10.73 2.69 -7.43
CA ARG A 69 -9.53 2.96 -8.19
C ARG A 69 -8.32 3.16 -7.28
N MET A 70 -7.19 2.66 -7.73
CA MET A 70 -5.99 2.68 -6.92
C MET A 70 -5.03 3.78 -7.36
N VAL A 71 -4.31 4.30 -6.38
CA VAL A 71 -3.18 5.16 -6.65
C VAL A 71 -1.91 4.34 -6.46
N VAL A 72 -0.91 4.59 -7.27
CA VAL A 72 0.36 3.89 -7.13
C VAL A 72 1.44 4.86 -6.68
N ILE A 73 1.68 4.90 -5.37
CA ILE A 73 2.66 5.81 -4.80
C ILE A 73 3.96 5.07 -4.53
N THR A 74 4.89 5.13 -5.48
CA THR A 74 6.21 4.53 -5.30
C THR A 74 7.23 5.57 -4.87
N GLY A 75 7.88 5.34 -3.74
CA GLY A 75 8.90 6.26 -3.28
C GLY A 75 9.43 5.91 -1.92
N PRO A 76 10.13 6.84 -1.26
CA PRO A 76 10.67 6.62 0.07
C PRO A 76 9.57 6.67 1.13
N PRO A 77 9.88 6.31 2.40
CA PRO A 77 8.91 6.39 3.50
C PRO A 77 8.23 7.75 3.56
N GLU A 78 8.98 8.80 3.20
CA GLU A 78 8.47 10.15 3.14
C GLU A 78 7.23 10.23 2.27
N ALA A 79 7.34 9.67 1.07
CA ALA A 79 6.27 9.75 0.08
C ALA A 79 5.08 8.91 0.49
N GLN A 80 5.34 7.77 1.12
CA GLN A 80 4.28 6.91 1.60
C GLN A 80 3.44 7.65 2.63
N PHE A 81 4.13 8.27 3.58
CA PHE A 81 3.49 9.03 4.65
C PHE A 81 2.80 10.28 4.09
N LYS A 82 3.52 11.00 3.23
CA LYS A 82 3.08 12.29 2.73
C LYS A 82 1.85 12.15 1.84
N ALA A 83 1.95 11.31 0.82
CA ALA A 83 0.87 11.12 -0.14
C ALA A 83 -0.37 10.50 0.51
N GLN A 84 -0.16 9.51 1.36
CA GLN A 84 -1.27 8.82 2.02
C GLN A 84 -2.03 9.77 2.93
N GLY A 85 -1.29 10.56 3.71
CA GLY A 85 -1.91 11.54 4.56
C GLY A 85 -2.57 12.65 3.76
N ARG A 86 -1.98 12.95 2.61
CA ARG A 86 -2.48 14.00 1.74
C ARG A 86 -3.87 13.64 1.21
N ILE A 87 -4.01 12.41 0.71
CA ILE A 87 -5.28 11.98 0.13
C ILE A 87 -6.34 11.77 1.21
N TYR A 88 -5.94 11.30 2.37
CA TYR A 88 -6.85 11.16 3.51
C TYR A 88 -7.47 12.50 3.88
N GLY A 89 -6.61 13.50 4.03
CA GLY A 89 -7.07 14.84 4.36
C GLY A 89 -7.88 15.45 3.24
N LYS A 90 -7.57 15.07 2.01
CA LYS A 90 -8.25 15.59 0.84
C LYS A 90 -9.72 15.15 0.85
N LEU A 91 -9.97 13.94 1.33
CA LEU A 91 -11.33 13.44 1.45
C LEU A 91 -12.18 14.39 2.31
N LYS A 92 -11.60 14.87 3.39
CA LYS A 92 -12.29 15.76 4.32
C LYS A 92 -12.60 17.10 3.66
N GLU A 93 -11.58 17.69 3.04
CA GLU A 93 -11.71 19.01 2.43
C GLU A 93 -12.65 18.98 1.24
N GLU A 94 -12.77 17.81 0.61
CA GLU A 94 -13.59 17.71 -0.58
C GLU A 94 -15.04 17.43 -0.21
N ASN A 95 -15.30 17.40 1.10
CA ASN A 95 -16.66 17.39 1.66
C ASN A 95 -17.50 16.20 1.17
N PHE A 96 -16.88 15.03 1.08
CA PHE A 96 -17.64 13.80 0.87
C PHE A 96 -18.06 13.24 2.21
N PHE A 97 -17.49 13.82 3.26
CA PHE A 97 -17.67 13.32 4.61
C PHE A 97 -18.14 14.46 5.52
N GLY A 98 -19.45 14.53 5.70
CA GLY A 98 -20.02 15.51 6.61
C GLY A 98 -20.76 14.83 7.75
N PRO A 99 -22.00 14.38 7.51
CA PRO A 99 -22.74 13.57 8.47
C PRO A 99 -22.12 12.18 8.61
N LYS A 100 -21.38 11.79 7.58
CA LYS A 100 -20.67 10.52 7.55
C LYS A 100 -19.17 10.72 7.68
N GLU A 101 -18.78 11.85 8.27
CA GLU A 101 -17.38 12.26 8.33
C GLU A 101 -16.49 11.28 9.08
N GLU A 102 -16.06 10.24 8.38
CA GLU A 102 -14.98 9.40 8.83
C GLU A 102 -14.36 8.78 7.59
N VAL A 103 -13.15 9.18 7.27
CA VAL A 103 -12.52 8.70 6.06
C VAL A 103 -11.90 7.34 6.28
N LYS A 104 -12.35 6.37 5.50
CA LYS A 104 -11.94 4.99 5.67
C LYS A 104 -11.43 4.44 4.36
N LEU A 105 -10.12 4.47 4.18
CA LEU A 105 -9.52 3.99 2.96
C LEU A 105 -8.94 2.61 3.14
N GLU A 106 -8.71 1.93 2.03
CA GLU A 106 -8.12 0.60 2.06
C GLU A 106 -6.76 0.59 1.40
N THR A 107 -5.73 0.50 2.23
CA THR A 107 -4.37 0.50 1.75
C THR A 107 -3.91 -0.93 1.45
N HIS A 108 -3.77 -1.23 0.16
CA HIS A 108 -3.36 -2.56 -0.27
C HIS A 108 -1.85 -2.59 -0.49
N ILE A 109 -1.17 -3.47 0.23
CA ILE A 109 0.26 -3.65 0.05
C ILE A 109 0.58 -5.10 -0.27
N ARG A 110 1.68 -5.31 -0.99
CA ARG A 110 2.11 -6.65 -1.37
C ARG A 110 3.00 -7.23 -0.29
N VAL A 111 2.58 -8.35 0.27
CA VAL A 111 3.38 -9.06 1.24
C VAL A 111 3.47 -10.53 0.84
N PRO A 112 4.50 -11.23 1.32
CA PRO A 112 4.69 -12.65 1.02
C PRO A 112 3.58 -13.49 1.64
N ALA A 113 2.98 -14.34 0.83
CA ALA A 113 1.88 -15.19 1.26
C ALA A 113 2.35 -16.16 2.34
N SER A 114 3.64 -16.45 2.31
CA SER A 114 4.24 -17.31 3.31
C SER A 114 4.19 -16.64 4.70
N ALA A 115 3.94 -15.33 4.69
CA ALA A 115 3.87 -14.56 5.92
C ALA A 115 2.51 -13.87 6.05
N ALA A 116 1.52 -14.36 5.29
CA ALA A 116 0.19 -13.75 5.30
C ALA A 116 -0.42 -13.78 6.69
N GLY A 117 -0.46 -14.96 7.29
CA GLY A 117 -0.97 -15.07 8.64
C GLY A 117 0.07 -14.69 9.67
N ARG A 118 1.27 -14.45 9.20
CA ARG A 118 2.38 -14.09 10.07
C ARG A 118 2.33 -12.59 10.36
N VAL A 119 1.90 -11.80 9.37
CA VAL A 119 1.72 -10.37 9.58
C VAL A 119 0.38 -10.10 10.27
N ILE A 120 -0.53 -11.07 10.20
CA ILE A 120 -1.79 -10.97 10.91
C ILE A 120 -1.60 -11.41 12.37
N GLY A 121 -0.62 -12.29 12.58
CA GLY A 121 -0.26 -12.72 13.91
C GLY A 121 -1.08 -13.90 14.38
N LYS A 122 -0.52 -14.67 15.31
CA LYS A 122 -1.20 -15.84 15.85
C LYS A 122 -2.49 -15.44 16.56
N GLY A 123 -3.60 -15.96 16.07
CA GLY A 123 -4.89 -15.71 16.70
C GLY A 123 -5.40 -14.31 16.46
N GLY A 124 -4.96 -13.70 15.36
CA GLY A 124 -5.42 -12.37 15.02
C GLY A 124 -4.78 -11.30 15.89
N LYS A 125 -3.45 -11.22 15.81
CA LYS A 125 -2.68 -10.27 16.60
C LYS A 125 -2.93 -8.83 16.14
N THR A 126 -2.74 -8.58 14.85
CA THR A 126 -2.82 -7.22 14.34
C THR A 126 -4.25 -6.69 14.33
N VAL A 127 -5.22 -7.53 13.97
CA VAL A 127 -6.61 -7.10 13.97
C VAL A 127 -7.06 -6.68 15.38
N ASN A 128 -6.68 -7.48 16.37
CA ASN A 128 -7.07 -7.20 17.75
C ASN A 128 -6.40 -5.94 18.26
N GLU A 129 -5.08 -5.86 18.07
CA GLU A 129 -4.29 -4.76 18.59
C GLU A 129 -4.60 -3.45 17.87
N LEU A 130 -4.58 -3.50 16.55
CA LEU A 130 -4.64 -2.29 15.75
C LEU A 130 -6.05 -1.72 15.66
N GLN A 131 -7.07 -2.56 15.80
CA GLN A 131 -8.45 -2.08 15.74
C GLN A 131 -8.86 -1.51 17.08
N ASN A 132 -8.59 -2.25 18.15
CA ASN A 132 -9.01 -1.85 19.50
C ASN A 132 -8.24 -0.61 19.98
N LEU A 133 -6.97 -0.51 19.62
CA LEU A 133 -6.15 0.58 20.10
C LEU A 133 -6.03 1.71 19.07
N THR A 134 -5.80 1.33 17.81
CA THR A 134 -5.48 2.32 16.78
C THR A 134 -6.68 2.61 15.86
N ALA A 135 -7.67 1.72 15.89
CA ALA A 135 -8.86 1.81 15.03
C ALA A 135 -8.51 1.52 13.56
N ALA A 136 -7.71 0.49 13.34
CA ALA A 136 -7.30 0.10 12.00
C ALA A 136 -7.76 -1.33 11.67
N GLU A 137 -8.40 -1.49 10.52
CA GLU A 137 -8.87 -2.80 10.06
C GLU A 137 -7.76 -3.50 9.28
N VAL A 138 -7.46 -4.73 9.63
CA VAL A 138 -6.41 -5.50 8.96
C VAL A 138 -6.99 -6.76 8.32
N VAL A 139 -7.07 -6.81 7.01
CA VAL A 139 -7.71 -7.92 6.34
C VAL A 139 -6.77 -8.64 5.38
N VAL A 140 -6.62 -9.95 5.61
CA VAL A 140 -5.76 -10.79 4.79
C VAL A 140 -6.59 -11.93 4.18
N PRO A 141 -6.59 -12.07 2.85
CA PRO A 141 -7.42 -13.07 2.16
C PRO A 141 -7.00 -14.49 2.51
N ARG A 142 -7.92 -15.25 3.06
CA ARG A 142 -7.63 -16.61 3.49
C ARG A 142 -7.52 -17.54 2.30
N ASP A 143 -6.27 -17.88 1.95
CA ASP A 143 -5.99 -18.83 0.86
C ASP A 143 -6.62 -18.38 -0.45
N GLN A 144 -6.53 -17.08 -0.72
CA GLN A 144 -7.09 -16.51 -1.94
C GLN A 144 -6.40 -17.09 -3.18
N THR A 145 -5.18 -16.66 -3.45
CA THR A 145 -4.41 -17.19 -4.56
C THR A 145 -2.88 -17.16 -4.32
N PRO A 146 -2.39 -17.46 -3.09
CA PRO A 146 -0.95 -17.65 -2.88
C PRO A 146 -0.43 -18.91 -3.55
N ASP A 147 0.59 -18.76 -4.38
CA ASP A 147 1.25 -19.90 -5.00
C ASP A 147 2.61 -19.50 -5.61
N GLU A 148 2.68 -19.42 -6.93
CA GLU A 148 3.95 -19.24 -7.63
C GLU A 148 4.66 -17.95 -7.22
N ASN A 149 3.92 -16.85 -7.17
CA ASN A 149 4.52 -15.55 -6.87
C ASN A 149 4.63 -15.32 -5.37
N GLU A 150 4.13 -16.32 -4.60
CA GLU A 150 4.19 -16.33 -3.12
C GLU A 150 3.83 -14.99 -2.50
N GLN A 151 2.89 -14.28 -3.10
CA GLN A 151 2.52 -12.97 -2.59
C GLN A 151 1.01 -12.78 -2.58
N VAL A 152 0.54 -12.05 -1.58
CA VAL A 152 -0.87 -11.74 -1.44
C VAL A 152 -1.06 -10.27 -1.10
N ILE A 153 -2.31 -9.84 -1.05
CA ILE A 153 -2.62 -8.46 -0.71
C ILE A 153 -3.21 -8.37 0.69
N VAL A 154 -2.52 -7.67 1.56
CA VAL A 154 -3.07 -7.35 2.86
C VAL A 154 -3.44 -5.88 2.88
N LYS A 155 -4.58 -5.56 3.46
CA LYS A 155 -5.11 -4.23 3.33
C LYS A 155 -5.54 -3.67 4.68
N ILE A 156 -5.34 -2.38 4.85
CA ILE A 156 -5.66 -1.69 6.08
C ILE A 156 -6.73 -0.64 5.84
N ILE A 157 -7.82 -0.73 6.57
CA ILE A 157 -8.91 0.23 6.45
C ILE A 157 -9.06 1.00 7.75
N GLY A 158 -8.80 2.30 7.69
CA GLY A 158 -8.89 3.12 8.87
C GLY A 158 -8.59 4.56 8.59
N HIS A 159 -8.05 5.25 9.59
CA HIS A 159 -7.71 6.65 9.46
C HIS A 159 -6.22 6.79 9.15
N PHE A 160 -5.71 8.02 9.05
CA PHE A 160 -4.33 8.22 8.62
C PHE A 160 -3.33 7.62 9.60
N TYR A 161 -3.48 7.94 10.88
CA TYR A 161 -2.58 7.43 11.90
C TYR A 161 -2.80 5.95 12.12
N ALA A 162 -4.05 5.52 11.93
CA ALA A 162 -4.41 4.12 12.07
C ALA A 162 -3.69 3.27 11.03
N SER A 163 -3.83 3.65 9.77
CA SER A 163 -3.18 2.93 8.68
C SER A 163 -1.66 2.99 8.82
N GLN A 164 -1.12 4.18 9.08
CA GLN A 164 0.32 4.37 9.16
C GLN A 164 0.96 3.45 10.21
N MET A 165 0.41 3.48 11.42
CA MET A 165 0.90 2.64 12.51
C MET A 165 0.79 1.15 12.14
N ALA A 166 -0.32 0.77 11.54
CA ALA A 166 -0.57 -0.60 11.13
C ALA A 166 0.45 -1.07 10.08
N GLN A 167 0.65 -0.25 9.06
CA GLN A 167 1.61 -0.56 7.99
C GLN A 167 3.00 -0.79 8.57
N ARG A 168 3.36 0.02 9.58
CA ARG A 168 4.63 -0.15 10.26
C ARG A 168 4.72 -1.50 10.95
N LYS A 169 3.64 -1.92 11.61
CA LYS A 169 3.62 -3.21 12.30
C LYS A 169 3.81 -4.36 11.31
N ILE A 170 3.14 -4.27 10.16
CA ILE A 170 3.23 -5.31 9.15
C ILE A 170 4.67 -5.52 8.69
N ARG A 171 5.30 -4.43 8.25
CA ARG A 171 6.69 -4.51 7.81
C ARG A 171 7.63 -4.85 8.96
N ASP A 172 7.28 -4.42 10.17
CA ASP A 172 8.08 -4.72 11.35
C ASP A 172 8.13 -6.22 11.54
N ILE A 173 6.97 -6.83 11.64
CA ILE A 173 6.88 -8.29 11.76
C ILE A 173 7.53 -8.96 10.55
N LEU A 174 7.16 -8.50 9.35
CA LEU A 174 7.63 -9.09 8.11
C LEU A 174 9.15 -9.12 8.04
N ALA A 175 9.79 -7.99 8.31
CA ALA A 175 11.25 -7.89 8.24
C ALA A 175 11.91 -8.89 9.17
N GLN A 176 11.38 -8.98 10.39
CA GLN A 176 11.90 -9.92 11.38
C GLN A 176 11.65 -11.37 10.95
N VAL A 177 10.54 -11.62 10.25
CA VAL A 177 10.30 -12.95 9.67
C VAL A 177 11.29 -13.26 8.56
N LYS A 178 11.61 -12.26 7.74
CA LYS A 178 12.65 -12.39 6.73
C LYS A 178 13.96 -12.79 7.38
N GLN A 179 14.34 -12.01 8.39
CA GLN A 179 15.54 -12.30 9.18
C GLN A 179 15.48 -13.72 9.72
N GLN A 180 14.36 -14.03 10.39
CA GLN A 180 14.08 -15.36 10.95
C GLN A 180 14.37 -16.48 9.95
N HIS A 181 13.80 -16.34 8.75
CA HIS A 181 13.95 -17.35 7.70
C HIS A 181 15.37 -17.41 7.14
N GLN A 182 16.00 -16.26 6.93
CA GLN A 182 17.33 -16.23 6.34
C GLN A 182 18.39 -16.74 7.32
N LYS A 183 18.24 -16.41 8.60
CA LYS A 183 19.21 -16.82 9.61
C LYS A 183 18.62 -16.72 11.01
N GLY A 184 18.09 -15.55 11.32
CA GLY A 184 17.55 -15.29 12.63
C GLY A 184 17.93 -13.91 13.11
N GLN A 185 17.95 -13.73 14.42
CA GLN A 185 18.33 -12.45 14.99
C GLN A 185 19.84 -12.38 15.16
N SER A 186 20.52 -11.94 14.09
CA SER A 186 21.99 -11.81 14.06
C SER A 186 22.67 -13.19 13.95
N GLY A 187 22.00 -14.22 14.44
CA GLY A 187 22.56 -15.56 14.43
C GLY A 187 22.53 -16.16 15.81
N GLN A 188 23.00 -15.38 16.77
CA GLN A 188 22.92 -15.75 18.18
C GLN A 188 22.90 -14.48 19.01
N LEU A 189 21.74 -14.10 19.49
CA LEU A 189 21.60 -12.87 20.26
C LEU A 189 21.95 -13.11 21.72
N GLN A 190 23.23 -13.15 22.02
CA GLN A 190 23.70 -13.27 23.39
C GLN A 190 23.49 -11.94 24.11
N ALA A 191 22.68 -11.97 25.16
CA ALA A 191 22.38 -10.78 25.92
C ALA A 191 23.52 -10.42 26.88
N GLY A 1 23.64 3.66 -22.00
CA GLY A 1 22.60 4.29 -22.86
C GLY A 1 21.64 3.26 -23.44
N ALA A 2 20.35 3.57 -23.36
CA ALA A 2 19.29 2.71 -23.90
C ALA A 2 19.25 1.36 -23.18
N MET A 3 18.70 1.37 -21.97
CA MET A 3 18.58 0.15 -21.19
C MET A 3 17.30 0.18 -20.34
N GLY A 4 16.96 1.36 -19.83
CA GLY A 4 15.83 1.50 -18.93
C GLY A 4 14.50 1.15 -19.56
N PRO A 5 14.03 1.91 -20.56
CA PRO A 5 12.73 1.68 -21.21
C PRO A 5 12.76 0.50 -22.19
N SER A 6 13.91 -0.18 -22.26
CA SER A 6 14.07 -1.42 -23.04
C SER A 6 13.35 -1.38 -24.38
N SER A 7 13.55 -0.30 -25.13
CA SER A 7 12.88 -0.10 -26.40
C SER A 7 13.65 -0.77 -27.54
N VAL A 8 14.95 -1.02 -27.29
CA VAL A 8 15.83 -1.63 -28.28
C VAL A 8 16.10 -0.68 -29.45
N SER A 9 15.10 -0.49 -30.30
CA SER A 9 15.26 0.38 -31.46
C SER A 9 14.86 1.81 -31.12
N GLY A 10 13.57 2.01 -30.87
CA GLY A 10 13.06 3.30 -30.51
C GLY A 10 11.57 3.30 -30.36
N ALA A 11 11.08 3.74 -29.20
CA ALA A 11 9.65 3.75 -28.94
C ALA A 11 9.20 5.05 -28.29
N ALA A 12 10.17 5.94 -28.07
CA ALA A 12 9.95 7.22 -27.41
C ALA A 12 9.53 7.02 -25.95
N PRO A 13 10.51 6.98 -25.04
CA PRO A 13 10.26 6.74 -23.61
C PRO A 13 9.52 7.90 -22.94
N PHE A 14 8.20 7.95 -23.12
CA PHE A 14 7.37 8.96 -22.48
C PHE A 14 6.83 8.43 -21.15
N SER A 15 7.25 7.23 -20.79
CA SER A 15 6.81 6.60 -19.56
C SER A 15 7.58 7.15 -18.36
N SER A 16 7.59 8.46 -18.21
CA SER A 16 8.25 9.10 -17.10
C SER A 16 7.25 9.38 -15.98
N PHE A 17 6.82 8.31 -15.32
CA PHE A 17 5.85 8.43 -14.24
C PHE A 17 6.57 8.37 -12.89
N MET A 18 7.76 8.98 -12.87
CA MET A 18 8.64 8.94 -11.69
C MET A 18 9.09 7.50 -11.42
N PRO A 19 10.20 7.07 -12.03
CA PRO A 19 10.69 5.68 -11.95
C PRO A 19 10.79 5.16 -10.51
N PRO A 20 9.94 4.19 -10.17
CA PRO A 20 9.88 3.61 -8.83
C PRO A 20 10.75 2.38 -8.66
N GLU A 21 11.52 2.34 -7.59
CA GLU A 21 12.28 1.14 -7.24
C GLU A 21 12.11 0.82 -5.75
N GLN A 22 11.15 1.47 -5.12
CA GLN A 22 11.03 1.40 -3.67
C GLN A 22 9.67 0.85 -3.25
N GLU A 23 9.26 1.19 -2.03
CA GLU A 23 8.03 0.70 -1.45
C GLU A 23 6.83 1.18 -2.26
N THR A 24 5.99 0.25 -2.65
CA THR A 24 4.88 0.55 -3.53
C THR A 24 3.54 0.21 -2.87
N VAL A 25 2.73 1.21 -2.59
CA VAL A 25 1.40 0.99 -2.07
C VAL A 25 0.35 1.35 -3.11
N HIS A 26 -0.69 0.55 -3.17
CA HIS A 26 -1.82 0.85 -4.02
C HIS A 26 -3.08 0.89 -3.19
N VAL A 27 -3.66 2.06 -3.07
CA VAL A 27 -4.86 2.23 -2.26
C VAL A 27 -6.01 2.72 -3.11
N PHE A 28 -7.17 2.12 -2.90
CA PHE A 28 -8.34 2.39 -3.72
C PHE A 28 -9.24 3.42 -3.08
N ILE A 29 -9.48 4.50 -3.80
CA ILE A 29 -10.44 5.49 -3.36
C ILE A 29 -11.73 5.31 -4.14
N PRO A 30 -12.88 5.54 -3.47
CA PRO A 30 -14.20 5.36 -4.09
C PRO A 30 -14.40 6.36 -5.22
N ALA A 31 -15.10 5.92 -6.27
CA ALA A 31 -15.33 6.74 -7.46
C ALA A 31 -15.97 8.08 -7.09
N GLN A 32 -16.68 8.08 -5.98
CA GLN A 32 -17.30 9.29 -5.46
C GLN A 32 -16.24 10.29 -5.03
N ALA A 33 -15.15 9.79 -4.46
CA ALA A 33 -14.09 10.64 -3.93
C ALA A 33 -13.07 10.97 -5.01
N VAL A 34 -12.93 10.10 -6.01
CA VAL A 34 -11.95 10.31 -7.07
C VAL A 34 -12.24 11.62 -7.78
N GLY A 35 -13.51 11.88 -8.03
CA GLY A 35 -13.93 13.11 -8.68
C GLY A 35 -13.46 14.35 -7.92
N ALA A 36 -13.36 14.24 -6.60
CA ALA A 36 -12.89 15.35 -5.78
C ALA A 36 -11.38 15.48 -5.85
N ILE A 37 -10.70 14.34 -5.79
CA ILE A 37 -9.24 14.30 -5.85
C ILE A 37 -8.76 14.88 -7.18
N ILE A 38 -9.39 14.41 -8.25
CA ILE A 38 -9.04 14.82 -9.60
C ILE A 38 -9.78 16.10 -9.96
N GLY A 39 -10.54 16.61 -9.01
CA GLY A 39 -11.30 17.83 -9.23
C GLY A 39 -10.42 19.06 -9.21
N ASP A 40 -9.48 19.10 -8.27
CA ASP A 40 -8.57 20.24 -8.14
C ASP A 40 -7.72 20.39 -9.40
N ASP A 41 -8.11 21.32 -10.27
CA ASP A 41 -7.40 21.62 -11.52
C ASP A 41 -7.47 20.46 -12.50
N GLY A 42 -8.04 19.34 -12.08
CA GLY A 42 -7.95 18.11 -12.86
C GLY A 42 -6.51 17.69 -13.05
N GLN A 43 -5.65 18.19 -12.17
CA GLN A 43 -4.21 18.03 -12.30
C GLN A 43 -3.59 17.72 -10.93
N HIS A 44 -4.38 17.86 -9.87
CA HIS A 44 -3.89 17.71 -8.51
C HIS A 44 -3.29 16.32 -8.29
N ILE A 45 -3.98 15.30 -8.78
CA ILE A 45 -3.47 13.93 -8.70
C ILE A 45 -2.12 13.80 -9.39
N LYS A 46 -1.96 14.45 -10.54
CA LYS A 46 -0.69 14.45 -11.27
C LYS A 46 0.40 15.15 -10.47
N GLN A 47 0.08 16.34 -9.94
CA GLN A 47 1.03 17.13 -9.15
C GLN A 47 1.54 16.33 -7.95
N LEU A 48 0.68 15.44 -7.47
CA LEU A 48 0.97 14.60 -6.31
C LEU A 48 2.32 13.86 -6.44
N SER A 49 2.75 13.60 -7.67
CA SER A 49 4.00 12.89 -7.92
C SER A 49 5.19 13.64 -7.29
N ARG A 50 5.43 14.84 -7.77
CA ARG A 50 6.55 15.64 -7.28
C ARG A 50 6.22 16.21 -5.90
N PHE A 51 4.95 16.52 -5.68
CA PHE A 51 4.50 17.13 -4.44
C PHE A 51 4.96 16.35 -3.21
N ALA A 52 4.85 15.03 -3.26
CA ALA A 52 5.26 14.20 -2.13
C ALA A 52 6.53 13.42 -2.46
N SER A 53 7.16 13.80 -3.56
CA SER A 53 8.39 13.16 -4.03
C SER A 53 8.20 11.65 -4.17
N ALA A 54 7.20 11.24 -4.94
CA ALA A 54 6.84 9.84 -5.08
C ALA A 54 6.46 9.50 -6.51
N SER A 55 6.33 8.20 -6.77
CA SER A 55 5.89 7.72 -8.06
C SER A 55 4.38 7.83 -8.12
N ILE A 56 3.88 8.12 -9.32
CA ILE A 56 2.58 8.75 -9.47
C ILE A 56 1.39 7.78 -9.48
N LYS A 57 0.28 8.40 -9.12
CA LYS A 57 -1.02 7.89 -8.80
C LYS A 57 -1.93 7.92 -10.02
N ILE A 58 -3.20 7.86 -9.75
CA ILE A 58 -4.19 6.95 -10.31
C ILE A 58 -4.36 6.95 -11.81
N ALA A 59 -4.80 5.77 -12.23
CA ALA A 59 -5.09 5.49 -13.62
C ALA A 59 -6.59 5.53 -13.86
N PRO A 60 -7.01 5.87 -15.09
CA PRO A 60 -8.43 5.92 -15.47
C PRO A 60 -9.11 4.55 -15.34
N PRO A 61 -10.43 4.55 -15.08
CA PRO A 61 -11.22 3.31 -14.91
C PRO A 61 -11.21 2.44 -16.15
N GLU A 62 -10.33 1.46 -16.17
CA GLU A 62 -10.21 0.54 -17.28
C GLU A 62 -10.87 -0.80 -16.99
N THR A 63 -10.51 -1.39 -15.86
CA THR A 63 -10.94 -2.74 -15.52
C THR A 63 -12.33 -2.73 -14.87
N PRO A 64 -12.91 -3.92 -14.59
CA PRO A 64 -14.22 -4.06 -13.92
C PRO A 64 -14.22 -3.48 -12.51
N ASP A 65 -13.06 -3.02 -12.06
CA ASP A 65 -12.92 -2.39 -10.74
C ASP A 65 -13.45 -0.95 -10.78
N SER A 66 -14.46 -0.72 -11.62
CA SER A 66 -14.98 0.62 -11.89
C SER A 66 -15.70 1.22 -10.67
N LYS A 67 -15.68 0.52 -9.55
CA LYS A 67 -16.25 1.04 -8.32
C LYS A 67 -15.30 2.07 -7.71
N VAL A 68 -14.02 1.87 -7.94
CA VAL A 68 -12.98 2.71 -7.36
C VAL A 68 -11.93 3.05 -8.41
N ARG A 69 -10.95 3.86 -8.01
CA ARG A 69 -9.79 4.15 -8.85
C ARG A 69 -8.53 3.85 -8.05
N MET A 70 -7.55 3.24 -8.70
CA MET A 70 -6.33 2.84 -8.01
C MET A 70 -5.34 4.00 -7.96
N VAL A 71 -4.99 4.40 -6.73
CA VAL A 71 -4.00 5.45 -6.52
C VAL A 71 -2.65 4.82 -6.31
N VAL A 72 -1.65 5.41 -6.92
CA VAL A 72 -0.32 4.85 -6.90
C VAL A 72 0.62 5.70 -6.08
N ILE A 73 1.02 5.19 -4.93
CA ILE A 73 2.02 5.86 -4.12
C ILE A 73 3.27 4.99 -3.99
N THR A 74 4.32 5.35 -4.70
CA THR A 74 5.58 4.61 -4.57
C THR A 74 6.71 5.52 -4.11
N GLY A 75 7.52 5.01 -3.19
CA GLY A 75 8.67 5.75 -2.73
C GLY A 75 9.04 5.39 -1.31
N PRO A 76 9.70 6.29 -0.58
CA PRO A 76 10.04 6.08 0.82
C PRO A 76 8.80 6.17 1.71
N PRO A 77 8.85 5.59 2.91
CA PRO A 77 7.75 5.69 3.90
C PRO A 77 7.36 7.14 4.18
N GLU A 78 8.29 8.05 3.92
CA GLU A 78 8.03 9.48 4.00
C GLU A 78 6.98 9.90 3.00
N ALA A 79 7.09 9.35 1.80
CA ALA A 79 6.21 9.69 0.70
C ALA A 79 4.87 9.00 0.85
N GLN A 80 4.89 7.79 1.38
CA GLN A 80 3.64 7.12 1.74
C GLN A 80 2.95 7.90 2.86
N PHE A 81 3.74 8.46 3.75
CA PHE A 81 3.21 9.27 4.82
C PHE A 81 2.53 10.52 4.27
N LYS A 82 3.25 11.25 3.43
CA LYS A 82 2.76 12.53 2.91
C LYS A 82 1.66 12.32 1.87
N ALA A 83 1.93 11.53 0.85
CA ALA A 83 0.99 11.34 -0.26
C ALA A 83 -0.25 10.55 0.15
N GLN A 84 -0.06 9.43 0.83
CA GLN A 84 -1.19 8.58 1.23
C GLN A 84 -1.97 9.29 2.34
N GLY A 85 -1.27 10.03 3.18
CA GLY A 85 -1.91 10.85 4.17
C GLY A 85 -2.64 12.02 3.55
N ARG A 86 -2.11 12.51 2.44
CA ARG A 86 -2.66 13.67 1.74
C ARG A 86 -4.03 13.35 1.18
N ILE A 87 -4.17 12.19 0.53
CA ILE A 87 -5.46 11.80 -0.04
C ILE A 87 -6.49 11.59 1.08
N TYR A 88 -6.03 11.08 2.21
CA TYR A 88 -6.88 10.93 3.38
C TYR A 88 -7.38 12.28 3.88
N GLY A 89 -6.50 13.27 3.84
CA GLY A 89 -6.86 14.61 4.25
C GLY A 89 -7.82 15.24 3.27
N LYS A 90 -7.70 14.87 2.01
CA LYS A 90 -8.60 15.35 0.98
C LYS A 90 -10.01 14.83 1.28
N LEU A 91 -10.11 13.54 1.52
CA LEU A 91 -11.36 12.91 1.94
C LEU A 91 -12.03 13.63 3.12
N LYS A 92 -11.25 14.33 3.94
CA LYS A 92 -11.84 15.13 5.01
C LYS A 92 -12.45 16.41 4.45
N GLU A 93 -11.73 17.05 3.55
CA GLU A 93 -12.12 18.36 3.02
C GLU A 93 -13.29 18.28 2.03
N GLU A 94 -13.38 17.20 1.24
CA GLU A 94 -14.36 17.14 0.17
C GLU A 94 -15.77 16.82 0.69
N ASN A 95 -15.88 16.69 2.01
CA ASN A 95 -17.16 16.56 2.72
C ASN A 95 -17.82 15.20 2.52
N PHE A 96 -17.11 14.24 1.95
CA PHE A 96 -17.65 12.89 1.83
C PHE A 96 -17.55 12.21 3.18
N PHE A 97 -16.37 12.33 3.79
CA PHE A 97 -16.18 11.90 5.16
C PHE A 97 -15.51 13.04 5.93
N GLY A 98 -16.19 14.16 5.99
CA GLY A 98 -15.61 15.32 6.60
C GLY A 98 -16.15 15.58 7.98
N PRO A 99 -17.27 16.30 8.09
CA PRO A 99 -17.89 16.63 9.37
C PRO A 99 -18.44 15.41 10.10
N LYS A 100 -19.00 14.46 9.35
CA LYS A 100 -19.80 13.41 9.96
C LYS A 100 -19.06 12.07 10.10
N GLU A 101 -18.08 11.81 9.25
CA GLU A 101 -17.56 10.45 9.13
C GLU A 101 -16.04 10.43 9.04
N GLU A 102 -15.45 9.30 9.44
CA GLU A 102 -14.02 9.05 9.31
C GLU A 102 -13.74 8.47 7.93
N VAL A 103 -12.68 8.96 7.28
CA VAL A 103 -12.31 8.49 5.96
C VAL A 103 -11.69 7.10 6.03
N LYS A 104 -12.18 6.21 5.18
CA LYS A 104 -11.75 4.83 5.19
C LYS A 104 -11.35 4.38 3.79
N LEU A 105 -10.06 4.16 3.59
CA LEU A 105 -9.54 3.71 2.32
C LEU A 105 -8.94 2.32 2.47
N GLU A 106 -8.77 1.65 1.34
CA GLU A 106 -8.25 0.29 1.33
C GLU A 106 -6.80 0.28 0.83
N THR A 107 -5.85 0.12 1.73
CA THR A 107 -4.44 0.10 1.36
C THR A 107 -3.96 -1.32 1.03
N HIS A 108 -3.33 -1.47 -0.13
CA HIS A 108 -2.79 -2.76 -0.56
C HIS A 108 -1.27 -2.74 -0.61
N ILE A 109 -0.63 -3.62 0.14
CA ILE A 109 0.81 -3.81 0.03
C ILE A 109 1.12 -5.27 -0.31
N ARG A 110 2.12 -5.46 -1.16
CA ARG A 110 2.54 -6.80 -1.56
C ARG A 110 3.49 -7.40 -0.54
N VAL A 111 3.10 -8.51 0.06
CA VAL A 111 3.92 -9.18 1.07
C VAL A 111 4.02 -10.67 0.75
N PRO A 112 5.02 -11.36 1.31
CA PRO A 112 5.20 -12.80 1.08
C PRO A 112 4.16 -13.63 1.82
N ALA A 113 3.69 -14.68 1.15
CA ALA A 113 2.67 -15.57 1.68
C ALA A 113 3.11 -16.21 2.98
N SER A 114 4.41 -16.44 3.10
CA SER A 114 4.97 -17.02 4.31
C SER A 114 4.72 -16.10 5.50
N ALA A 115 4.61 -14.80 5.24
CA ALA A 115 4.43 -13.82 6.30
C ALA A 115 2.97 -13.43 6.47
N ALA A 116 2.14 -13.75 5.47
CA ALA A 116 0.70 -13.41 5.52
C ALA A 116 0.03 -14.02 6.74
N GLY A 117 0.56 -15.14 7.21
CA GLY A 117 -0.01 -15.79 8.36
C GLY A 117 0.38 -15.12 9.67
N ARG A 118 1.61 -14.60 9.76
CA ARG A 118 2.07 -13.98 10.98
C ARG A 118 1.84 -12.46 10.96
N VAL A 119 1.59 -11.90 9.78
CA VAL A 119 1.31 -10.47 9.66
C VAL A 119 0.02 -10.14 10.43
N ILE A 120 -0.81 -11.16 10.62
CA ILE A 120 -2.05 -11.03 11.34
C ILE A 120 -1.84 -11.35 12.83
N GLY A 121 -0.60 -11.62 13.19
CA GLY A 121 -0.28 -11.94 14.56
C GLY A 121 -0.60 -13.38 14.88
N LYS A 122 -0.82 -13.67 16.15
CA LYS A 122 -1.12 -15.03 16.58
C LYS A 122 -2.61 -15.32 16.44
N GLY A 123 -3.10 -15.27 15.21
CA GLY A 123 -4.48 -15.60 14.93
C GLY A 123 -5.40 -14.40 14.90
N GLY A 124 -4.88 -13.26 14.50
CA GLY A 124 -5.73 -12.09 14.35
C GLY A 124 -5.45 -11.02 15.40
N LYS A 125 -4.48 -11.26 16.27
CA LYS A 125 -4.16 -10.34 17.35
C LYS A 125 -3.88 -8.93 16.86
N THR A 126 -3.09 -8.80 15.78
CA THR A 126 -2.71 -7.49 15.27
C THR A 126 -3.92 -6.73 14.74
N VAL A 127 -4.85 -7.46 14.14
CA VAL A 127 -6.07 -6.85 13.64
C VAL A 127 -6.86 -6.21 14.77
N ASN A 128 -7.02 -6.97 15.85
CA ASN A 128 -7.72 -6.45 17.04
C ASN A 128 -6.97 -5.27 17.64
N GLU A 129 -5.66 -5.43 17.80
CA GLU A 129 -4.82 -4.37 18.38
C GLU A 129 -4.91 -3.09 17.57
N LEU A 130 -4.73 -3.21 16.27
CA LEU A 130 -4.66 -2.05 15.39
C LEU A 130 -6.03 -1.46 15.13
N GLN A 131 -7.05 -2.30 15.01
CA GLN A 131 -8.39 -1.78 14.73
C GLN A 131 -8.98 -1.09 15.95
N ASN A 132 -8.92 -1.75 17.10
CA ASN A 132 -9.57 -1.24 18.30
C ASN A 132 -8.88 0.01 18.83
N LEU A 133 -7.55 0.03 18.78
CA LEU A 133 -6.81 1.14 19.35
C LEU A 133 -6.41 2.17 18.29
N THR A 134 -5.83 1.68 17.19
CA THR A 134 -5.28 2.56 16.18
C THR A 134 -6.30 2.91 15.09
N ALA A 135 -7.40 2.13 15.04
CA ALA A 135 -8.45 2.28 14.02
C ALA A 135 -7.96 1.81 12.66
N ALA A 136 -7.04 0.85 12.67
CA ALA A 136 -6.49 0.30 11.45
C ALA A 136 -6.98 -1.13 11.25
N GLU A 137 -7.82 -1.33 10.26
CA GLU A 137 -8.42 -2.62 9.98
C GLU A 137 -7.52 -3.43 9.05
N VAL A 138 -6.93 -4.50 9.58
CA VAL A 138 -6.00 -5.32 8.81
C VAL A 138 -6.68 -6.58 8.31
N VAL A 139 -6.53 -6.85 7.01
CA VAL A 139 -7.17 -8.00 6.39
C VAL A 139 -6.18 -8.76 5.51
N VAL A 140 -6.21 -10.10 5.59
CA VAL A 140 -5.40 -10.95 4.72
C VAL A 140 -6.36 -11.54 3.67
N PRO A 141 -5.91 -11.82 2.43
CA PRO A 141 -6.82 -12.28 1.37
C PRO A 141 -7.45 -13.62 1.72
N ARG A 142 -6.61 -14.63 1.79
CA ARG A 142 -6.99 -15.94 2.27
C ARG A 142 -5.83 -16.45 3.10
N ASP A 143 -6.09 -17.41 3.97
CA ASP A 143 -5.09 -17.88 4.91
C ASP A 143 -3.90 -18.53 4.21
N GLN A 144 -2.91 -17.68 3.92
CA GLN A 144 -1.66 -18.08 3.29
C GLN A 144 -1.89 -18.76 1.94
N THR A 145 -2.47 -18.00 1.01
CA THR A 145 -2.52 -18.44 -0.37
C THR A 145 -1.63 -17.50 -1.21
N PRO A 146 -0.54 -18.03 -1.77
CA PRO A 146 0.46 -17.25 -2.48
C PRO A 146 0.24 -17.17 -3.98
N ASP A 147 0.76 -16.10 -4.58
CA ASP A 147 0.89 -16.01 -6.02
C ASP A 147 2.12 -16.80 -6.48
N GLU A 148 2.48 -16.65 -7.75
CA GLU A 148 3.62 -17.38 -8.32
C GLU A 148 4.88 -17.26 -7.47
N ASN A 149 5.19 -16.02 -7.06
CA ASN A 149 6.38 -15.74 -6.27
C ASN A 149 6.07 -15.68 -4.78
N GLU A 150 4.99 -16.37 -4.39
CA GLU A 150 4.48 -16.38 -3.01
C GLU A 150 4.13 -14.97 -2.55
N GLN A 151 3.57 -14.19 -3.45
CA GLN A 151 3.18 -12.83 -3.16
C GLN A 151 1.70 -12.78 -2.82
N VAL A 152 1.35 -11.98 -1.81
CA VAL A 152 -0.04 -11.80 -1.41
C VAL A 152 -0.31 -10.33 -1.15
N ILE A 153 -1.57 -10.00 -0.95
CA ILE A 153 -1.97 -8.63 -0.65
C ILE A 153 -2.57 -8.54 0.73
N VAL A 154 -2.06 -7.67 1.57
CA VAL A 154 -2.70 -7.40 2.84
C VAL A 154 -3.33 -6.01 2.81
N LYS A 155 -4.53 -5.91 3.36
CA LYS A 155 -5.35 -4.72 3.21
C LYS A 155 -5.44 -3.98 4.54
N ILE A 156 -5.36 -2.65 4.45
CA ILE A 156 -5.51 -1.80 5.62
C ILE A 156 -6.61 -0.78 5.40
N ILE A 157 -7.63 -0.85 6.23
CA ILE A 157 -8.75 0.08 6.17
C ILE A 157 -8.71 1.00 7.38
N GLY A 158 -8.45 2.29 7.17
CA GLY A 158 -8.41 3.20 8.29
C GLY A 158 -8.04 4.61 7.90
N HIS A 159 -7.51 5.37 8.86
CA HIS A 159 -7.11 6.75 8.64
C HIS A 159 -5.63 6.78 8.26
N PHE A 160 -5.07 7.96 8.00
CA PHE A 160 -3.68 8.06 7.56
C PHE A 160 -2.71 7.61 8.64
N TYR A 161 -2.91 8.11 9.86
CA TYR A 161 -2.05 7.75 10.99
C TYR A 161 -2.14 6.24 11.23
N ALA A 162 -3.37 5.74 11.27
CA ALA A 162 -3.64 4.32 11.42
C ALA A 162 -2.95 3.50 10.36
N SER A 163 -3.12 3.89 9.10
CA SER A 163 -2.56 3.14 7.97
C SER A 163 -1.04 3.05 8.08
N GLN A 164 -0.38 4.20 8.32
CA GLN A 164 1.07 4.23 8.41
C GLN A 164 1.58 3.29 9.48
N MET A 165 1.07 3.46 10.68
CA MET A 165 1.46 2.63 11.82
C MET A 165 1.25 1.15 11.50
N ALA A 166 0.11 0.82 10.92
CA ALA A 166 -0.20 -0.56 10.55
C ALA A 166 0.82 -1.09 9.54
N GLN A 167 1.02 -0.33 8.45
CA GLN A 167 1.96 -0.71 7.40
C GLN A 167 3.36 -0.94 7.96
N ARG A 168 3.79 -0.03 8.83
CA ARG A 168 5.12 -0.10 9.41
C ARG A 168 5.25 -1.26 10.40
N LYS A 169 4.18 -1.60 11.12
CA LYS A 169 4.17 -2.83 11.91
C LYS A 169 4.26 -4.06 11.01
N ILE A 170 3.49 -4.03 9.92
CA ILE A 170 3.50 -5.12 8.95
C ILE A 170 4.90 -5.39 8.43
N ARG A 171 5.55 -4.35 7.93
CA ARG A 171 6.89 -4.47 7.37
C ARG A 171 7.88 -5.00 8.41
N ASP A 172 7.69 -4.60 9.67
CA ASP A 172 8.56 -5.04 10.75
C ASP A 172 8.37 -6.52 11.03
N ILE A 173 7.13 -6.92 11.32
CA ILE A 173 6.83 -8.33 11.57
C ILE A 173 7.26 -9.18 10.39
N LEU A 174 6.97 -8.69 9.19
CA LEU A 174 7.35 -9.35 7.95
C LEU A 174 8.86 -9.63 7.94
N ALA A 175 9.65 -8.58 8.13
CA ALA A 175 11.10 -8.68 8.15
C ALA A 175 11.56 -9.67 9.22
N GLN A 176 10.95 -9.56 10.40
CA GLN A 176 11.28 -10.44 11.52
C GLN A 176 10.97 -11.91 11.20
N VAL A 177 9.92 -12.15 10.40
CA VAL A 177 9.62 -13.49 9.93
C VAL A 177 10.75 -14.04 9.07
N LYS A 178 11.14 -13.24 8.07
CA LYS A 178 12.24 -13.62 7.20
C LYS A 178 13.53 -13.82 8.00
N GLN A 179 13.77 -12.94 8.95
CA GLN A 179 14.92 -13.07 9.84
C GLN A 179 14.88 -14.37 10.62
N GLN A 180 13.71 -14.67 11.20
CA GLN A 180 13.50 -15.91 11.92
C GLN A 180 13.78 -17.11 11.03
N HIS A 181 13.24 -17.07 9.82
CA HIS A 181 13.46 -18.12 8.83
C HIS A 181 14.94 -18.23 8.46
N GLN A 182 15.65 -17.10 8.47
CA GLN A 182 17.05 -17.06 8.09
C GLN A 182 17.97 -17.50 9.22
N LYS A 183 17.78 -16.92 10.40
CA LYS A 183 18.66 -17.20 11.53
C LYS A 183 18.16 -18.41 12.32
N GLY A 184 18.86 -19.53 12.20
CA GLY A 184 18.47 -20.71 12.92
C GLY A 184 19.63 -21.66 13.15
N GLN A 185 19.77 -22.64 12.26
CA GLN A 185 20.77 -23.68 12.41
C GLN A 185 21.57 -23.86 11.11
N SER A 186 22.87 -23.62 11.19
CA SER A 186 23.76 -23.85 10.08
C SER A 186 24.47 -25.19 10.25
N GLY A 187 25.06 -25.38 11.43
CA GLY A 187 25.76 -26.62 11.72
C GLY A 187 26.52 -26.55 13.02
N GLN A 188 26.97 -27.70 13.49
CA GLN A 188 27.67 -27.79 14.77
C GLN A 188 29.09 -28.32 14.55
N LEU A 189 30.07 -27.44 14.65
CA LEU A 189 31.46 -27.83 14.45
C LEU A 189 32.17 -27.90 15.79
N GLN A 190 32.13 -29.06 16.42
CA GLN A 190 32.80 -29.27 17.70
C GLN A 190 33.63 -30.55 17.64
N ALA A 191 34.25 -30.79 16.50
CA ALA A 191 35.04 -31.99 16.29
C ALA A 191 36.06 -31.77 15.18
N GLY A 1 41.46 0.54 -15.47
CA GLY A 1 42.02 -0.09 -16.69
C GLY A 1 42.47 0.94 -17.70
N ALA A 2 42.80 0.48 -18.89
CA ALA A 2 43.23 1.36 -19.97
C ALA A 2 42.58 0.92 -21.28
N MET A 3 41.25 0.89 -21.27
CA MET A 3 40.47 0.43 -22.43
C MET A 3 40.84 -1.00 -22.79
N GLY A 4 40.63 -1.91 -21.84
CA GLY A 4 40.97 -3.30 -22.06
C GLY A 4 39.75 -4.19 -22.18
N PRO A 5 39.93 -5.45 -22.59
CA PRO A 5 38.83 -6.41 -22.75
C PRO A 5 38.20 -6.80 -21.41
N SER A 6 39.01 -6.74 -20.35
CA SER A 6 38.51 -6.97 -19.01
C SER A 6 37.94 -5.69 -18.42
N SER A 7 36.97 -5.12 -19.13
CA SER A 7 36.35 -3.86 -18.74
C SER A 7 35.44 -4.03 -17.53
N VAL A 8 35.98 -3.70 -16.36
CA VAL A 8 35.19 -3.73 -15.14
C VAL A 8 34.37 -2.45 -15.02
N SER A 9 33.29 -2.40 -15.77
CA SER A 9 32.47 -1.20 -15.86
C SER A 9 31.40 -1.19 -14.77
N GLY A 10 31.76 -0.64 -13.61
CA GLY A 10 30.80 -0.49 -12.54
C GLY A 10 30.75 -1.69 -11.62
N ALA A 11 30.87 -1.43 -10.32
CA ALA A 11 30.74 -2.48 -9.32
C ALA A 11 29.28 -2.76 -9.05
N ALA A 12 28.80 -3.88 -9.58
CA ALA A 12 27.38 -4.27 -9.47
C ALA A 12 26.47 -3.20 -10.07
N PRO A 13 26.25 -3.25 -11.40
CA PRO A 13 25.38 -2.31 -12.11
C PRO A 13 23.90 -2.54 -11.82
N PHE A 14 23.59 -3.77 -11.38
CA PHE A 14 22.24 -4.18 -11.03
C PHE A 14 21.33 -4.15 -12.24
N SER A 15 21.88 -4.52 -13.39
CA SER A 15 21.13 -4.51 -14.64
C SER A 15 20.40 -5.84 -14.87
N SER A 16 19.33 -6.05 -14.12
CA SER A 16 18.55 -7.26 -14.22
C SER A 16 17.38 -7.08 -15.20
N PHE A 17 16.83 -8.19 -15.67
CA PHE A 17 15.75 -8.18 -16.65
C PHE A 17 14.39 -8.01 -15.95
N MET A 18 14.32 -7.01 -15.06
CA MET A 18 13.10 -6.70 -14.32
C MET A 18 13.33 -5.46 -13.47
N PRO A 19 12.71 -4.33 -13.84
CA PRO A 19 12.83 -3.06 -13.12
C PRO A 19 11.90 -3.00 -11.90
N PRO A 20 12.46 -3.08 -10.69
CA PRO A 20 11.71 -3.05 -9.45
C PRO A 20 11.31 -1.63 -9.05
N GLU A 21 10.06 -1.44 -8.69
CA GLU A 21 9.54 -0.14 -8.31
C GLU A 21 9.64 0.08 -6.80
N GLN A 22 10.73 -0.43 -6.21
CA GLN A 22 10.98 -0.31 -4.77
C GLN A 22 9.75 -0.63 -3.94
N GLU A 23 9.35 0.32 -3.09
CA GLU A 23 8.16 0.18 -2.28
C GLU A 23 6.99 0.86 -2.98
N THR A 24 5.92 0.11 -3.22
CA THR A 24 4.75 0.65 -3.88
C THR A 24 3.46 0.15 -3.23
N VAL A 25 2.59 1.09 -2.88
CA VAL A 25 1.29 0.74 -2.31
C VAL A 25 0.19 0.98 -3.33
N HIS A 26 -0.95 0.33 -3.12
CA HIS A 26 -2.14 0.58 -3.90
C HIS A 26 -3.26 0.93 -2.95
N VAL A 27 -3.72 2.17 -2.99
CA VAL A 27 -4.80 2.57 -2.09
C VAL A 27 -5.99 3.10 -2.89
N PHE A 28 -7.17 2.68 -2.48
CA PHE A 28 -8.39 2.95 -3.22
C PHE A 28 -9.20 4.07 -2.60
N ILE A 29 -9.47 5.09 -3.40
CA ILE A 29 -10.33 6.18 -2.98
C ILE A 29 -11.72 5.95 -3.55
N PRO A 30 -12.75 6.55 -2.94
CA PRO A 30 -14.10 6.50 -3.46
C PRO A 30 -14.16 7.05 -4.88
N ALA A 31 -14.90 6.36 -5.74
CA ALA A 31 -15.01 6.74 -7.15
C ALA A 31 -15.63 8.12 -7.33
N GLN A 32 -16.20 8.65 -6.25
CA GLN A 32 -16.77 9.98 -6.26
C GLN A 32 -15.68 11.05 -6.19
N ALA A 33 -14.54 10.70 -5.61
CA ALA A 33 -13.50 11.67 -5.30
C ALA A 33 -12.57 11.94 -6.49
N VAL A 34 -12.60 11.09 -7.51
CA VAL A 34 -11.75 11.33 -8.69
C VAL A 34 -12.18 12.61 -9.41
N GLY A 35 -13.43 12.99 -9.24
CA GLY A 35 -13.88 14.25 -9.80
C GLY A 35 -13.11 15.43 -9.24
N ALA A 36 -12.84 15.39 -7.93
CA ALA A 36 -12.13 16.46 -7.27
C ALA A 36 -10.63 16.38 -7.51
N ILE A 37 -10.10 15.16 -7.49
CA ILE A 37 -8.66 14.96 -7.63
C ILE A 37 -8.21 15.06 -9.09
N ILE A 38 -8.89 14.32 -9.95
CA ILE A 38 -8.46 14.18 -11.34
C ILE A 38 -9.02 15.30 -12.22
N GLY A 39 -10.20 15.80 -11.86
CA GLY A 39 -10.94 16.68 -12.74
C GLY A 39 -10.19 17.94 -13.13
N ASP A 40 -9.55 18.60 -12.17
CA ASP A 40 -8.86 19.86 -12.41
C ASP A 40 -7.75 19.71 -13.45
N ASP A 41 -8.11 19.97 -14.70
CA ASP A 41 -7.16 19.98 -15.84
C ASP A 41 -6.55 18.61 -16.08
N GLY A 42 -7.02 17.60 -15.34
CA GLY A 42 -6.40 16.28 -15.39
C GLY A 42 -4.97 16.33 -14.88
N GLN A 43 -4.63 17.39 -14.17
CA GLN A 43 -3.26 17.60 -13.69
C GLN A 43 -3.22 17.68 -12.17
N HIS A 44 -4.39 17.97 -11.58
CA HIS A 44 -4.51 18.12 -10.12
C HIS A 44 -4.08 16.85 -9.40
N ILE A 45 -4.18 15.71 -10.07
CA ILE A 45 -3.76 14.43 -9.53
C ILE A 45 -2.25 14.37 -9.34
N LYS A 46 -1.52 14.96 -10.28
CA LYS A 46 -0.06 14.88 -10.29
C LYS A 46 0.54 15.66 -9.12
N GLN A 47 -0.24 16.57 -8.55
CA GLN A 47 0.17 17.33 -7.38
C GLN A 47 0.54 16.38 -6.24
N LEU A 48 -0.24 15.29 -6.11
CA LEU A 48 -0.03 14.31 -5.07
C LEU A 48 1.37 13.72 -5.17
N SER A 49 1.73 13.25 -6.36
CA SER A 49 3.01 12.59 -6.57
C SER A 49 4.18 13.51 -6.26
N ARG A 50 4.14 14.72 -6.78
CA ARG A 50 5.29 15.61 -6.69
C ARG A 50 5.47 16.13 -5.26
N PHE A 51 4.36 16.42 -4.60
CA PHE A 51 4.39 16.88 -3.21
C PHE A 51 4.90 15.79 -2.29
N ALA A 52 4.53 14.55 -2.60
CA ALA A 52 4.88 13.41 -1.77
C ALA A 52 6.24 12.82 -2.15
N SER A 53 6.83 13.36 -3.23
CA SER A 53 8.12 12.90 -3.73
C SER A 53 8.00 11.49 -4.29
N ALA A 54 6.87 11.22 -4.93
CA ALA A 54 6.57 9.88 -5.43
C ALA A 54 6.14 9.91 -6.88
N SER A 55 5.98 8.72 -7.44
CA SER A 55 5.39 8.56 -8.76
C SER A 55 4.01 7.96 -8.61
N ILE A 56 3.00 8.59 -9.18
CA ILE A 56 1.63 8.16 -8.97
C ILE A 56 0.96 7.71 -10.27
N LYS A 57 0.27 6.59 -10.19
CA LYS A 57 -0.56 6.11 -11.28
C LYS A 57 -1.97 5.91 -10.76
N ILE A 58 -2.98 6.17 -11.57
CA ILE A 58 -4.36 6.05 -11.12
C ILE A 58 -5.14 5.08 -11.99
N ALA A 59 -6.04 4.35 -11.36
CA ALA A 59 -6.92 3.43 -12.08
C ALA A 59 -8.32 4.04 -12.22
N PRO A 60 -8.64 4.54 -13.42
CA PRO A 60 -9.95 5.08 -13.73
C PRO A 60 -10.86 4.01 -14.35
N PRO A 61 -12.01 4.38 -14.96
CA PRO A 61 -12.83 3.42 -15.73
C PRO A 61 -12.01 2.62 -16.74
N GLU A 62 -10.80 3.10 -17.03
CA GLU A 62 -9.82 2.38 -17.83
C GLU A 62 -9.62 0.96 -17.30
N THR A 63 -9.65 0.80 -15.98
CA THR A 63 -9.45 -0.48 -15.35
C THR A 63 -10.78 -1.16 -15.03
N PRO A 64 -10.76 -2.49 -14.82
CA PRO A 64 -11.95 -3.24 -14.40
C PRO A 64 -12.32 -2.95 -12.94
N ASP A 65 -11.43 -2.25 -12.25
CA ASP A 65 -11.64 -1.90 -10.85
C ASP A 65 -12.25 -0.51 -10.75
N SER A 66 -13.04 -0.14 -11.75
CA SER A 66 -13.57 1.20 -11.89
C SER A 66 -14.61 1.56 -10.81
N LYS A 67 -14.83 0.67 -9.84
CA LYS A 67 -15.68 0.98 -8.69
C LYS A 67 -14.96 1.95 -7.75
N VAL A 68 -13.63 1.94 -7.84
CA VAL A 68 -12.78 2.79 -7.01
C VAL A 68 -11.51 3.13 -7.78
N ARG A 69 -10.62 3.90 -7.18
CA ARG A 69 -9.38 4.25 -7.85
C ARG A 69 -8.17 3.78 -7.05
N MET A 70 -7.47 2.78 -7.56
CA MET A 70 -6.21 2.37 -6.96
C MET A 70 -5.11 3.33 -7.36
N VAL A 71 -4.42 3.87 -6.37
CA VAL A 71 -3.26 4.70 -6.65
C VAL A 71 -2.01 3.86 -6.52
N VAL A 72 -1.12 4.03 -7.47
CA VAL A 72 0.16 3.36 -7.45
C VAL A 72 1.22 4.33 -6.95
N ILE A 73 1.57 4.22 -5.68
CA ILE A 73 2.54 5.11 -5.08
C ILE A 73 3.90 4.44 -4.96
N THR A 74 4.81 4.82 -5.84
CA THR A 74 6.18 4.33 -5.80
C THR A 74 7.08 5.36 -5.12
N GLY A 75 7.66 4.98 -4.00
CA GLY A 75 8.55 5.87 -3.30
C GLY A 75 8.95 5.34 -1.93
N PRO A 76 9.87 6.05 -1.25
CA PRO A 76 10.34 5.67 0.09
C PRO A 76 9.30 5.99 1.17
N PRO A 77 9.59 5.69 2.46
CA PRO A 77 8.70 6.04 3.59
C PRO A 77 8.14 7.46 3.49
N GLU A 78 8.97 8.39 3.00
CA GLU A 78 8.56 9.77 2.77
C GLU A 78 7.28 9.83 1.95
N ALA A 79 7.30 9.11 0.84
CA ALA A 79 6.21 9.14 -0.11
C ALA A 79 5.04 8.35 0.41
N GLN A 80 5.32 7.22 1.04
CA GLN A 80 4.27 6.37 1.56
C GLN A 80 3.46 7.11 2.63
N PHE A 81 4.15 7.82 3.51
CA PHE A 81 3.48 8.57 4.56
C PHE A 81 2.78 9.80 4.00
N LYS A 82 3.51 10.58 3.21
CA LYS A 82 2.98 11.83 2.65
C LYS A 82 1.79 11.57 1.73
N ALA A 83 1.96 10.68 0.77
CA ALA A 83 0.88 10.38 -0.17
C ALA A 83 -0.36 9.85 0.55
N GLN A 84 -0.15 8.84 1.39
CA GLN A 84 -1.26 8.20 2.11
C GLN A 84 -1.96 9.21 3.02
N GLY A 85 -1.17 10.06 3.66
CA GLY A 85 -1.72 11.07 4.54
C GLY A 85 -2.44 12.16 3.79
N ARG A 86 -1.92 12.54 2.63
CA ARG A 86 -2.48 13.62 1.85
C ARG A 86 -3.82 13.20 1.27
N ILE A 87 -3.88 12.01 0.69
CA ILE A 87 -5.13 11.52 0.11
C ILE A 87 -6.23 11.53 1.16
N TYR A 88 -5.94 10.97 2.33
CA TYR A 88 -6.89 10.95 3.42
C TYR A 88 -7.31 12.37 3.80
N GLY A 89 -6.31 13.26 3.83
CA GLY A 89 -6.53 14.64 4.18
C GLY A 89 -7.40 15.36 3.18
N LYS A 90 -7.25 15.02 1.90
CA LYS A 90 -8.06 15.63 0.84
C LYS A 90 -9.52 15.36 1.14
N LEU A 91 -9.80 14.13 1.50
CA LEU A 91 -11.17 13.66 1.71
C LEU A 91 -11.87 14.48 2.79
N LYS A 92 -11.11 14.80 3.84
CA LYS A 92 -11.59 15.60 4.92
C LYS A 92 -11.79 17.06 4.48
N GLU A 93 -10.85 17.57 3.70
CA GLU A 93 -10.86 18.98 3.30
C GLU A 93 -11.82 19.24 2.15
N GLU A 94 -11.98 18.23 1.28
CA GLU A 94 -12.92 18.32 0.17
C GLU A 94 -14.35 18.32 0.69
N ASN A 95 -14.49 17.92 1.96
CA ASN A 95 -15.78 17.85 2.63
C ASN A 95 -16.67 16.79 2.00
N PHE A 96 -16.05 15.83 1.31
CA PHE A 96 -16.78 14.68 0.80
C PHE A 96 -17.33 13.88 1.96
N PHE A 97 -16.43 13.55 2.88
CA PHE A 97 -16.78 12.84 4.09
C PHE A 97 -15.88 13.32 5.23
N GLY A 98 -16.28 14.41 5.85
CA GLY A 98 -15.49 14.96 6.93
C GLY A 98 -16.09 14.62 8.27
N PRO A 99 -16.96 15.49 8.79
CA PRO A 99 -17.66 15.25 10.06
C PRO A 99 -18.71 14.14 9.92
N LYS A 100 -19.38 14.09 8.77
CA LYS A 100 -20.54 13.23 8.58
C LYS A 100 -20.12 11.78 8.39
N GLU A 101 -18.91 11.57 7.90
CA GLU A 101 -18.39 10.24 7.68
C GLU A 101 -16.87 10.26 7.80
N GLU A 102 -16.28 9.23 8.36
CA GLU A 102 -14.84 9.17 8.47
C GLU A 102 -14.25 8.72 7.15
N VAL A 103 -13.13 9.32 6.78
CA VAL A 103 -12.50 9.03 5.50
C VAL A 103 -11.86 7.65 5.55
N LYS A 104 -12.26 6.79 4.62
CA LYS A 104 -11.78 5.41 4.62
C LYS A 104 -11.16 5.06 3.27
N LEU A 105 -9.88 4.76 3.29
CA LEU A 105 -9.20 4.26 2.10
C LEU A 105 -8.66 2.87 2.39
N GLU A 106 -8.89 1.93 1.49
CA GLU A 106 -8.36 0.59 1.66
C GLU A 106 -6.93 0.52 1.16
N THR A 107 -5.99 0.41 2.09
CA THR A 107 -4.58 0.42 1.75
C THR A 107 -4.07 -0.98 1.50
N HIS A 108 -3.72 -1.27 0.26
CA HIS A 108 -3.18 -2.57 -0.09
C HIS A 108 -1.67 -2.47 -0.23
N ILE A 109 -0.96 -3.25 0.57
CA ILE A 109 0.50 -3.24 0.52
C ILE A 109 1.01 -4.62 0.13
N ARG A 110 2.22 -4.65 -0.42
CA ARG A 110 2.80 -5.89 -0.92
C ARG A 110 3.67 -6.52 0.16
N VAL A 111 3.30 -7.73 0.58
CA VAL A 111 4.05 -8.45 1.59
C VAL A 111 4.23 -9.90 1.17
N PRO A 112 5.19 -10.61 1.75
CA PRO A 112 5.43 -12.01 1.44
C PRO A 112 4.37 -12.91 2.06
N ALA A 113 3.99 -13.93 1.31
CA ALA A 113 2.90 -14.84 1.65
C ALA A 113 3.18 -15.58 2.95
N SER A 114 4.46 -15.92 3.17
CA SER A 114 4.85 -16.64 4.36
C SER A 114 4.68 -15.75 5.60
N ALA A 115 4.84 -14.45 5.40
CA ALA A 115 4.77 -13.49 6.46
C ALA A 115 3.34 -13.04 6.70
N ALA A 116 2.49 -13.13 5.68
CA ALA A 116 1.11 -12.67 5.78
C ALA A 116 0.39 -13.24 7.00
N GLY A 117 0.58 -14.54 7.22
CA GLY A 117 -0.04 -15.19 8.36
C GLY A 117 0.55 -14.73 9.68
N ARG A 118 1.82 -14.34 9.64
CA ARG A 118 2.48 -13.85 10.85
C ARG A 118 2.19 -12.37 11.05
N VAL A 119 1.97 -11.67 9.94
CA VAL A 119 1.57 -10.27 9.95
C VAL A 119 0.22 -10.13 10.65
N ILE A 120 -0.70 -11.02 10.32
CA ILE A 120 -2.02 -11.00 10.94
C ILE A 120 -1.92 -11.51 12.38
N GLY A 121 -0.91 -12.34 12.63
CA GLY A 121 -0.62 -12.78 13.99
C GLY A 121 -1.05 -14.22 14.24
N LYS A 122 -0.86 -14.67 15.47
CA LYS A 122 -1.31 -15.99 15.86
C LYS A 122 -2.83 -15.98 16.06
N GLY A 123 -3.54 -15.78 14.97
CA GLY A 123 -4.97 -15.61 15.03
C GLY A 123 -5.34 -14.14 15.12
N GLY A 124 -6.50 -13.85 15.67
CA GLY A 124 -6.96 -12.48 15.76
C GLY A 124 -6.37 -11.74 16.95
N LYS A 125 -5.06 -11.84 17.12
CA LYS A 125 -4.38 -11.15 18.21
C LYS A 125 -4.04 -9.72 17.81
N THR A 126 -3.11 -9.58 16.88
CA THR A 126 -2.69 -8.29 16.38
C THR A 126 -3.84 -7.57 15.69
N VAL A 127 -4.76 -8.36 15.12
CA VAL A 127 -5.94 -7.82 14.48
C VAL A 127 -6.80 -7.08 15.50
N ASN A 128 -7.08 -7.75 16.61
CA ASN A 128 -7.92 -7.19 17.66
C ASN A 128 -7.28 -5.95 18.25
N GLU A 129 -5.99 -6.06 18.56
CA GLU A 129 -5.24 -4.96 19.16
C GLU A 129 -5.32 -3.71 18.30
N LEU A 130 -5.05 -3.87 17.01
CA LEU A 130 -5.04 -2.73 16.10
C LEU A 130 -6.46 -2.20 15.88
N GLN A 131 -7.46 -3.07 16.06
CA GLN A 131 -8.85 -2.67 15.89
C GLN A 131 -9.37 -1.90 17.10
N ASN A 132 -9.17 -2.44 18.29
CA ASN A 132 -9.73 -1.82 19.50
C ASN A 132 -8.96 -0.57 19.90
N LEU A 133 -7.65 -0.58 19.67
CA LEU A 133 -6.81 0.52 20.10
C LEU A 133 -6.65 1.54 18.97
N THR A 134 -6.33 1.06 17.78
CA THR A 134 -5.98 1.94 16.67
C THR A 134 -7.16 2.14 15.71
N ALA A 135 -8.15 1.25 15.80
CA ALA A 135 -9.30 1.24 14.89
C ALA A 135 -8.85 1.01 13.46
N ALA A 136 -7.79 0.23 13.30
CA ALA A 136 -7.26 -0.08 12.00
C ALA A 136 -7.72 -1.47 11.57
N GLU A 137 -8.30 -1.55 10.38
CA GLU A 137 -8.83 -2.79 9.87
C GLU A 137 -7.71 -3.53 9.13
N VAL A 138 -7.26 -4.65 9.68
CA VAL A 138 -6.21 -5.43 9.07
C VAL A 138 -6.76 -6.75 8.54
N VAL A 139 -6.89 -6.85 7.23
CA VAL A 139 -7.49 -8.01 6.61
C VAL A 139 -6.52 -8.72 5.67
N VAL A 140 -6.37 -10.02 5.86
CA VAL A 140 -5.63 -10.87 4.94
C VAL A 140 -6.65 -11.69 4.16
N PRO A 141 -6.42 -11.95 2.86
CA PRO A 141 -7.30 -12.81 2.06
C PRO A 141 -7.42 -14.21 2.67
N ARG A 142 -8.63 -14.55 3.12
CA ARG A 142 -8.90 -15.90 3.64
C ARG A 142 -8.69 -16.92 2.54
N ASP A 143 -7.80 -17.87 2.81
CA ASP A 143 -7.29 -18.81 1.80
C ASP A 143 -6.33 -18.11 0.88
N GLN A 144 -5.08 -18.55 0.93
CA GLN A 144 -3.99 -17.79 0.36
C GLN A 144 -3.31 -18.56 -0.78
N THR A 145 -3.02 -17.84 -1.85
CA THR A 145 -2.15 -18.33 -2.89
C THR A 145 -1.03 -17.30 -3.10
N PRO A 146 0.23 -17.73 -3.00
CA PRO A 146 1.37 -16.82 -3.12
C PRO A 146 1.73 -16.51 -4.57
N ASP A 147 2.17 -15.28 -4.78
CA ASP A 147 2.74 -14.84 -6.05
C ASP A 147 4.02 -15.64 -6.36
N GLU A 148 4.57 -15.50 -7.55
CA GLU A 148 5.80 -16.21 -7.90
C GLU A 148 6.91 -15.87 -6.91
N ASN A 149 6.93 -14.64 -6.42
CA ASN A 149 7.90 -14.20 -5.43
C ASN A 149 7.41 -14.47 -4.01
N GLU A 150 6.50 -15.44 -3.89
CA GLU A 150 5.79 -15.77 -2.65
C GLU A 150 5.24 -14.52 -1.99
N GLN A 151 4.49 -13.74 -2.77
CA GLN A 151 3.93 -12.49 -2.29
C GLN A 151 2.40 -12.52 -2.28
N VAL A 152 1.82 -11.71 -1.42
CA VAL A 152 0.37 -11.56 -1.33
C VAL A 152 0.02 -10.10 -1.06
N ILE A 153 -1.27 -9.84 -0.92
CA ILE A 153 -1.74 -8.49 -0.63
C ILE A 153 -2.46 -8.45 0.71
N VAL A 154 -2.02 -7.58 1.58
CA VAL A 154 -2.69 -7.34 2.85
C VAL A 154 -3.23 -5.91 2.86
N LYS A 155 -4.43 -5.74 3.41
CA LYS A 155 -5.13 -4.47 3.29
C LYS A 155 -5.52 -3.91 4.64
N ILE A 156 -5.32 -2.60 4.79
CA ILE A 156 -5.63 -1.89 6.01
C ILE A 156 -6.65 -0.78 5.74
N ILE A 157 -7.75 -0.82 6.47
CA ILE A 157 -8.80 0.19 6.32
C ILE A 157 -8.86 1.04 7.58
N GLY A 158 -8.63 2.34 7.46
CA GLY A 158 -8.72 3.19 8.63
C GLY A 158 -8.40 4.64 8.33
N HIS A 159 -7.38 5.16 9.00
CA HIS A 159 -6.99 6.55 8.84
C HIS A 159 -5.49 6.64 8.61
N PHE A 160 -4.98 7.83 8.30
CA PHE A 160 -3.56 7.95 7.98
C PHE A 160 -2.69 7.54 9.16
N TYR A 161 -3.07 7.95 10.37
CA TYR A 161 -2.32 7.60 11.57
C TYR A 161 -2.52 6.11 11.89
N ALA A 162 -3.78 5.69 11.90
CA ALA A 162 -4.13 4.30 12.18
C ALA A 162 -3.43 3.34 11.23
N SER A 163 -3.46 3.66 9.94
CA SER A 163 -2.87 2.83 8.92
C SER A 163 -1.36 2.71 9.15
N GLN A 164 -0.70 3.85 9.41
CA GLN A 164 0.74 3.85 9.62
C GLN A 164 1.14 2.98 10.81
N MET A 165 0.41 3.09 11.91
CA MET A 165 0.69 2.30 13.10
C MET A 165 0.58 0.80 12.79
N ALA A 166 -0.48 0.42 12.09
CA ALA A 166 -0.68 -0.97 11.69
C ALA A 166 0.41 -1.43 10.73
N GLN A 167 0.66 -0.62 9.70
CA GLN A 167 1.70 -0.89 8.71
C GLN A 167 3.06 -1.06 9.38
N ARG A 168 3.34 -0.24 10.38
CA ARG A 168 4.60 -0.30 11.10
C ARG A 168 4.78 -1.67 11.75
N LYS A 169 3.72 -2.17 12.38
CA LYS A 169 3.74 -3.52 12.95
C LYS A 169 4.03 -4.55 11.85
N ILE A 170 3.31 -4.42 10.74
CA ILE A 170 3.49 -5.30 9.59
C ILE A 170 4.93 -5.32 9.12
N ARG A 171 5.52 -4.14 8.95
CA ARG A 171 6.90 -4.01 8.49
C ARG A 171 7.86 -4.66 9.48
N ASP A 172 7.66 -4.40 10.77
CA ASP A 172 8.48 -4.98 11.82
C ASP A 172 8.39 -6.51 11.82
N ILE A 173 7.16 -7.02 11.82
CA ILE A 173 6.91 -8.46 11.76
C ILE A 173 7.51 -9.06 10.50
N LEU A 174 7.30 -8.38 9.38
CA LEU A 174 7.79 -8.81 8.08
C LEU A 174 9.31 -8.98 8.11
N ALA A 175 9.99 -7.99 8.66
CA ALA A 175 11.45 -8.03 8.79
C ALA A 175 11.91 -9.25 9.58
N GLN A 176 11.20 -9.54 10.67
CA GLN A 176 11.48 -10.73 11.48
C GLN A 176 11.26 -12.01 10.67
N VAL A 177 10.17 -12.05 9.90
CA VAL A 177 9.87 -13.20 9.07
C VAL A 177 10.97 -13.44 8.06
N LYS A 178 11.33 -12.41 7.32
CA LYS A 178 12.39 -12.50 6.31
C LYS A 178 13.69 -13.01 6.93
N GLN A 179 14.00 -12.52 8.12
CA GLN A 179 15.22 -12.92 8.80
C GLN A 179 15.22 -14.42 9.04
N GLN A 180 14.18 -14.91 9.72
CA GLN A 180 14.08 -16.34 10.01
C GLN A 180 13.88 -17.18 8.75
N HIS A 181 13.36 -16.56 7.69
CA HIS A 181 13.18 -17.23 6.40
C HIS A 181 14.54 -17.61 5.82
N GLN A 182 15.45 -16.64 5.77
CA GLN A 182 16.79 -16.88 5.24
C GLN A 182 17.65 -17.58 6.29
N LYS A 183 17.79 -16.96 7.46
CA LYS A 183 18.64 -17.47 8.53
C LYS A 183 18.27 -16.79 9.85
N GLY A 184 17.36 -17.41 10.57
CA GLY A 184 16.86 -16.83 11.80
C GLY A 184 17.60 -17.32 13.02
N GLN A 185 18.31 -18.42 12.88
CA GLN A 185 19.09 -18.97 13.98
C GLN A 185 20.41 -18.21 14.13
N SER A 186 20.39 -17.18 14.96
CA SER A 186 21.57 -16.36 15.20
C SER A 186 22.57 -17.11 16.07
N GLY A 187 23.40 -17.93 15.41
CA GLY A 187 24.42 -18.68 16.11
C GLY A 187 25.21 -19.55 15.16
N GLN A 188 26.40 -19.10 14.81
CA GLN A 188 27.26 -19.85 13.90
C GLN A 188 28.06 -20.91 14.67
N LEU A 189 27.45 -22.07 14.84
CA LEU A 189 28.11 -23.18 15.51
C LEU A 189 28.93 -23.96 14.49
N GLN A 190 30.10 -23.43 14.17
CA GLN A 190 30.95 -24.01 13.15
C GLN A 190 31.80 -25.12 13.77
N ALA A 191 32.58 -24.76 14.78
CA ALA A 191 33.46 -25.71 15.43
C ALA A 191 33.09 -25.87 16.89
N GLY A 1 -29.54 -23.45 -26.43
CA GLY A 1 -28.71 -23.46 -25.20
C GLY A 1 -28.75 -22.12 -24.49
N ALA A 2 -27.66 -21.76 -23.83
CA ALA A 2 -27.60 -20.51 -23.10
C ALA A 2 -26.61 -19.56 -23.75
N MET A 3 -27.14 -18.54 -24.43
CA MET A 3 -26.29 -17.54 -25.08
C MET A 3 -26.36 -16.23 -24.32
N GLY A 4 -25.39 -16.02 -23.45
CA GLY A 4 -25.34 -14.83 -22.66
C GLY A 4 -23.93 -14.35 -22.43
N PRO A 5 -23.74 -13.28 -21.65
CA PRO A 5 -22.42 -12.72 -21.37
C PRO A 5 -21.54 -13.69 -20.58
N SER A 6 -20.52 -14.21 -21.24
CA SER A 6 -19.55 -15.06 -20.59
C SER A 6 -18.34 -14.23 -20.17
N SER A 7 -17.75 -13.54 -21.15
CA SER A 7 -16.61 -12.64 -20.94
C SER A 7 -15.59 -13.19 -19.93
N VAL A 8 -15.01 -14.32 -20.26
CA VAL A 8 -13.99 -14.94 -19.42
C VAL A 8 -12.64 -14.83 -20.10
N SER A 9 -12.06 -13.65 -20.07
CA SER A 9 -10.77 -13.39 -20.69
C SER A 9 -9.65 -14.00 -19.84
N GLY A 10 -9.53 -15.31 -19.91
CA GLY A 10 -8.53 -16.01 -19.14
C GLY A 10 -9.12 -16.61 -17.87
N ALA A 11 -8.63 -16.16 -16.73
CA ALA A 11 -9.11 -16.65 -15.44
C ALA A 11 -8.76 -15.67 -14.34
N ALA A 12 -7.46 -15.44 -14.15
CA ALA A 12 -6.99 -14.52 -13.15
C ALA A 12 -6.12 -13.43 -13.79
N PRO A 13 -6.53 -12.17 -13.64
CA PRO A 13 -5.80 -11.04 -14.21
C PRO A 13 -4.56 -10.67 -13.41
N PHE A 14 -3.58 -11.56 -13.39
CA PHE A 14 -2.32 -11.30 -12.71
C PHE A 14 -1.47 -10.33 -13.50
N SER A 15 -1.75 -9.04 -13.31
CA SER A 15 -0.94 -8.00 -13.92
C SER A 15 0.41 -7.93 -13.23
N SER A 16 0.38 -7.62 -11.92
CA SER A 16 1.59 -7.60 -11.09
C SER A 16 2.75 -6.87 -11.78
N PHE A 17 2.43 -5.74 -12.40
CA PHE A 17 3.42 -4.99 -13.16
C PHE A 17 4.17 -4.04 -12.25
N MET A 18 5.27 -4.52 -11.68
CA MET A 18 6.11 -3.69 -10.83
C MET A 18 7.59 -3.96 -11.10
N PRO A 19 8.11 -3.42 -12.22
CA PRO A 19 9.55 -3.48 -12.53
C PRO A 19 10.46 -2.85 -11.45
N PRO A 20 10.12 -1.65 -10.90
CA PRO A 20 10.95 -0.99 -9.88
C PRO A 20 11.18 -1.83 -8.63
N GLU A 21 12.29 -1.58 -7.95
CA GLU A 21 12.62 -2.28 -6.72
C GLU A 21 12.16 -1.48 -5.51
N GLN A 22 11.39 -0.44 -5.79
CA GLN A 22 10.82 0.40 -4.76
C GLN A 22 9.49 -0.18 -4.30
N GLU A 23 9.18 0.01 -3.03
CA GLU A 23 7.91 -0.45 -2.51
C GLU A 23 6.83 0.53 -2.93
N THR A 24 5.66 0.02 -3.28
CA THR A 24 4.58 0.88 -3.72
C THR A 24 3.25 0.42 -3.16
N VAL A 25 2.46 1.38 -2.70
CA VAL A 25 1.18 1.09 -2.11
C VAL A 25 0.05 1.46 -3.06
N HIS A 26 -1.03 0.71 -2.99
CA HIS A 26 -2.21 0.99 -3.78
C HIS A 26 -3.36 1.30 -2.84
N VAL A 27 -3.82 2.54 -2.83
CA VAL A 27 -4.92 2.90 -1.94
C VAL A 27 -6.16 3.25 -2.74
N PHE A 28 -7.30 2.84 -2.20
CA PHE A 28 -8.57 2.98 -2.90
C PHE A 28 -9.41 4.10 -2.33
N ILE A 29 -9.64 5.11 -3.15
CA ILE A 29 -10.60 6.15 -2.84
C ILE A 29 -11.89 5.83 -3.55
N PRO A 30 -13.01 6.41 -3.12
CA PRO A 30 -14.28 6.28 -3.85
C PRO A 30 -14.09 6.64 -5.33
N ALA A 31 -14.36 5.69 -6.22
CA ALA A 31 -14.11 5.89 -7.65
C ALA A 31 -15.04 6.94 -8.23
N GLN A 32 -16.14 7.23 -7.55
CA GLN A 32 -17.04 8.29 -7.97
C GLN A 32 -16.47 9.64 -7.53
N ALA A 33 -15.55 9.59 -6.58
CA ALA A 33 -15.00 10.79 -5.97
C ALA A 33 -13.71 11.23 -6.66
N VAL A 34 -13.41 10.62 -7.80
CA VAL A 34 -12.27 11.06 -8.60
C VAL A 34 -12.51 12.47 -9.13
N GLY A 35 -13.77 12.84 -9.25
CA GLY A 35 -14.10 14.21 -9.61
C GLY A 35 -13.59 15.22 -8.60
N ALA A 36 -13.52 14.80 -7.33
CA ALA A 36 -13.04 15.66 -6.27
C ALA A 36 -11.52 15.75 -6.25
N ILE A 37 -10.85 14.61 -6.29
CA ILE A 37 -9.39 14.56 -6.23
C ILE A 37 -8.75 14.91 -7.58
N ILE A 38 -9.22 14.23 -8.62
CA ILE A 38 -8.62 14.33 -9.95
C ILE A 38 -9.19 15.51 -10.71
N GLY A 39 -10.46 15.82 -10.45
CA GLY A 39 -11.24 16.71 -11.29
C GLY A 39 -10.65 18.09 -11.47
N ASP A 40 -9.95 18.59 -10.46
CA ASP A 40 -9.36 19.93 -10.54
C ASP A 40 -8.33 19.99 -11.67
N ASP A 41 -8.78 20.45 -12.84
CA ASP A 41 -7.98 20.52 -14.06
C ASP A 41 -7.65 19.12 -14.61
N GLY A 42 -7.96 18.10 -13.83
CA GLY A 42 -7.62 16.74 -14.22
C GLY A 42 -6.20 16.34 -13.84
N GLN A 43 -5.39 17.34 -13.47
CA GLN A 43 -4.00 17.08 -13.12
C GLN A 43 -3.75 17.27 -11.63
N HIS A 44 -4.81 17.50 -10.86
CA HIS A 44 -4.66 17.72 -9.42
C HIS A 44 -4.13 16.45 -8.75
N ILE A 45 -4.37 15.32 -9.39
CA ILE A 45 -3.82 14.05 -8.94
C ILE A 45 -2.35 13.93 -9.32
N LYS A 46 -1.98 14.44 -10.50
CA LYS A 46 -0.62 14.36 -10.98
C LYS A 46 0.31 15.21 -10.12
N GLN A 47 -0.27 16.25 -9.53
CA GLN A 47 0.44 17.10 -8.58
C GLN A 47 1.09 16.27 -7.47
N LEU A 48 0.45 15.14 -7.13
CA LEU A 48 0.87 14.32 -6.01
C LEU A 48 2.30 13.79 -6.21
N SER A 49 2.69 13.60 -7.46
CA SER A 49 4.00 13.04 -7.78
C SER A 49 5.13 13.88 -7.18
N ARG A 50 5.18 15.14 -7.59
CA ARG A 50 6.23 16.02 -7.12
C ARG A 50 5.92 16.53 -5.72
N PHE A 51 4.64 16.69 -5.44
CA PHE A 51 4.19 17.22 -4.14
C PHE A 51 4.66 16.35 -2.99
N ALA A 52 4.57 15.03 -3.15
CA ALA A 52 4.98 14.12 -2.09
C ALA A 52 6.28 13.43 -2.42
N SER A 53 6.91 13.83 -3.53
CA SER A 53 8.23 13.33 -3.88
C SER A 53 8.20 11.84 -4.24
N ALA A 54 7.18 11.44 -4.99
CA ALA A 54 7.04 10.03 -5.36
C ALA A 54 6.49 9.87 -6.77
N SER A 55 6.52 8.65 -7.27
CA SER A 55 6.00 8.35 -8.60
C SER A 55 4.57 7.82 -8.49
N ILE A 56 3.60 8.68 -8.80
CA ILE A 56 2.21 8.32 -8.66
C ILE A 56 1.56 8.00 -10.00
N LYS A 57 0.77 6.94 -10.02
CA LYS A 57 -0.03 6.59 -11.17
C LYS A 57 -1.48 6.34 -10.75
N ILE A 58 -2.39 7.14 -11.27
CA ILE A 58 -3.81 6.90 -11.07
C ILE A 58 -4.29 5.88 -12.11
N ALA A 59 -4.91 4.82 -11.61
CA ALA A 59 -5.37 3.73 -12.46
C ALA A 59 -6.51 4.17 -13.37
N PRO A 60 -6.35 3.95 -14.68
CA PRO A 60 -7.39 4.25 -15.66
C PRO A 60 -8.67 3.48 -15.38
N PRO A 61 -9.83 4.03 -15.78
CA PRO A 61 -11.14 3.40 -15.59
C PRO A 61 -11.19 1.99 -16.17
N GLU A 62 -10.87 1.00 -15.35
CA GLU A 62 -10.82 -0.39 -15.79
C GLU A 62 -12.20 -0.86 -16.22
N THR A 63 -13.18 -0.65 -15.36
CA THR A 63 -14.54 -1.05 -15.63
C THR A 63 -15.47 0.15 -15.52
N PRO A 64 -16.61 0.13 -16.22
CA PRO A 64 -17.61 1.20 -16.14
C PRO A 64 -18.34 1.18 -14.80
N ASP A 65 -18.05 0.18 -13.98
CA ASP A 65 -18.67 0.04 -12.67
C ASP A 65 -17.60 -0.04 -11.58
N SER A 66 -16.44 0.57 -11.85
CA SER A 66 -15.36 0.60 -10.87
C SER A 66 -15.83 1.30 -9.59
N LYS A 67 -15.90 0.53 -8.51
CA LYS A 67 -16.37 1.03 -7.23
C LYS A 67 -15.31 1.91 -6.59
N VAL A 68 -14.05 1.52 -6.74
CA VAL A 68 -12.95 2.23 -6.12
C VAL A 68 -11.81 2.47 -7.10
N ARG A 69 -11.10 3.57 -6.91
CA ARG A 69 -10.01 3.94 -7.79
C ARG A 69 -8.69 3.77 -7.05
N MET A 70 -7.76 3.01 -7.60
CA MET A 70 -6.49 2.76 -6.93
C MET A 70 -5.42 3.75 -7.41
N VAL A 71 -4.65 4.26 -6.46
CA VAL A 71 -3.48 5.05 -6.80
C VAL A 71 -2.22 4.27 -6.47
N VAL A 72 -1.28 4.29 -7.40
CA VAL A 72 -0.02 3.59 -7.25
C VAL A 72 1.06 4.54 -6.77
N ILE A 73 1.36 4.51 -5.48
CA ILE A 73 2.42 5.35 -4.93
C ILE A 73 3.71 4.56 -4.85
N THR A 74 4.54 4.68 -5.87
CA THR A 74 5.84 4.06 -5.88
C THR A 74 6.90 5.02 -5.37
N GLY A 75 7.58 4.63 -4.29
CA GLY A 75 8.60 5.48 -3.71
C GLY A 75 8.99 5.02 -2.32
N PRO A 76 9.79 5.83 -1.60
CA PRO A 76 10.24 5.49 -0.25
C PRO A 76 9.13 5.60 0.79
N PRO A 77 9.22 4.84 1.90
CA PRO A 77 8.17 4.78 2.94
C PRO A 77 7.57 6.14 3.30
N GLU A 78 8.42 7.14 3.54
CA GLU A 78 7.95 8.45 3.94
C GLU A 78 7.16 9.14 2.84
N ALA A 79 7.54 8.90 1.59
CA ALA A 79 6.81 9.45 0.46
C ALA A 79 5.52 8.71 0.24
N GLN A 80 5.50 7.45 0.64
CA GLN A 80 4.27 6.69 0.66
C GLN A 80 3.31 7.37 1.63
N PHE A 81 3.80 7.68 2.83
CA PHE A 81 2.98 8.34 3.85
C PHE A 81 2.64 9.77 3.46
N LYS A 82 3.59 10.47 2.83
CA LYS A 82 3.33 11.82 2.35
C LYS A 82 2.24 11.80 1.29
N ALA A 83 2.40 10.92 0.31
CA ALA A 83 1.40 10.79 -0.75
C ALA A 83 0.03 10.35 -0.22
N GLN A 84 -0.01 9.25 0.54
CA GLN A 84 -1.29 8.72 1.02
C GLN A 84 -1.91 9.68 2.03
N GLY A 85 -1.07 10.29 2.87
CA GLY A 85 -1.56 11.23 3.87
C GLY A 85 -2.19 12.46 3.24
N ARG A 86 -1.64 12.87 2.10
CA ARG A 86 -2.18 13.98 1.33
C ARG A 86 -3.62 13.67 0.93
N ILE A 87 -3.86 12.42 0.57
CA ILE A 87 -5.20 11.98 0.20
C ILE A 87 -6.11 11.90 1.43
N TYR A 88 -5.61 11.28 2.51
CA TYR A 88 -6.38 11.16 3.75
C TYR A 88 -6.91 12.52 4.21
N GLY A 89 -6.02 13.50 4.26
CA GLY A 89 -6.40 14.83 4.71
C GLY A 89 -7.26 15.57 3.72
N LYS A 90 -7.03 15.31 2.43
CA LYS A 90 -7.79 15.97 1.38
C LYS A 90 -9.25 15.50 1.43
N LEU A 91 -9.44 14.23 1.73
CA LEU A 91 -10.80 13.68 1.84
C LEU A 91 -11.56 14.36 2.97
N LYS A 92 -10.82 14.75 4.00
CA LYS A 92 -11.40 15.46 5.13
C LYS A 92 -11.97 16.81 4.69
N GLU A 93 -11.16 17.55 3.94
CA GLU A 93 -11.56 18.89 3.51
C GLU A 93 -12.53 18.84 2.33
N GLU A 94 -12.42 17.80 1.50
CA GLU A 94 -13.23 17.70 0.30
C GLU A 94 -14.56 17.03 0.59
N ASN A 95 -14.84 16.83 1.87
CA ASN A 95 -16.14 16.31 2.32
C ASN A 95 -16.40 14.89 1.85
N PHE A 96 -15.38 14.04 1.91
CA PHE A 96 -15.59 12.62 1.67
C PHE A 96 -16.29 12.01 2.87
N PHE A 97 -16.04 12.61 4.02
CA PHE A 97 -16.58 12.11 5.27
C PHE A 97 -17.16 13.26 6.10
N GLY A 98 -18.38 13.07 6.56
CA GLY A 98 -18.90 13.85 7.67
C GLY A 98 -18.28 13.35 8.97
N PRO A 99 -18.17 12.01 9.13
CA PRO A 99 -17.27 11.35 10.10
C PRO A 99 -15.81 11.83 10.09
N LYS A 100 -15.49 12.93 9.39
CA LYS A 100 -14.10 13.26 9.00
C LYS A 100 -13.21 13.69 10.17
N GLU A 101 -13.58 13.30 11.38
CA GLU A 101 -12.63 13.27 12.47
C GLU A 101 -11.63 12.16 12.18
N GLU A 102 -12.09 11.28 11.32
CA GLU A 102 -11.35 10.16 10.81
C GLU A 102 -11.84 9.81 9.41
N VAL A 103 -10.95 9.35 8.56
CA VAL A 103 -11.36 8.88 7.25
C VAL A 103 -11.04 7.39 7.12
N LYS A 104 -12.00 6.62 6.62
CA LYS A 104 -11.83 5.18 6.53
C LYS A 104 -11.47 4.79 5.10
N LEU A 105 -10.23 4.39 4.91
CA LEU A 105 -9.73 4.03 3.58
C LEU A 105 -9.04 2.67 3.61
N GLU A 106 -8.88 2.06 2.42
CA GLU A 106 -8.30 0.73 2.32
C GLU A 106 -6.93 0.78 1.64
N THR A 107 -5.88 0.54 2.42
CA THR A 107 -4.52 0.54 1.89
C THR A 107 -4.09 -0.87 1.49
N HIS A 108 -3.54 -1.03 0.29
CA HIS A 108 -3.02 -2.32 -0.17
C HIS A 108 -1.50 -2.30 -0.21
N ILE A 109 -0.89 -3.22 0.50
CA ILE A 109 0.57 -3.31 0.55
C ILE A 109 1.05 -4.72 0.18
N ARG A 110 2.36 -4.85 0.05
CA ARG A 110 3.00 -6.11 -0.34
C ARG A 110 3.79 -6.65 0.84
N VAL A 111 3.56 -7.90 1.18
CA VAL A 111 4.26 -8.54 2.28
C VAL A 111 4.65 -9.95 1.91
N PRO A 112 5.77 -10.46 2.48
CA PRO A 112 6.17 -11.87 2.42
C PRO A 112 4.96 -12.77 2.62
N ALA A 113 4.49 -13.36 1.53
CA ALA A 113 3.26 -14.15 1.55
C ALA A 113 3.41 -15.41 2.38
N SER A 114 4.65 -15.89 2.49
CA SER A 114 4.95 -17.03 3.34
C SER A 114 4.82 -16.64 4.81
N ALA A 115 4.69 -15.34 5.04
CA ALA A 115 4.55 -14.79 6.37
C ALA A 115 3.27 -13.99 6.50
N ALA A 116 2.32 -14.22 5.60
CA ALA A 116 1.06 -13.49 5.58
C ALA A 116 0.29 -13.69 6.89
N GLY A 117 0.29 -14.92 7.37
CA GLY A 117 -0.36 -15.23 8.64
C GLY A 117 0.32 -14.55 9.81
N ARG A 118 1.61 -14.33 9.68
CA ARG A 118 2.38 -13.64 10.71
C ARG A 118 2.00 -12.17 10.74
N VAL A 119 1.75 -11.63 9.55
CA VAL A 119 1.32 -10.25 9.38
C VAL A 119 0.02 -9.97 10.11
N ILE A 120 -0.97 -10.80 9.80
CA ILE A 120 -2.30 -10.64 10.33
C ILE A 120 -2.33 -11.02 11.82
N GLY A 121 -1.30 -11.75 12.23
CA GLY A 121 -1.17 -12.13 13.62
C GLY A 121 -1.67 -13.52 13.87
N LYS A 122 -0.99 -14.26 14.75
CA LYS A 122 -1.37 -15.63 15.06
C LYS A 122 -2.76 -15.67 15.71
N GLY A 123 -3.78 -15.87 14.89
CA GLY A 123 -5.13 -15.93 15.38
C GLY A 123 -5.83 -14.58 15.27
N GLY A 124 -5.33 -13.72 14.39
CA GLY A 124 -5.94 -12.42 14.18
C GLY A 124 -5.58 -11.42 15.26
N LYS A 125 -4.46 -11.67 15.94
CA LYS A 125 -4.01 -10.81 17.04
C LYS A 125 -3.77 -9.38 16.58
N THR A 126 -3.01 -9.22 15.50
CA THR A 126 -2.66 -7.90 14.98
C THR A 126 -3.91 -7.05 14.74
N VAL A 127 -4.89 -7.62 14.06
CA VAL A 127 -6.08 -6.89 13.67
C VAL A 127 -6.92 -6.51 14.88
N ASN A 128 -6.93 -7.36 15.89
CA ASN A 128 -7.70 -7.08 17.11
C ASN A 128 -7.10 -5.89 17.85
N GLU A 129 -5.78 -5.86 17.98
CA GLU A 129 -5.09 -4.74 18.59
C GLU A 129 -5.36 -3.47 17.78
N LEU A 130 -5.18 -3.62 16.48
CA LEU A 130 -5.28 -2.52 15.54
C LEU A 130 -6.68 -1.90 15.49
N GLN A 131 -7.71 -2.73 15.38
CA GLN A 131 -9.08 -2.24 15.26
C GLN A 131 -9.51 -1.50 16.52
N ASN A 132 -9.33 -2.15 17.66
CA ASN A 132 -9.87 -1.67 18.93
C ASN A 132 -9.19 -0.40 19.39
N LEU A 133 -7.94 -0.20 19.00
CA LEU A 133 -7.20 0.98 19.43
C LEU A 133 -7.06 2.02 18.33
N THR A 134 -6.62 1.59 17.15
CA THR A 134 -6.19 2.53 16.13
C THR A 134 -7.17 2.61 14.94
N ALA A 135 -8.15 1.69 14.90
CA ALA A 135 -9.06 1.53 13.76
C ALA A 135 -8.33 0.94 12.56
N ALA A 136 -7.17 0.37 12.82
CA ALA A 136 -6.39 -0.25 11.76
C ALA A 136 -6.84 -1.69 11.57
N GLU A 137 -6.64 -2.23 10.38
CA GLU A 137 -7.16 -3.56 10.08
C GLU A 137 -6.34 -4.24 9.01
N VAL A 138 -5.67 -5.32 9.37
CA VAL A 138 -4.92 -6.10 8.40
C VAL A 138 -5.80 -7.19 7.81
N VAL A 139 -6.20 -7.00 6.57
CA VAL A 139 -7.08 -7.94 5.90
C VAL A 139 -6.30 -8.72 4.85
N VAL A 140 -6.21 -10.02 5.04
CA VAL A 140 -5.48 -10.88 4.11
C VAL A 140 -6.45 -11.52 3.13
N PRO A 141 -5.95 -11.94 1.95
CA PRO A 141 -6.76 -12.69 1.00
C PRO A 141 -7.28 -13.98 1.63
N ARG A 142 -8.55 -14.28 1.41
CA ARG A 142 -9.18 -15.44 2.04
C ARG A 142 -8.42 -16.71 1.68
N ASP A 143 -7.91 -17.37 2.71
CA ASP A 143 -7.06 -18.56 2.59
C ASP A 143 -5.66 -18.15 2.14
N GLN A 144 -5.42 -18.13 0.83
CA GLN A 144 -4.12 -17.73 0.31
C GLN A 144 -4.15 -17.68 -1.22
N THR A 145 -3.51 -16.66 -1.78
CA THR A 145 -3.39 -16.52 -3.24
C THR A 145 -2.27 -15.51 -3.61
N PRO A 146 -1.05 -15.78 -3.14
CA PRO A 146 0.12 -14.94 -3.41
C PRO A 146 0.62 -15.03 -4.84
N ASP A 147 1.41 -14.04 -5.24
CA ASP A 147 2.19 -14.13 -6.46
C ASP A 147 3.27 -15.16 -6.25
N GLU A 148 3.79 -15.70 -7.36
CA GLU A 148 4.78 -16.78 -7.30
C GLU A 148 6.11 -16.28 -6.76
N ASN A 149 6.19 -14.98 -6.48
CA ASN A 149 7.36 -14.40 -5.82
C ASN A 149 7.09 -14.33 -4.31
N GLU A 150 6.17 -15.18 -3.86
CA GLU A 150 5.72 -15.28 -2.47
C GLU A 150 5.40 -13.92 -1.86
N GLN A 151 4.58 -13.16 -2.55
CA GLN A 151 4.11 -11.87 -2.05
C GLN A 151 2.60 -11.74 -2.26
N VAL A 152 1.90 -11.37 -1.20
CA VAL A 152 0.44 -11.26 -1.25
C VAL A 152 -0.01 -9.81 -1.25
N ILE A 153 -1.30 -9.63 -1.54
CA ILE A 153 -1.94 -8.34 -1.43
C ILE A 153 -2.73 -8.28 -0.13
N VAL A 154 -2.27 -7.46 0.78
CA VAL A 154 -2.81 -7.40 2.12
C VAL A 154 -3.28 -5.98 2.41
N LYS A 155 -4.38 -5.87 3.11
CA LYS A 155 -5.03 -4.60 3.31
C LYS A 155 -4.82 -4.07 4.70
N ILE A 156 -4.75 -2.76 4.81
CA ILE A 156 -4.77 -2.08 6.08
C ILE A 156 -5.84 -1.01 6.04
N ILE A 157 -6.89 -1.23 6.81
CA ILE A 157 -7.95 -0.27 6.94
C ILE A 157 -7.59 0.68 8.06
N GLY A 158 -7.99 1.93 7.96
CA GLY A 158 -7.72 2.87 9.02
C GLY A 158 -7.68 4.29 8.54
N HIS A 159 -6.97 5.12 9.29
CA HIS A 159 -6.86 6.55 8.98
C HIS A 159 -5.40 6.88 8.71
N PHE A 160 -5.11 8.16 8.51
CA PHE A 160 -3.73 8.60 8.24
C PHE A 160 -2.76 8.12 9.32
N TYR A 161 -3.13 8.32 10.58
CA TYR A 161 -2.27 7.94 11.70
C TYR A 161 -2.26 6.43 11.87
N ALA A 162 -3.40 5.80 11.59
CA ALA A 162 -3.54 4.36 11.76
C ALA A 162 -2.70 3.60 10.74
N SER A 163 -2.76 4.04 9.49
CA SER A 163 -2.00 3.40 8.42
C SER A 163 -0.51 3.49 8.68
N GLN A 164 -0.05 4.67 9.14
CA GLN A 164 1.36 4.86 9.47
C GLN A 164 1.82 3.82 10.50
N MET A 165 1.02 3.66 11.55
CA MET A 165 1.35 2.72 12.62
C MET A 165 1.26 1.27 12.13
N ALA A 166 0.14 0.92 11.51
CA ALA A 166 -0.10 -0.44 11.05
C ALA A 166 0.92 -0.88 9.99
N GLN A 167 1.29 0.04 9.09
CA GLN A 167 2.28 -0.27 8.07
C GLN A 167 3.62 -0.61 8.70
N ARG A 168 4.08 0.22 9.65
CA ARG A 168 5.30 -0.08 10.39
C ARG A 168 5.14 -1.40 11.15
N LYS A 169 3.96 -1.57 11.77
CA LYS A 169 3.64 -2.75 12.54
C LYS A 169 3.90 -4.02 11.74
N ILE A 170 3.25 -4.15 10.59
CA ILE A 170 3.38 -5.34 9.78
C ILE A 170 4.79 -5.50 9.21
N ARG A 171 5.40 -4.41 8.78
CA ARG A 171 6.76 -4.47 8.22
C ARG A 171 7.76 -4.95 9.27
N ASP A 172 7.57 -4.53 10.53
CA ASP A 172 8.43 -4.99 11.62
C ASP A 172 8.20 -6.48 11.89
N ILE A 173 6.93 -6.88 11.99
CA ILE A 173 6.57 -8.29 12.18
C ILE A 173 7.14 -9.15 11.05
N LEU A 174 7.05 -8.64 9.83
CA LEU A 174 7.65 -9.30 8.66
C LEU A 174 9.12 -9.56 8.88
N ALA A 175 9.84 -8.50 9.26
CA ALA A 175 11.28 -8.61 9.50
C ALA A 175 11.58 -9.67 10.55
N GLN A 176 10.76 -9.72 11.60
CA GLN A 176 10.94 -10.71 12.65
C GLN A 176 10.89 -12.12 12.07
N VAL A 177 9.77 -12.47 11.46
CA VAL A 177 9.56 -13.82 10.95
C VAL A 177 10.50 -14.14 9.79
N LYS A 178 10.72 -13.17 8.92
CA LYS A 178 11.68 -13.33 7.83
C LYS A 178 13.06 -13.67 8.38
N GLN A 179 13.52 -12.90 9.35
CA GLN A 179 14.82 -13.16 9.97
C GLN A 179 14.84 -14.51 10.69
N GLN A 180 13.73 -14.86 11.34
CA GLN A 180 13.60 -16.19 11.96
C GLN A 180 13.64 -17.31 10.92
N HIS A 181 13.05 -17.07 9.75
CA HIS A 181 12.99 -18.06 8.69
C HIS A 181 14.37 -18.32 8.09
N GLN A 182 15.00 -17.27 7.60
CA GLN A 182 16.30 -17.39 6.96
C GLN A 182 17.34 -17.77 8.02
N LYS A 183 17.45 -16.92 9.04
CA LYS A 183 18.21 -17.22 10.26
C LYS A 183 19.62 -17.74 9.98
N GLY A 184 20.54 -16.83 9.76
CA GLY A 184 21.93 -17.21 9.54
C GLY A 184 22.65 -17.55 10.83
N GLN A 185 23.86 -17.01 10.99
CA GLN A 185 24.68 -17.25 12.17
C GLN A 185 24.97 -18.73 12.36
N SER A 186 25.15 -19.43 11.26
CA SER A 186 25.47 -20.85 11.31
C SER A 186 26.89 -21.08 10.83
N GLY A 187 27.61 -21.96 11.50
CA GLY A 187 28.97 -22.23 11.14
C GLY A 187 29.85 -22.43 12.35
N GLN A 188 30.97 -21.71 12.39
CA GLN A 188 31.93 -21.87 13.47
C GLN A 188 31.66 -20.88 14.61
N LEU A 189 30.38 -20.64 14.87
CA LEU A 189 29.99 -19.75 15.95
C LEU A 189 29.96 -20.53 17.25
N GLN A 190 31.09 -20.61 17.92
CA GLN A 190 31.23 -21.44 19.09
C GLN A 190 31.50 -20.62 20.33
N ALA A 191 30.47 -20.38 21.12
CA ALA A 191 30.59 -19.63 22.36
C ALA A 191 30.65 -20.57 23.56
N GLY A 1 -7.31 -12.68 -29.27
CA GLY A 1 -6.41 -13.81 -29.62
C GLY A 1 -7.19 -15.08 -29.91
N ALA A 2 -7.73 -15.16 -31.13
CA ALA A 2 -8.50 -16.31 -31.57
C ALA A 2 -8.77 -16.21 -33.07
N MET A 3 -8.25 -17.16 -33.84
CA MET A 3 -8.44 -17.15 -35.29
C MET A 3 -9.36 -18.27 -35.72
N GLY A 4 -10.65 -17.98 -35.78
CA GLY A 4 -11.61 -18.98 -36.18
C GLY A 4 -12.58 -19.32 -35.07
N PRO A 5 -12.34 -20.42 -34.35
CA PRO A 5 -13.20 -20.85 -33.23
C PRO A 5 -13.34 -19.77 -32.17
N SER A 6 -14.56 -19.30 -31.96
CA SER A 6 -14.85 -18.24 -31.01
C SER A 6 -15.05 -18.82 -29.61
N SER A 7 -14.06 -19.57 -29.14
CA SER A 7 -14.13 -20.16 -27.81
C SER A 7 -13.94 -19.09 -26.75
N VAL A 8 -12.99 -18.20 -26.98
CA VAL A 8 -12.71 -17.12 -26.05
C VAL A 8 -12.84 -15.77 -26.75
N SER A 9 -13.41 -14.81 -26.04
CA SER A 9 -13.55 -13.47 -26.57
C SER A 9 -12.49 -12.54 -25.97
N GLY A 10 -11.30 -13.09 -25.77
CA GLY A 10 -10.24 -12.34 -25.16
C GLY A 10 -9.42 -11.58 -26.17
N ALA A 11 -9.54 -10.26 -26.13
CA ALA A 11 -8.75 -9.38 -26.99
C ALA A 11 -7.96 -8.40 -26.13
N ALA A 12 -6.95 -8.91 -25.45
CA ALA A 12 -6.19 -8.12 -24.50
C ALA A 12 -4.69 -8.36 -24.65
N PRO A 13 -3.96 -7.33 -25.07
CA PRO A 13 -2.50 -7.38 -25.17
C PRO A 13 -1.85 -7.24 -23.80
N PHE A 14 -2.05 -8.24 -22.94
CA PHE A 14 -1.54 -8.22 -21.58
C PHE A 14 -0.03 -8.01 -21.58
N SER A 15 0.38 -6.86 -21.07
CA SER A 15 1.80 -6.50 -21.03
C SER A 15 2.08 -5.47 -19.95
N SER A 16 2.44 -5.96 -18.77
CA SER A 16 2.85 -5.08 -17.68
C SER A 16 4.31 -4.68 -17.88
N PHE A 17 4.53 -3.64 -18.69
CA PHE A 17 5.87 -3.23 -19.05
C PHE A 17 6.63 -2.68 -17.84
N MET A 18 7.67 -3.40 -17.44
CA MET A 18 8.49 -3.04 -16.28
C MET A 18 7.65 -2.99 -15.00
N PRO A 19 7.30 -4.16 -14.45
CA PRO A 19 6.48 -4.23 -13.24
C PRO A 19 7.21 -3.68 -12.02
N PRO A 20 6.52 -2.91 -11.17
CA PRO A 20 7.11 -2.32 -9.98
C PRO A 20 7.34 -3.36 -8.90
N GLU A 21 8.49 -4.02 -8.97
CA GLU A 21 8.90 -5.00 -7.96
C GLU A 21 9.57 -4.29 -6.79
N GLN A 22 9.16 -3.04 -6.56
CA GLN A 22 9.78 -2.22 -5.53
C GLN A 22 8.78 -1.91 -4.43
N GLU A 23 9.19 -1.07 -3.49
CA GLU A 23 8.32 -0.63 -2.40
C GLU A 23 7.13 0.14 -2.96
N THR A 24 5.96 -0.48 -2.93
CA THR A 24 4.79 0.08 -3.59
C THR A 24 3.52 -0.10 -2.75
N VAL A 25 2.74 0.96 -2.60
CA VAL A 25 1.41 0.89 -1.99
C VAL A 25 0.34 1.16 -3.03
N HIS A 26 -0.83 0.58 -2.83
CA HIS A 26 -1.97 0.84 -3.72
C HIS A 26 -3.14 1.40 -2.91
N VAL A 27 -3.48 2.65 -3.17
CA VAL A 27 -4.57 3.31 -2.45
C VAL A 27 -5.87 3.17 -3.22
N PHE A 28 -6.92 2.72 -2.55
CA PHE A 28 -8.23 2.61 -3.15
C PHE A 28 -9.22 3.56 -2.50
N ILE A 29 -9.85 4.39 -3.31
CA ILE A 29 -10.91 5.27 -2.84
C ILE A 29 -12.13 5.07 -3.73
N PRO A 30 -13.27 5.70 -3.40
CA PRO A 30 -14.46 5.61 -4.25
C PRO A 30 -14.18 6.14 -5.65
N ALA A 31 -14.35 5.29 -6.66
CA ALA A 31 -14.13 5.70 -8.04
C ALA A 31 -15.18 6.71 -8.47
N GLN A 32 -16.24 6.84 -7.69
CA GLN A 32 -17.24 7.86 -7.91
C GLN A 32 -16.75 9.19 -7.37
N ALA A 33 -15.69 9.13 -6.58
CA ALA A 33 -15.17 10.31 -5.90
C ALA A 33 -13.88 10.80 -6.52
N VAL A 34 -13.51 10.26 -7.69
CA VAL A 34 -12.34 10.78 -8.41
C VAL A 34 -12.60 12.20 -8.90
N GLY A 35 -13.86 12.51 -9.15
CA GLY A 35 -14.24 13.87 -9.52
C GLY A 35 -13.78 14.89 -8.49
N ALA A 36 -13.77 14.49 -7.23
CA ALA A 36 -13.32 15.36 -6.15
C ALA A 36 -11.79 15.42 -6.10
N ILE A 37 -11.16 14.26 -5.95
CA ILE A 37 -9.71 14.17 -5.80
C ILE A 37 -8.99 14.70 -7.04
N ILE A 38 -9.43 14.27 -8.21
CA ILE A 38 -8.76 14.63 -9.45
C ILE A 38 -9.21 16.00 -9.91
N GLY A 39 -10.49 16.28 -9.71
CA GLY A 39 -11.07 17.55 -10.15
C GLY A 39 -10.40 18.74 -9.52
N ASP A 40 -9.72 18.52 -8.39
CA ASP A 40 -8.99 19.58 -7.71
C ASP A 40 -7.89 20.14 -8.62
N ASP A 41 -8.24 21.17 -9.39
CA ASP A 41 -7.38 21.75 -10.43
C ASP A 41 -7.21 20.81 -11.62
N GLY A 42 -7.66 19.56 -11.45
CA GLY A 42 -7.41 18.54 -12.45
C GLY A 42 -5.94 18.24 -12.59
N GLN A 43 -5.15 18.71 -11.63
CA GLN A 43 -3.71 18.58 -11.69
C GLN A 43 -3.11 18.13 -10.36
N HIS A 44 -3.85 18.32 -9.27
CA HIS A 44 -3.31 17.99 -7.94
C HIS A 44 -2.91 16.52 -7.83
N ILE A 45 -3.68 15.63 -8.44
CA ILE A 45 -3.33 14.21 -8.50
C ILE A 45 -2.03 13.99 -9.27
N LYS A 46 -1.79 14.83 -10.27
CA LYS A 46 -0.62 14.71 -11.12
C LYS A 46 0.60 15.34 -10.44
N GLN A 47 0.34 16.36 -9.62
CA GLN A 47 1.38 16.98 -8.82
C GLN A 47 1.92 15.97 -7.82
N LEU A 48 1.05 15.06 -7.39
CA LEU A 48 1.36 14.07 -6.36
C LEU A 48 2.67 13.34 -6.65
N SER A 49 3.00 13.20 -7.94
CA SER A 49 4.21 12.52 -8.34
C SER A 49 5.45 13.22 -7.76
N ARG A 50 5.67 14.46 -8.15
CA ARG A 50 6.84 15.18 -7.70
C ARG A 50 6.64 15.75 -6.29
N PHE A 51 5.39 16.13 -5.98
CA PHE A 51 5.06 16.75 -4.70
C PHE A 51 5.46 15.83 -3.54
N ALA A 52 5.21 14.55 -3.67
CA ALA A 52 5.56 13.61 -2.61
C ALA A 52 6.80 12.81 -2.95
N SER A 53 7.40 13.13 -4.10
CA SER A 53 8.63 12.49 -4.51
C SER A 53 8.38 10.99 -4.78
N ALA A 54 7.31 10.71 -5.53
CA ALA A 54 6.90 9.34 -5.74
C ALA A 54 6.52 9.07 -7.18
N SER A 55 6.69 7.82 -7.60
CA SER A 55 6.22 7.40 -8.91
C SER A 55 4.80 6.89 -8.78
N ILE A 56 3.84 7.74 -9.12
CA ILE A 56 2.44 7.43 -8.94
C ILE A 56 1.70 7.43 -10.27
N LYS A 57 0.92 6.38 -10.49
CA LYS A 57 0.00 6.36 -11.61
C LYS A 57 -1.41 6.09 -11.10
N ILE A 58 -2.36 6.91 -11.52
CA ILE A 58 -3.75 6.74 -11.14
C ILE A 58 -4.50 6.01 -12.22
N ALA A 59 -5.17 4.93 -11.81
CA ALA A 59 -6.07 4.21 -12.68
C ALA A 59 -7.49 4.74 -12.49
N PRO A 60 -7.97 5.54 -13.43
CA PRO A 60 -9.31 6.15 -13.36
C PRO A 60 -10.41 5.10 -13.57
N PRO A 61 -11.67 5.46 -13.28
CA PRO A 61 -12.81 4.57 -13.49
C PRO A 61 -12.94 4.14 -14.95
N GLU A 62 -12.31 3.00 -15.26
CA GLU A 62 -12.30 2.44 -16.60
C GLU A 62 -13.71 2.23 -17.11
N THR A 63 -14.56 1.71 -16.25
CA THR A 63 -15.93 1.39 -16.61
C THR A 63 -16.90 1.96 -15.58
N PRO A 64 -18.21 1.95 -15.88
CA PRO A 64 -19.23 2.34 -14.91
C PRO A 64 -19.29 1.38 -13.72
N ASP A 65 -18.57 0.26 -13.84
CA ASP A 65 -18.50 -0.73 -12.75
C ASP A 65 -17.29 -0.51 -11.87
N SER A 66 -16.51 0.51 -12.17
CA SER A 66 -15.37 0.84 -11.34
C SER A 66 -15.86 1.52 -10.06
N LYS A 67 -15.89 0.75 -8.99
CA LYS A 67 -16.36 1.22 -7.69
C LYS A 67 -15.21 1.81 -6.87
N VAL A 68 -14.00 1.40 -7.20
CA VAL A 68 -12.81 1.92 -6.52
C VAL A 68 -11.74 2.27 -7.54
N ARG A 69 -10.92 3.27 -7.22
CA ARG A 69 -9.81 3.65 -8.09
C ARG A 69 -8.51 3.43 -7.33
N MET A 70 -7.49 2.93 -8.02
CA MET A 70 -6.24 2.57 -7.37
C MET A 70 -5.11 3.50 -7.76
N VAL A 71 -4.25 3.81 -6.79
CA VAL A 71 -3.01 4.52 -7.08
C VAL A 71 -1.84 3.59 -6.88
N VAL A 72 -0.87 3.68 -7.76
CA VAL A 72 0.35 2.91 -7.64
C VAL A 72 1.47 3.83 -7.20
N ILE A 73 1.85 3.73 -5.93
CA ILE A 73 2.92 4.55 -5.37
C ILE A 73 4.19 3.72 -5.24
N THR A 74 5.05 3.84 -6.24
CA THR A 74 6.31 3.13 -6.23
C THR A 74 7.46 4.07 -5.87
N GLY A 75 8.24 3.68 -4.86
CA GLY A 75 9.37 4.48 -4.46
C GLY A 75 9.79 4.18 -3.03
N PRO A 76 10.40 5.15 -2.33
CA PRO A 76 10.77 4.99 -0.93
C PRO A 76 9.54 4.96 -0.02
N PRO A 77 9.65 4.29 1.14
CA PRO A 77 8.56 4.21 2.12
C PRO A 77 8.08 5.59 2.57
N GLU A 78 8.98 6.58 2.53
CA GLU A 78 8.62 7.95 2.82
C GLU A 78 7.53 8.43 1.87
N ALA A 79 7.73 8.14 0.58
CA ALA A 79 6.79 8.53 -0.46
C ALA A 79 5.47 7.82 -0.27
N GLN A 80 5.52 6.60 0.27
CA GLN A 80 4.30 5.90 0.61
C GLN A 80 3.49 6.73 1.59
N PHE A 81 4.12 7.12 2.68
CA PHE A 81 3.43 7.89 3.72
C PHE A 81 3.08 9.29 3.23
N LYS A 82 3.93 9.89 2.41
CA LYS A 82 3.68 11.23 1.89
C LYS A 82 2.48 11.23 0.95
N ALA A 83 2.53 10.36 -0.07
CA ALA A 83 1.46 10.29 -1.05
C ALA A 83 0.17 9.77 -0.44
N GLN A 84 0.28 8.71 0.36
CA GLN A 84 -0.88 8.09 0.98
C GLN A 84 -1.51 9.03 1.99
N GLY A 85 -0.68 9.67 2.83
CA GLY A 85 -1.17 10.60 3.82
C GLY A 85 -1.81 11.82 3.18
N ARG A 86 -1.28 12.23 2.03
CA ARG A 86 -1.82 13.34 1.28
C ARG A 86 -3.26 13.02 0.87
N ILE A 87 -3.48 11.80 0.40
CA ILE A 87 -4.80 11.39 -0.03
C ILE A 87 -5.72 11.19 1.16
N TYR A 88 -5.25 10.46 2.18
CA TYR A 88 -6.05 10.22 3.39
C TYR A 88 -6.48 11.55 4.03
N GLY A 89 -5.59 12.53 4.00
CA GLY A 89 -5.91 13.85 4.52
C GLY A 89 -6.88 14.59 3.61
N LYS A 90 -6.83 14.28 2.32
CA LYS A 90 -7.65 14.95 1.34
C LYS A 90 -9.14 14.66 1.56
N LEU A 91 -9.46 13.42 1.96
CA LEU A 91 -10.84 13.09 2.29
C LEU A 91 -11.37 13.97 3.42
N LYS A 92 -10.50 14.39 4.32
CA LYS A 92 -10.90 15.25 5.43
C LYS A 92 -11.27 16.63 4.91
N GLU A 93 -10.40 17.18 4.06
CA GLU A 93 -10.59 18.52 3.52
C GLU A 93 -11.68 18.52 2.45
N GLU A 94 -11.86 17.40 1.75
CA GLU A 94 -12.81 17.35 0.66
C GLU A 94 -14.16 16.79 1.12
N ASN A 95 -14.27 16.62 2.44
CA ASN A 95 -15.53 16.20 3.07
C ASN A 95 -16.01 14.83 2.60
N PHE A 96 -15.08 13.91 2.34
CA PHE A 96 -15.45 12.51 2.11
C PHE A 96 -15.96 11.93 3.41
N PHE A 97 -15.08 11.95 4.39
CA PHE A 97 -15.40 11.55 5.75
C PHE A 97 -14.65 12.46 6.71
N GLY A 98 -15.32 13.48 7.22
CA GLY A 98 -14.65 14.45 8.07
C GLY A 98 -15.44 14.78 9.32
N PRO A 99 -16.33 15.76 9.24
CA PRO A 99 -17.13 16.21 10.40
C PRO A 99 -18.12 15.14 10.88
N LYS A 100 -18.51 14.24 10.00
CA LYS A 100 -19.58 13.29 10.32
C LYS A 100 -19.01 11.90 10.60
N GLU A 101 -17.86 11.60 10.04
CA GLU A 101 -17.25 10.30 10.19
C GLU A 101 -15.76 10.38 9.91
N GLU A 102 -15.04 9.32 10.24
CA GLU A 102 -13.61 9.26 9.99
C GLU A 102 -13.34 8.39 8.77
N VAL A 103 -12.27 8.69 8.05
CA VAL A 103 -12.05 8.08 6.74
C VAL A 103 -11.78 6.59 6.84
N LYS A 104 -12.48 5.81 6.05
CA LYS A 104 -12.29 4.38 6.00
C LYS A 104 -11.91 3.96 4.58
N LEU A 105 -10.61 3.82 4.35
CA LEU A 105 -10.10 3.50 3.02
C LEU A 105 -9.32 2.21 3.03
N GLU A 106 -9.13 1.62 1.85
CA GLU A 106 -8.42 0.35 1.76
C GLU A 106 -7.10 0.52 1.02
N THR A 107 -6.03 0.13 1.68
CA THR A 107 -4.70 0.16 1.08
C THR A 107 -4.19 -1.25 0.85
N HIS A 108 -3.86 -1.54 -0.41
CA HIS A 108 -3.34 -2.85 -0.79
C HIS A 108 -1.83 -2.78 -0.91
N ILE A 109 -1.14 -3.59 -0.13
CA ILE A 109 0.32 -3.57 -0.14
C ILE A 109 0.87 -4.97 -0.35
N ARG A 110 2.17 -5.05 -0.57
CA ARG A 110 2.84 -6.32 -0.84
C ARG A 110 3.75 -6.67 0.31
N VAL A 111 3.47 -7.80 0.94
CA VAL A 111 4.28 -8.28 2.05
C VAL A 111 4.77 -9.68 1.77
N PRO A 112 5.91 -10.07 2.39
CA PRO A 112 6.36 -11.46 2.42
C PRO A 112 5.20 -12.38 2.72
N ALA A 113 4.75 -13.10 1.70
CA ALA A 113 3.53 -13.89 1.78
C ALA A 113 3.61 -14.99 2.83
N SER A 114 4.83 -15.43 3.14
CA SER A 114 5.03 -16.41 4.18
C SER A 114 4.74 -15.82 5.55
N ALA A 115 4.53 -14.51 5.60
CA ALA A 115 4.23 -13.82 6.84
C ALA A 115 2.83 -13.20 6.80
N ALA A 116 1.98 -13.72 5.92
CA ALA A 116 0.62 -13.21 5.77
C ALA A 116 -0.17 -13.36 7.08
N GLY A 117 -0.14 -14.57 7.63
CA GLY A 117 -0.82 -14.83 8.89
C GLY A 117 -0.05 -14.27 10.07
N ARG A 118 1.09 -13.68 9.79
CA ARG A 118 1.95 -13.10 10.81
C ARG A 118 1.59 -11.64 11.04
N VAL A 119 1.42 -10.89 9.95
CA VAL A 119 1.08 -9.47 10.04
C VAL A 119 -0.36 -9.28 10.46
N ILE A 120 -1.18 -10.31 10.25
CA ILE A 120 -2.59 -10.27 10.62
C ILE A 120 -2.74 -10.52 12.12
N GLY A 121 -1.67 -11.05 12.72
CA GLY A 121 -1.68 -11.34 14.15
C GLY A 121 -2.12 -12.75 14.45
N LYS A 122 -1.74 -13.26 15.60
CA LYS A 122 -2.06 -14.63 15.99
C LYS A 122 -3.56 -14.79 16.22
N GLY A 123 -4.26 -15.26 15.20
CA GLY A 123 -5.69 -15.46 15.30
C GLY A 123 -6.48 -14.21 14.98
N GLY A 124 -5.79 -13.22 14.42
CA GLY A 124 -6.45 -11.98 14.08
C GLY A 124 -6.54 -11.03 15.25
N LYS A 125 -5.72 -11.26 16.27
CA LYS A 125 -5.70 -10.40 17.45
C LYS A 125 -5.34 -8.96 17.08
N THR A 126 -4.48 -8.82 16.07
CA THR A 126 -4.11 -7.49 15.58
C THR A 126 -5.36 -6.73 15.12
N VAL A 127 -6.18 -7.38 14.32
CA VAL A 127 -7.36 -6.74 13.77
C VAL A 127 -8.33 -6.34 14.87
N ASN A 128 -8.63 -7.28 15.76
CA ASN A 128 -9.59 -7.04 16.83
C ASN A 128 -9.20 -5.84 17.68
N GLU A 129 -7.95 -5.81 18.13
CA GLU A 129 -7.49 -4.76 19.03
C GLU A 129 -7.24 -3.46 18.29
N LEU A 130 -6.52 -3.54 17.19
CA LEU A 130 -6.07 -2.35 16.47
C LEU A 130 -7.24 -1.65 15.77
N GLN A 131 -8.27 -2.41 15.41
CA GLN A 131 -9.45 -1.82 14.79
C GLN A 131 -10.31 -1.13 15.85
N ASN A 132 -10.48 -1.78 16.99
CA ASN A 132 -11.28 -1.21 18.07
C ASN A 132 -10.65 0.07 18.63
N LEU A 133 -9.33 0.15 18.59
CA LEU A 133 -8.64 1.29 19.15
C LEU A 133 -8.34 2.36 18.10
N THR A 134 -7.71 1.96 17.00
CA THR A 134 -7.23 2.92 16.02
C THR A 134 -8.04 2.87 14.72
N ALA A 135 -8.88 1.85 14.60
CA ALA A 135 -9.62 1.55 13.36
C ALA A 135 -8.68 1.03 12.28
N ALA A 136 -7.57 0.42 12.71
CA ALA A 136 -6.60 -0.10 11.78
C ALA A 136 -6.87 -1.58 11.51
N GLU A 137 -7.54 -1.82 10.40
CA GLU A 137 -7.98 -3.15 10.01
C GLU A 137 -6.91 -3.85 9.18
N VAL A 138 -6.64 -5.11 9.50
CA VAL A 138 -5.70 -5.89 8.72
C VAL A 138 -6.40 -7.07 8.08
N VAL A 139 -6.61 -7.00 6.77
CA VAL A 139 -7.34 -8.02 6.05
C VAL A 139 -6.42 -8.78 5.11
N VAL A 140 -6.25 -10.07 5.36
CA VAL A 140 -5.41 -10.89 4.52
C VAL A 140 -6.28 -11.87 3.73
N PRO A 141 -6.45 -11.62 2.42
CA PRO A 141 -7.27 -12.46 1.53
C PRO A 141 -7.01 -13.95 1.73
N ARG A 142 -8.01 -14.64 2.26
CA ARG A 142 -7.89 -16.05 2.56
C ARG A 142 -7.70 -16.89 1.30
N ASP A 143 -6.91 -17.95 1.44
CA ASP A 143 -6.66 -18.90 0.36
C ASP A 143 -6.07 -18.17 -0.84
N GLN A 144 -5.09 -17.34 -0.56
CA GLN A 144 -4.42 -16.55 -1.57
C GLN A 144 -3.31 -17.36 -2.24
N THR A 145 -2.67 -16.78 -3.23
CA THR A 145 -1.58 -17.44 -3.93
C THR A 145 -0.38 -16.52 -4.07
N PRO A 146 0.71 -16.83 -3.34
CA PRO A 146 1.95 -16.04 -3.39
C PRO A 146 2.56 -16.01 -4.80
N ASP A 147 2.99 -14.82 -5.21
CA ASP A 147 3.62 -14.65 -6.51
C ASP A 147 5.05 -15.17 -6.50
N GLU A 148 5.77 -14.96 -7.59
CA GLU A 148 7.14 -15.43 -7.74
C GLU A 148 8.04 -14.96 -6.59
N ASN A 149 7.96 -13.68 -6.25
CA ASN A 149 8.77 -13.12 -5.16
C ASN A 149 8.10 -13.34 -3.80
N GLU A 150 7.23 -14.35 -3.75
CA GLU A 150 6.44 -14.72 -2.56
C GLU A 150 5.84 -13.50 -1.88
N GLN A 151 5.17 -12.65 -2.65
CA GLN A 151 4.46 -11.53 -2.10
C GLN A 151 2.98 -11.66 -2.40
N VAL A 152 2.14 -11.23 -1.48
CA VAL A 152 0.71 -11.27 -1.67
C VAL A 152 0.10 -9.91 -1.41
N ILE A 153 -1.22 -9.84 -1.53
CA ILE A 153 -1.95 -8.63 -1.27
C ILE A 153 -2.57 -8.68 0.12
N VAL A 154 -2.44 -7.59 0.85
CA VAL A 154 -2.96 -7.49 2.22
C VAL A 154 -3.49 -6.08 2.42
N LYS A 155 -4.61 -5.98 3.12
CA LYS A 155 -5.29 -4.72 3.24
C LYS A 155 -5.15 -4.13 4.63
N ILE A 156 -4.87 -2.85 4.68
CA ILE A 156 -4.98 -2.09 5.91
C ILE A 156 -6.09 -1.07 5.73
N ILE A 157 -7.17 -1.28 6.46
CA ILE A 157 -8.34 -0.43 6.33
C ILE A 157 -8.49 0.43 7.57
N GLY A 158 -8.28 1.72 7.44
CA GLY A 158 -8.34 2.56 8.60
C GLY A 158 -8.40 4.02 8.28
N HIS A 159 -8.21 4.82 9.32
CA HIS A 159 -8.23 6.28 9.19
C HIS A 159 -6.86 6.77 8.78
N PHE A 160 -6.69 8.08 8.62
CA PHE A 160 -5.41 8.63 8.16
C PHE A 160 -4.29 8.28 9.14
N TYR A 161 -4.59 8.38 10.44
CA TYR A 161 -3.62 8.05 11.48
C TYR A 161 -3.45 6.53 11.58
N ALA A 162 -4.57 5.82 11.42
CA ALA A 162 -4.61 4.38 11.61
C ALA A 162 -3.74 3.66 10.59
N SER A 163 -3.85 4.06 9.33
CA SER A 163 -3.11 3.40 8.25
C SER A 163 -1.61 3.47 8.52
N GLN A 164 -1.11 4.66 8.83
CA GLN A 164 0.31 4.86 9.11
C GLN A 164 0.76 3.97 10.28
N MET A 165 -0.04 3.96 11.33
CA MET A 165 0.25 3.17 12.53
C MET A 165 0.29 1.67 12.21
N ALA A 166 -0.75 1.19 11.53
CA ALA A 166 -0.85 -0.23 11.18
C ALA A 166 0.31 -0.66 10.28
N GLN A 167 0.64 0.17 9.30
CA GLN A 167 1.76 -0.12 8.40
C GLN A 167 3.06 -0.24 9.19
N ARG A 168 3.32 0.73 10.05
CA ARG A 168 4.49 0.70 10.92
C ARG A 168 4.53 -0.61 11.73
N LYS A 169 3.36 -1.02 12.22
CA LYS A 169 3.23 -2.25 12.97
C LYS A 169 3.65 -3.46 12.16
N ILE A 170 3.00 -3.65 11.00
CA ILE A 170 3.30 -4.82 10.18
C ILE A 170 4.72 -4.80 9.64
N ARG A 171 5.27 -3.61 9.36
CA ARG A 171 6.65 -3.52 8.85
C ARG A 171 7.64 -4.13 9.84
N ASP A 172 7.44 -3.86 11.14
CA ASP A 172 8.29 -4.47 12.17
C ASP A 172 8.11 -6.00 12.14
N ILE A 173 6.87 -6.44 12.13
CA ILE A 173 6.53 -7.86 12.11
C ILE A 173 7.16 -8.57 10.91
N LEU A 174 7.10 -7.93 9.75
CA LEU A 174 7.67 -8.47 8.52
C LEU A 174 9.16 -8.68 8.67
N ALA A 175 9.85 -7.68 9.22
CA ALA A 175 11.29 -7.76 9.44
C ALA A 175 11.65 -8.95 10.34
N GLN A 176 10.78 -9.26 11.30
CA GLN A 176 10.97 -10.41 12.16
C GLN A 176 11.05 -11.69 11.32
N VAL A 177 9.98 -11.95 10.58
CA VAL A 177 9.87 -13.16 9.77
C VAL A 177 10.95 -13.18 8.68
N LYS A 178 11.15 -12.04 8.04
CA LYS A 178 12.18 -11.90 7.02
C LYS A 178 13.56 -12.21 7.58
N GLN A 179 13.86 -11.72 8.78
CA GLN A 179 15.12 -12.06 9.45
C GLN A 179 15.20 -13.57 9.74
N GLN A 180 14.09 -14.13 10.24
CA GLN A 180 14.02 -15.56 10.51
C GLN A 180 14.29 -16.39 9.25
N HIS A 181 13.75 -15.94 8.12
CA HIS A 181 14.01 -16.58 6.83
C HIS A 181 15.44 -16.34 6.37
N GLN A 182 15.93 -15.11 6.55
CA GLN A 182 17.29 -14.74 6.20
C GLN A 182 18.31 -15.69 6.84
N LYS A 183 18.20 -15.87 8.15
CA LYS A 183 19.12 -16.72 8.88
C LYS A 183 18.38 -17.62 9.85
N GLY A 184 18.03 -18.81 9.38
CA GLY A 184 17.49 -19.82 10.26
C GLY A 184 18.53 -20.87 10.55
N GLN A 185 18.19 -22.13 10.29
CA GLN A 185 19.16 -23.21 10.40
C GLN A 185 19.75 -23.48 9.03
N SER A 186 20.52 -22.53 8.52
CA SER A 186 21.20 -22.71 7.24
C SER A 186 22.61 -23.25 7.47
N GLY A 187 23.31 -22.67 8.44
CA GLY A 187 24.61 -23.16 8.81
C GLY A 187 24.52 -24.52 9.46
N GLN A 188 23.69 -24.63 10.48
CA GLN A 188 23.47 -25.90 11.15
C GLN A 188 22.28 -26.63 10.51
N LEU A 189 22.38 -26.85 9.21
CA LEU A 189 21.38 -27.61 8.48
C LEU A 189 21.96 -28.96 8.08
N GLN A 190 23.13 -28.90 7.46
CA GLN A 190 23.87 -30.09 7.10
C GLN A 190 25.32 -29.92 7.49
N ALA A 191 25.61 -30.20 8.75
CA ALA A 191 26.95 -30.02 9.28
C ALA A 191 27.20 -30.95 10.47
N GLY A 1 -1.89 -17.36 -23.60
CA GLY A 1 -2.30 -16.26 -24.52
C GLY A 1 -3.65 -16.52 -25.16
N ALA A 2 -4.72 -16.23 -24.43
CA ALA A 2 -6.07 -16.43 -24.93
C ALA A 2 -6.40 -15.40 -26.02
N MET A 3 -6.15 -14.14 -25.70
CA MET A 3 -6.39 -13.05 -26.64
C MET A 3 -5.28 -12.02 -26.56
N GLY A 4 -4.13 -12.37 -27.11
CA GLY A 4 -3.00 -11.48 -27.10
C GLY A 4 -3.06 -10.48 -28.24
N PRO A 5 -2.52 -9.27 -28.04
CA PRO A 5 -2.47 -8.23 -29.07
C PRO A 5 -1.78 -8.70 -30.34
N SER A 6 -0.65 -9.38 -30.19
CA SER A 6 0.12 -9.88 -31.33
C SER A 6 0.57 -8.71 -32.20
N SER A 7 1.20 -7.74 -31.57
CA SER A 7 1.68 -6.56 -32.28
C SER A 7 3.17 -6.69 -32.53
N VAL A 8 3.52 -7.37 -33.62
CA VAL A 8 4.91 -7.58 -33.98
C VAL A 8 5.01 -7.80 -35.50
N SER A 9 4.32 -6.97 -36.25
CA SER A 9 4.27 -7.07 -37.69
C SER A 9 5.40 -6.27 -38.34
N GLY A 10 6.18 -5.59 -37.52
CA GLY A 10 7.31 -4.84 -38.01
C GLY A 10 7.66 -3.69 -37.10
N ALA A 11 7.09 -2.52 -37.38
CA ALA A 11 7.33 -1.34 -36.57
C ALA A 11 6.41 -1.33 -35.35
N ALA A 12 6.75 -2.16 -34.37
CA ALA A 12 5.95 -2.29 -33.16
C ALA A 12 6.37 -1.28 -32.10
N PRO A 13 5.40 -0.61 -31.48
CA PRO A 13 5.68 0.34 -30.40
C PRO A 13 5.99 -0.37 -29.08
N PHE A 14 7.18 -0.97 -29.02
CA PHE A 14 7.62 -1.67 -27.82
C PHE A 14 7.62 -0.75 -26.62
N SER A 15 6.81 -1.09 -25.63
CA SER A 15 6.68 -0.26 -24.44
C SER A 15 7.22 -1.02 -23.22
N SER A 16 8.09 -0.35 -22.47
CA SER A 16 8.71 -0.96 -21.31
C SER A 16 7.78 -0.91 -20.11
N PHE A 17 7.95 -1.87 -19.20
CA PHE A 17 7.19 -1.91 -17.97
C PHE A 17 8.14 -1.94 -16.78
N MET A 18 7.83 -1.18 -15.75
CA MET A 18 8.67 -1.13 -14.57
C MET A 18 8.03 -1.86 -13.40
N PRO A 19 8.57 -3.04 -13.05
CA PRO A 19 8.09 -3.81 -11.89
C PRO A 19 8.46 -3.12 -10.59
N PRO A 20 7.56 -3.14 -9.60
CA PRO A 20 7.78 -2.49 -8.30
C PRO A 20 8.90 -3.12 -7.49
N GLU A 21 10.14 -2.81 -7.84
CA GLU A 21 11.28 -3.17 -7.02
C GLU A 21 11.49 -2.11 -5.96
N GLN A 22 10.61 -1.14 -5.98
CA GLN A 22 10.58 -0.08 -5.00
C GLN A 22 9.32 -0.20 -4.17
N GLU A 23 9.24 0.54 -3.08
CA GLU A 23 8.05 0.51 -2.24
C GLU A 23 6.87 1.03 -3.04
N THR A 24 5.87 0.19 -3.21
CA THR A 24 4.72 0.53 -4.04
C THR A 24 3.42 0.06 -3.41
N VAL A 25 2.58 1.01 -3.02
CA VAL A 25 1.28 0.67 -2.48
C VAL A 25 0.20 1.00 -3.50
N HIS A 26 -0.94 0.33 -3.38
CA HIS A 26 -2.09 0.64 -4.22
C HIS A 26 -3.27 0.95 -3.32
N VAL A 27 -3.72 2.20 -3.35
CA VAL A 27 -4.80 2.59 -2.46
C VAL A 27 -6.10 2.79 -3.23
N PHE A 28 -7.19 2.33 -2.63
CA PHE A 28 -8.51 2.43 -3.24
C PHE A 28 -9.29 3.58 -2.63
N ILE A 29 -9.43 4.65 -3.39
CA ILE A 29 -10.31 5.74 -3.00
C ILE A 29 -11.66 5.52 -3.65
N PRO A 30 -12.73 6.09 -3.10
CA PRO A 30 -14.05 6.01 -3.73
C PRO A 30 -14.00 6.49 -5.19
N ALA A 31 -14.36 5.61 -6.12
CA ALA A 31 -14.37 5.96 -7.55
C ALA A 31 -15.46 6.96 -7.86
N GLN A 32 -16.40 7.09 -6.94
CA GLN A 32 -17.45 8.10 -7.06
C GLN A 32 -16.96 9.41 -6.47
N ALA A 33 -15.70 9.42 -6.05
CA ALA A 33 -15.11 10.59 -5.43
C ALA A 33 -13.89 11.08 -6.20
N VAL A 34 -13.61 10.48 -7.36
CA VAL A 34 -12.53 10.96 -8.21
C VAL A 34 -12.86 12.34 -8.75
N GLY A 35 -14.16 12.63 -8.89
CA GLY A 35 -14.58 13.96 -9.26
C GLY A 35 -14.15 15.00 -8.24
N ALA A 36 -14.01 14.58 -6.99
CA ALA A 36 -13.53 15.44 -5.93
C ALA A 36 -12.01 15.55 -5.97
N ILE A 37 -11.33 14.41 -5.86
CA ILE A 37 -9.87 14.37 -5.82
C ILE A 37 -9.27 14.92 -7.10
N ILE A 38 -9.70 14.38 -8.23
CA ILE A 38 -9.14 14.76 -9.52
C ILE A 38 -9.75 16.08 -9.96
N GLY A 39 -11.07 16.13 -9.97
CA GLY A 39 -11.80 17.25 -10.54
C GLY A 39 -11.44 18.58 -9.91
N ASP A 40 -11.21 18.56 -8.59
CA ASP A 40 -10.92 19.78 -7.79
C ASP A 40 -10.18 20.84 -8.60
N ASP A 41 -9.06 20.45 -9.17
CA ASP A 41 -8.28 21.35 -10.01
C ASP A 41 -7.68 20.59 -11.19
N GLY A 42 -8.10 19.33 -11.33
CA GLY A 42 -7.53 18.44 -12.33
C GLY A 42 -6.10 18.02 -12.02
N GLN A 43 -5.25 19.00 -11.77
CA GLN A 43 -3.82 18.78 -11.60
C GLN A 43 -3.50 17.95 -10.34
N HIS A 44 -4.34 18.06 -9.31
CA HIS A 44 -4.01 17.54 -7.97
C HIS A 44 -3.57 16.07 -7.98
N ILE A 45 -4.18 15.24 -8.81
CA ILE A 45 -3.82 13.83 -8.86
C ILE A 45 -2.41 13.63 -9.43
N LYS A 46 -2.06 14.38 -10.46
CA LYS A 46 -0.74 14.28 -11.08
C LYS A 46 0.27 15.09 -10.28
N GLN A 47 -0.26 16.12 -9.61
CA GLN A 47 0.50 16.92 -8.65
C GLN A 47 1.01 16.03 -7.52
N LEU A 48 0.21 15.03 -7.18
CA LEU A 48 0.51 14.10 -6.09
C LEU A 48 1.92 13.53 -6.22
N SER A 49 2.29 13.20 -7.46
CA SER A 49 3.56 12.53 -7.73
C SER A 49 4.75 13.35 -7.25
N ARG A 50 4.92 14.53 -7.82
CA ARG A 50 6.09 15.34 -7.53
C ARG A 50 5.98 15.98 -6.14
N PHE A 51 4.77 16.30 -5.74
CA PHE A 51 4.52 16.93 -4.45
C PHE A 51 4.97 16.02 -3.29
N ALA A 52 4.68 14.73 -3.40
CA ALA A 52 4.96 13.80 -2.32
C ALA A 52 6.19 12.94 -2.57
N SER A 53 7.03 13.34 -3.52
CA SER A 53 8.30 12.67 -3.75
C SER A 53 8.12 11.23 -4.25
N ALA A 54 7.06 10.98 -5.00
CA ALA A 54 6.75 9.63 -5.44
C ALA A 54 6.29 9.62 -6.89
N SER A 55 5.99 8.44 -7.39
CA SER A 55 5.40 8.29 -8.71
C SER A 55 4.00 7.70 -8.56
N ILE A 56 2.99 8.51 -8.83
CA ILE A 56 1.62 8.07 -8.67
C ILE A 56 0.95 7.85 -10.02
N LYS A 57 0.37 6.68 -10.18
CA LYS A 57 -0.39 6.37 -11.38
C LYS A 57 -1.84 6.16 -11.02
N ILE A 58 -2.69 7.04 -11.50
CA ILE A 58 -4.12 6.86 -11.32
C ILE A 58 -4.69 6.03 -12.45
N ALA A 59 -5.34 4.94 -12.09
CA ALA A 59 -5.98 4.07 -13.07
C ALA A 59 -7.16 4.81 -13.69
N PRO A 60 -7.24 4.82 -15.03
CA PRO A 60 -8.35 5.47 -15.75
C PRO A 60 -9.69 4.94 -15.28
N PRO A 61 -10.68 5.84 -15.09
CA PRO A 61 -12.02 5.46 -14.67
C PRO A 61 -12.69 4.52 -15.66
N GLU A 62 -12.49 3.22 -15.45
CA GLU A 62 -13.01 2.19 -16.35
C GLU A 62 -14.53 2.26 -16.45
N THR A 63 -15.18 2.36 -15.31
CA THR A 63 -16.63 2.43 -15.24
C THR A 63 -17.06 3.56 -14.32
N PRO A 64 -18.04 4.33 -14.76
CA PRO A 64 -18.62 5.44 -13.98
C PRO A 64 -19.40 4.95 -12.76
N ASP A 65 -19.71 3.67 -12.72
CA ASP A 65 -20.48 3.11 -11.60
C ASP A 65 -19.56 2.45 -10.59
N SER A 66 -18.27 2.47 -10.88
CA SER A 66 -17.27 1.83 -10.03
C SER A 66 -17.26 2.44 -8.63
N LYS A 67 -16.97 1.61 -7.64
CA LYS A 67 -16.97 2.02 -6.25
C LYS A 67 -15.59 2.51 -5.83
N VAL A 68 -14.55 2.02 -6.50
CA VAL A 68 -13.18 2.27 -6.06
C VAL A 68 -12.26 2.57 -7.24
N ARG A 69 -11.26 3.40 -7.00
CA ARG A 69 -10.26 3.71 -8.00
C ARG A 69 -8.87 3.49 -7.41
N MET A 70 -8.09 2.63 -8.05
CA MET A 70 -6.76 2.28 -7.55
C MET A 70 -5.69 3.23 -8.07
N VAL A 71 -4.80 3.63 -7.18
CA VAL A 71 -3.64 4.41 -7.58
C VAL A 71 -2.35 3.72 -7.15
N VAL A 72 -1.33 3.85 -7.98
CA VAL A 72 -0.04 3.25 -7.74
C VAL A 72 0.92 4.27 -7.14
N ILE A 73 1.39 4.01 -5.92
CA ILE A 73 2.35 4.89 -5.27
C ILE A 73 3.74 4.24 -5.25
N THR A 74 4.55 4.56 -6.24
CA THR A 74 5.89 3.99 -6.34
C THR A 74 6.93 4.98 -5.84
N GLY A 75 7.74 4.55 -4.87
CA GLY A 75 8.80 5.38 -4.36
C GLY A 75 9.40 4.79 -3.10
N PRO A 76 9.97 5.62 -2.22
CA PRO A 76 10.47 5.17 -0.93
C PRO A 76 9.37 5.17 0.12
N PRO A 77 9.56 4.43 1.23
CA PRO A 77 8.58 4.35 2.33
C PRO A 77 8.21 5.72 2.90
N GLU A 78 9.12 6.69 2.75
CA GLU A 78 8.85 8.04 3.23
C GLU A 78 7.84 8.75 2.33
N ALA A 79 7.91 8.46 1.03
CA ALA A 79 6.97 9.01 0.07
C ALA A 79 5.64 8.31 0.18
N GLN A 80 5.65 7.10 0.73
CA GLN A 80 4.40 6.44 1.05
C GLN A 80 3.67 7.25 2.11
N PHE A 81 4.41 7.67 3.13
CA PHE A 81 3.87 8.52 4.18
C PHE A 81 3.39 9.85 3.59
N LYS A 82 4.22 10.47 2.76
CA LYS A 82 3.87 11.74 2.13
C LYS A 82 2.62 11.62 1.27
N ALA A 83 2.66 10.66 0.34
CA ALA A 83 1.57 10.45 -0.61
C ALA A 83 0.26 10.08 0.09
N GLN A 84 0.31 9.04 0.91
CA GLN A 84 -0.89 8.56 1.62
C GLN A 84 -1.45 9.67 2.49
N GLY A 85 -0.58 10.31 3.27
CA GLY A 85 -0.99 11.37 4.16
C GLY A 85 -1.66 12.51 3.43
N ARG A 86 -1.17 12.82 2.24
CA ARG A 86 -1.74 13.89 1.43
C ARG A 86 -3.14 13.50 0.95
N ILE A 87 -3.28 12.27 0.48
CA ILE A 87 -4.56 11.78 -0.01
C ILE A 87 -5.59 11.81 1.11
N TYR A 88 -5.25 11.20 2.25
CA TYR A 88 -6.12 11.21 3.42
C TYR A 88 -6.51 12.64 3.79
N GLY A 89 -5.53 13.54 3.71
CA GLY A 89 -5.73 14.93 4.08
C GLY A 89 -6.75 15.65 3.21
N LYS A 90 -6.75 15.35 1.92
CA LYS A 90 -7.70 15.98 1.00
C LYS A 90 -9.09 15.42 1.26
N LEU A 91 -9.15 14.18 1.70
CA LEU A 91 -10.42 13.57 2.08
C LEU A 91 -11.00 14.27 3.30
N LYS A 92 -10.11 14.73 4.16
CA LYS A 92 -10.51 15.45 5.36
C LYS A 92 -11.20 16.76 4.96
N GLU A 93 -10.52 17.53 4.11
CA GLU A 93 -11.01 18.82 3.66
C GLU A 93 -12.23 18.68 2.74
N GLU A 94 -12.23 17.65 1.90
CA GLU A 94 -13.29 17.50 0.93
C GLU A 94 -14.51 16.79 1.55
N ASN A 95 -14.35 16.45 2.83
CA ASN A 95 -15.44 15.91 3.63
C ASN A 95 -15.91 14.55 3.08
N PHE A 96 -14.96 13.65 2.86
CA PHE A 96 -15.28 12.30 2.39
C PHE A 96 -16.00 11.52 3.49
N PHE A 97 -15.58 11.74 4.72
CA PHE A 97 -16.16 11.03 5.86
C PHE A 97 -16.91 12.00 6.76
N GLY A 98 -17.37 11.52 7.90
CA GLY A 98 -18.11 12.36 8.82
C GLY A 98 -18.83 11.58 9.90
N PRO A 99 -19.80 10.72 9.52
CA PRO A 99 -20.60 9.94 10.47
C PRO A 99 -19.78 9.20 11.53
N LYS A 100 -18.64 8.65 11.11
CA LYS A 100 -17.79 7.90 12.04
C LYS A 100 -16.61 8.73 12.52
N GLU A 101 -16.41 9.88 11.88
CA GLU A 101 -15.19 10.67 12.06
C GLU A 101 -13.99 9.81 11.71
N GLU A 102 -14.21 8.93 10.75
CA GLU A 102 -13.23 7.96 10.34
C GLU A 102 -13.05 8.02 8.83
N VAL A 103 -11.87 8.38 8.40
CA VAL A 103 -11.53 8.27 7.01
C VAL A 103 -11.07 6.83 6.78
N LYS A 104 -11.77 6.13 5.92
CA LYS A 104 -11.55 4.70 5.79
C LYS A 104 -11.07 4.36 4.40
N LEU A 105 -9.79 4.11 4.27
CA LEU A 105 -9.21 3.82 2.96
C LEU A 105 -8.55 2.46 2.95
N GLU A 106 -8.38 1.91 1.76
CA GLU A 106 -7.83 0.57 1.61
C GLU A 106 -6.44 0.62 0.99
N THR A 107 -5.43 0.41 1.84
CA THR A 107 -4.04 0.45 1.39
C THR A 107 -3.52 -0.97 1.14
N HIS A 108 -3.26 -1.29 -0.13
CA HIS A 108 -2.74 -2.60 -0.50
C HIS A 108 -1.23 -2.56 -0.61
N ILE A 109 -0.55 -3.47 0.07
CA ILE A 109 0.89 -3.59 -0.02
C ILE A 109 1.30 -5.03 -0.29
N ARG A 110 2.54 -5.22 -0.70
CA ARG A 110 3.10 -6.54 -0.89
C ARG A 110 3.94 -6.92 0.31
N VAL A 111 3.55 -8.00 0.96
CA VAL A 111 4.30 -8.52 2.09
C VAL A 111 4.69 -9.96 1.81
N PRO A 112 5.79 -10.43 2.41
CA PRO A 112 6.20 -11.82 2.34
C PRO A 112 5.03 -12.74 2.67
N ALA A 113 4.57 -13.47 1.66
CA ALA A 113 3.38 -14.28 1.77
C ALA A 113 3.58 -15.43 2.74
N SER A 114 4.84 -15.82 2.93
CA SER A 114 5.19 -16.81 3.94
C SER A 114 4.79 -16.31 5.33
N ALA A 115 4.61 -15.00 5.45
CA ALA A 115 4.22 -14.39 6.71
C ALA A 115 2.83 -13.75 6.60
N ALA A 116 2.04 -14.21 5.64
CA ALA A 116 0.71 -13.65 5.41
C ALA A 116 -0.18 -13.80 6.64
N GLY A 117 -0.09 -14.95 7.30
CA GLY A 117 -0.87 -15.19 8.50
C GLY A 117 -0.26 -14.53 9.71
N ARG A 118 0.98 -14.07 9.57
CA ARG A 118 1.70 -13.45 10.67
C ARG A 118 1.51 -11.93 10.66
N VAL A 119 1.39 -11.35 9.48
CA VAL A 119 1.18 -9.92 9.36
C VAL A 119 -0.23 -9.56 9.79
N ILE A 120 -1.12 -10.56 9.74
CA ILE A 120 -2.46 -10.42 10.28
C ILE A 120 -2.40 -10.59 11.81
N GLY A 121 -1.21 -10.97 12.28
CA GLY A 121 -0.97 -11.16 13.69
C GLY A 121 -0.78 -12.62 14.03
N LYS A 122 -1.55 -13.08 15.00
CA LYS A 122 -1.56 -14.49 15.34
C LYS A 122 -3.01 -14.97 15.31
N GLY A 123 -3.71 -14.50 14.28
CA GLY A 123 -5.12 -14.77 14.14
C GLY A 123 -5.90 -13.48 13.98
N GLY A 124 -7.02 -13.38 14.68
CA GLY A 124 -7.84 -12.18 14.59
C GLY A 124 -7.48 -11.17 15.68
N LYS A 125 -6.46 -11.50 16.45
CA LYS A 125 -6.02 -10.69 17.58
C LYS A 125 -5.62 -9.29 17.15
N THR A 126 -4.81 -9.20 16.10
CA THR A 126 -4.31 -7.92 15.61
C THR A 126 -5.45 -7.03 15.12
N VAL A 127 -6.40 -7.60 14.39
CA VAL A 127 -7.54 -6.83 13.92
C VAL A 127 -8.38 -6.36 15.09
N ASN A 128 -8.54 -7.23 16.08
CA ASN A 128 -9.33 -6.89 17.26
C ASN A 128 -8.75 -5.69 17.99
N GLU A 129 -7.46 -5.71 18.28
CA GLU A 129 -6.84 -4.65 19.04
C GLU A 129 -6.58 -3.40 18.18
N LEU A 130 -5.97 -3.60 17.03
CA LEU A 130 -5.49 -2.47 16.23
C LEU A 130 -6.64 -1.77 15.51
N GLN A 131 -7.63 -2.52 15.06
CA GLN A 131 -8.76 -1.94 14.34
C GLN A 131 -9.81 -1.39 15.30
N ASN A 132 -10.17 -2.15 16.33
CA ASN A 132 -11.23 -1.72 17.24
C ASN A 132 -10.80 -0.49 18.04
N LEU A 133 -9.51 -0.37 18.31
CA LEU A 133 -9.03 0.75 19.11
C LEU A 133 -8.50 1.89 18.24
N THR A 134 -7.63 1.57 17.28
CA THR A 134 -6.92 2.60 16.53
C THR A 134 -7.47 2.78 15.11
N ALA A 135 -8.32 1.85 14.67
CA ALA A 135 -8.85 1.83 13.30
C ALA A 135 -7.78 1.47 12.30
N ALA A 136 -6.87 0.58 12.68
CA ALA A 136 -5.86 0.09 11.78
C ALA A 136 -6.15 -1.35 11.42
N GLU A 137 -6.88 -1.53 10.33
CA GLU A 137 -7.39 -2.83 9.93
C GLU A 137 -6.39 -3.57 9.05
N VAL A 138 -5.82 -4.64 9.56
CA VAL A 138 -4.91 -5.47 8.77
C VAL A 138 -5.66 -6.66 8.21
N VAL A 139 -5.94 -6.62 6.92
CA VAL A 139 -6.74 -7.65 6.29
C VAL A 139 -5.96 -8.41 5.24
N VAL A 140 -6.10 -9.73 5.26
CA VAL A 140 -5.43 -10.59 4.29
C VAL A 140 -6.49 -11.25 3.40
N PRO A 141 -6.08 -11.84 2.26
CA PRO A 141 -7.00 -12.55 1.38
C PRO A 141 -7.15 -14.02 1.76
N ARG A 142 -6.43 -14.43 2.80
CA ARG A 142 -6.39 -15.83 3.26
C ARG A 142 -5.81 -16.75 2.19
N ASP A 143 -5.80 -18.06 2.47
CA ASP A 143 -5.27 -19.07 1.56
C ASP A 143 -3.91 -18.69 0.99
N GLN A 144 -2.86 -18.96 1.77
CA GLN A 144 -1.50 -18.58 1.43
C GLN A 144 -1.10 -19.07 0.04
N THR A 145 -1.12 -18.16 -0.92
CA THR A 145 -0.70 -18.45 -2.27
C THR A 145 0.18 -17.33 -2.80
N PRO A 146 1.50 -17.46 -2.58
CA PRO A 146 2.48 -16.43 -2.91
C PRO A 146 2.57 -16.14 -4.41
N ASP A 147 2.74 -14.85 -4.74
CA ASP A 147 2.96 -14.42 -6.11
C ASP A 147 4.38 -14.78 -6.56
N GLU A 148 4.79 -14.19 -7.69
CA GLU A 148 6.11 -14.45 -8.28
C GLU A 148 7.24 -14.33 -7.24
N ASN A 149 7.16 -13.32 -6.38
CA ASN A 149 8.22 -13.03 -5.43
C ASN A 149 7.85 -13.47 -4.02
N GLU A 150 6.95 -14.45 -3.94
CA GLU A 150 6.44 -14.99 -2.67
C GLU A 150 5.80 -13.90 -1.81
N GLN A 151 5.13 -12.96 -2.46
CA GLN A 151 4.45 -11.89 -1.75
C GLN A 151 2.98 -11.88 -2.09
N VAL A 152 2.15 -11.44 -1.15
CA VAL A 152 0.71 -11.36 -1.38
C VAL A 152 0.21 -9.94 -1.15
N ILE A 153 -1.09 -9.76 -1.32
CA ILE A 153 -1.72 -8.47 -1.15
C ILE A 153 -2.41 -8.39 0.21
N VAL A 154 -1.91 -7.50 1.04
CA VAL A 154 -2.43 -7.28 2.38
C VAL A 154 -2.79 -5.82 2.53
N LYS A 155 -3.89 -5.55 3.18
CA LYS A 155 -4.43 -4.20 3.22
C LYS A 155 -4.50 -3.66 4.64
N ILE A 156 -4.22 -2.37 4.79
CA ILE A 156 -4.45 -1.68 6.05
C ILE A 156 -5.55 -0.65 5.84
N ILE A 157 -6.69 -0.89 6.47
CA ILE A 157 -7.84 -0.03 6.30
C ILE A 157 -8.04 0.84 7.54
N GLY A 158 -7.79 2.12 7.40
CA GLY A 158 -7.99 3.03 8.51
C GLY A 158 -7.65 4.45 8.15
N HIS A 159 -7.71 5.34 9.14
CA HIS A 159 -7.35 6.74 8.92
C HIS A 159 -5.82 6.90 8.92
N PHE A 160 -5.35 8.05 8.44
CA PHE A 160 -3.92 8.26 8.16
C PHE A 160 -3.03 7.89 9.35
N TYR A 161 -3.37 8.36 10.55
CA TYR A 161 -2.53 8.11 11.72
C TYR A 161 -2.55 6.63 12.09
N ALA A 162 -3.65 5.97 11.80
CA ALA A 162 -3.79 4.55 12.08
C ALA A 162 -3.00 3.74 11.05
N SER A 163 -3.11 4.17 9.80
CA SER A 163 -2.41 3.53 8.71
C SER A 163 -0.90 3.61 8.91
N GLN A 164 -0.39 4.81 9.18
CA GLN A 164 1.04 5.01 9.38
C GLN A 164 1.56 4.19 10.57
N MET A 165 0.76 4.10 11.63
CA MET A 165 1.11 3.31 12.80
C MET A 165 1.13 1.82 12.45
N ALA A 166 0.06 1.34 11.82
CA ALA A 166 -0.05 -0.06 11.44
C ALA A 166 1.05 -0.48 10.49
N GLN A 167 1.31 0.35 9.47
CA GLN A 167 2.34 0.05 8.49
C GLN A 167 3.69 -0.17 9.15
N ARG A 168 4.05 0.71 10.07
CA ARG A 168 5.30 0.56 10.82
C ARG A 168 5.32 -0.77 11.58
N LYS A 169 4.21 -1.07 12.25
CA LYS A 169 4.12 -2.26 13.08
C LYS A 169 4.25 -3.54 12.26
N ILE A 170 3.44 -3.66 11.22
CA ILE A 170 3.47 -4.85 10.39
C ILE A 170 4.83 -5.04 9.73
N ARG A 171 5.49 -3.93 9.36
CA ARG A 171 6.81 -4.00 8.76
C ARG A 171 7.84 -4.58 9.73
N ASP A 172 7.73 -4.21 11.01
CA ASP A 172 8.56 -4.82 12.06
C ASP A 172 8.29 -6.31 12.16
N ILE A 173 7.01 -6.68 12.15
CA ILE A 173 6.60 -8.09 12.16
C ILE A 173 7.18 -8.84 10.96
N LEU A 174 7.11 -8.21 9.79
CA LEU A 174 7.64 -8.78 8.57
C LEU A 174 9.12 -9.09 8.74
N ALA A 175 9.86 -8.12 9.24
CA ALA A 175 11.30 -8.29 9.46
C ALA A 175 11.59 -9.48 10.38
N GLN A 176 10.72 -9.68 11.38
CA GLN A 176 10.86 -10.82 12.28
C GLN A 176 10.75 -12.13 11.51
N VAL A 177 9.61 -12.31 10.85
CA VAL A 177 9.34 -13.55 10.11
C VAL A 177 10.29 -13.74 8.95
N LYS A 178 10.61 -12.66 8.26
CA LYS A 178 11.56 -12.69 7.16
C LYS A 178 12.93 -13.15 7.63
N GLN A 179 13.39 -12.61 8.77
CA GLN A 179 14.65 -13.06 9.37
C GLN A 179 14.58 -14.54 9.75
N GLN A 180 13.42 -14.98 10.25
CA GLN A 180 13.21 -16.39 10.62
C GLN A 180 13.18 -17.31 9.40
N HIS A 181 12.37 -16.95 8.41
CA HIS A 181 12.21 -17.75 7.19
C HIS A 181 13.54 -17.87 6.45
N GLN A 182 14.33 -16.81 6.45
CA GLN A 182 15.68 -16.84 5.89
C GLN A 182 16.62 -17.56 6.86
N LYS A 183 16.33 -17.40 8.15
CA LYS A 183 17.16 -17.94 9.22
C LYS A 183 18.58 -17.41 9.09
N GLY A 184 18.68 -16.09 9.10
CA GLY A 184 19.96 -15.45 8.97
C GLY A 184 20.60 -15.20 10.31
N GLN A 185 21.89 -14.91 10.29
CA GLN A 185 22.64 -14.63 11.50
C GLN A 185 22.75 -13.12 11.70
N SER A 186 21.60 -12.45 11.57
CA SER A 186 21.50 -10.99 11.67
C SER A 186 22.07 -10.33 10.41
N GLY A 187 23.32 -10.63 10.08
CA GLY A 187 23.94 -10.10 8.88
C GLY A 187 25.44 -10.12 8.94
N GLN A 188 26.09 -9.52 7.95
CA GLN A 188 27.55 -9.46 7.93
C GLN A 188 28.02 -8.03 8.13
N LEU A 189 28.48 -7.73 9.34
CA LEU A 189 28.99 -6.40 9.69
C LEU A 189 27.91 -5.33 9.47
N GLN A 190 26.78 -5.52 10.16
CA GLN A 190 25.66 -4.59 10.09
C GLN A 190 25.04 -4.57 8.68
N ALA A 191 24.98 -5.75 8.08
CA ALA A 191 24.39 -5.94 6.75
C ALA A 191 25.02 -5.01 5.72
N GLY A 1 51.56 4.33 -19.31
CA GLY A 1 51.07 5.14 -18.18
C GLY A 1 49.92 4.47 -17.46
N ALA A 2 49.69 4.85 -16.21
CA ALA A 2 48.60 4.31 -15.41
C ALA A 2 47.28 4.92 -15.84
N MET A 3 46.60 4.24 -16.75
CA MET A 3 45.34 4.72 -17.30
C MET A 3 44.17 3.91 -16.76
N GLY A 4 44.43 2.64 -16.49
CA GLY A 4 43.40 1.75 -16.00
C GLY A 4 42.42 1.33 -17.10
N PRO A 5 42.90 0.74 -18.21
CA PRO A 5 42.06 0.36 -19.33
C PRO A 5 41.06 -0.73 -18.94
N SER A 6 39.82 -0.57 -19.40
CA SER A 6 38.73 -1.50 -19.11
C SER A 6 38.28 -1.41 -17.65
N SER A 7 39.23 -1.37 -16.73
CA SER A 7 38.92 -1.27 -15.30
C SER A 7 38.22 0.05 -14.99
N VAL A 8 38.70 1.13 -15.59
CA VAL A 8 38.05 2.43 -15.48
C VAL A 8 37.56 2.87 -16.85
N SER A 9 36.49 2.24 -17.31
CA SER A 9 35.94 2.53 -18.62
C SER A 9 34.58 1.86 -18.75
N GLY A 10 33.52 2.56 -18.35
CA GLY A 10 32.20 1.99 -18.38
C GLY A 10 31.38 2.42 -17.19
N ALA A 11 31.17 3.73 -17.05
CA ALA A 11 30.40 4.27 -15.94
C ALA A 11 28.90 4.09 -16.16
N ALA A 12 28.34 3.08 -15.50
CA ALA A 12 26.91 2.82 -15.59
C ALA A 12 26.20 3.27 -14.32
N PRO A 13 25.36 4.32 -14.42
CA PRO A 13 24.61 4.85 -13.30
C PRO A 13 23.34 4.05 -13.02
N PHE A 14 23.10 3.74 -11.74
CA PHE A 14 21.89 3.06 -11.29
C PHE A 14 21.74 1.66 -11.89
N SER A 15 20.63 1.01 -11.55
CA SER A 15 20.26 -0.31 -12.08
C SER A 15 21.16 -1.43 -11.54
N SER A 16 20.53 -2.38 -10.84
CA SER A 16 21.16 -3.62 -10.34
C SER A 16 22.19 -3.38 -9.23
N PHE A 17 22.69 -2.15 -9.09
CA PHE A 17 23.70 -1.86 -8.07
C PHE A 17 23.05 -1.55 -6.73
N MET A 18 21.76 -1.78 -6.66
CA MET A 18 20.97 -1.47 -5.48
C MET A 18 19.50 -1.81 -5.70
N PRO A 19 18.94 -2.71 -4.88
CA PRO A 19 17.50 -2.92 -4.79
C PRO A 19 16.87 -1.83 -3.93
N PRO A 20 16.25 -0.82 -4.56
CA PRO A 20 15.79 0.38 -3.88
C PRO A 20 14.77 0.10 -2.79
N GLU A 21 14.88 0.83 -1.69
CA GLU A 21 13.98 0.69 -0.54
C GLU A 21 12.65 1.38 -0.82
N GLN A 22 12.09 1.13 -1.99
CA GLN A 22 10.85 1.77 -2.40
C GLN A 22 9.68 0.82 -2.18
N GLU A 23 8.88 1.11 -1.16
CA GLU A 23 7.69 0.34 -0.89
C GLU A 23 6.59 0.77 -1.84
N THR A 24 5.71 -0.16 -2.21
CA THR A 24 4.67 0.12 -3.16
C THR A 24 3.31 -0.24 -2.59
N VAL A 25 2.52 0.79 -2.28
CA VAL A 25 1.17 0.58 -1.79
C VAL A 25 0.16 1.13 -2.77
N HIS A 26 -0.96 0.43 -2.90
CA HIS A 26 -2.07 0.92 -3.71
C HIS A 26 -3.27 1.09 -2.81
N VAL A 27 -3.76 2.32 -2.68
CA VAL A 27 -4.92 2.54 -1.84
C VAL A 27 -6.11 2.99 -2.67
N PHE A 28 -7.27 2.45 -2.33
CA PHE A 28 -8.46 2.65 -3.11
C PHE A 28 -9.41 3.60 -2.40
N ILE A 29 -9.94 4.55 -3.16
CA ILE A 29 -10.98 5.43 -2.64
C ILE A 29 -12.23 5.25 -3.49
N PRO A 30 -13.36 5.85 -3.11
CA PRO A 30 -14.58 5.77 -3.91
C PRO A 30 -14.35 6.24 -5.34
N ALA A 31 -14.63 5.39 -6.32
CA ALA A 31 -14.46 5.74 -7.73
C ALA A 31 -15.44 6.81 -8.16
N GLN A 32 -16.44 7.06 -7.32
CA GLN A 32 -17.38 8.14 -7.56
C GLN A 32 -16.83 9.46 -7.03
N ALA A 33 -15.71 9.36 -6.32
CA ALA A 33 -15.15 10.50 -5.62
C ALA A 33 -13.85 10.99 -6.24
N VAL A 34 -13.44 10.36 -7.34
CA VAL A 34 -12.27 10.84 -8.09
C VAL A 34 -12.54 12.20 -8.70
N GLY A 35 -13.81 12.51 -8.89
CA GLY A 35 -14.20 13.82 -9.36
C GLY A 35 -13.69 14.92 -8.43
N ALA A 36 -13.64 14.61 -7.14
CA ALA A 36 -13.14 15.55 -6.15
C ALA A 36 -11.62 15.60 -6.16
N ILE A 37 -11.00 14.44 -6.01
CA ILE A 37 -9.53 14.35 -5.92
C ILE A 37 -8.86 14.70 -7.24
N ILE A 38 -9.27 14.03 -8.30
CA ILE A 38 -8.61 14.14 -9.60
C ILE A 38 -9.15 15.34 -10.37
N GLY A 39 -10.43 15.61 -10.20
CA GLY A 39 -11.07 16.70 -10.94
C GLY A 39 -10.41 18.04 -10.69
N ASP A 40 -9.81 18.19 -9.51
CA ASP A 40 -9.12 19.41 -9.11
C ASP A 40 -7.99 19.75 -10.09
N ASP A 41 -8.36 20.48 -11.15
CA ASP A 41 -7.44 20.88 -12.23
C ASP A 41 -7.01 19.67 -13.07
N GLY A 42 -7.37 18.46 -12.63
CA GLY A 42 -6.95 17.26 -13.32
C GLY A 42 -5.48 16.91 -13.11
N GLN A 43 -4.63 17.93 -13.10
CA GLN A 43 -3.19 17.76 -13.02
C GLN A 43 -2.69 17.47 -11.61
N HIS A 44 -3.43 17.95 -10.61
CA HIS A 44 -2.93 17.96 -9.23
C HIS A 44 -2.69 16.55 -8.67
N ILE A 45 -3.38 15.55 -9.20
CA ILE A 45 -3.08 14.16 -8.85
C ILE A 45 -1.66 13.79 -9.28
N LYS A 46 -1.31 14.11 -10.52
CA LYS A 46 0.03 13.84 -11.05
C LYS A 46 1.09 14.64 -10.29
N GLN A 47 0.72 15.85 -9.88
CA GLN A 47 1.61 16.72 -9.12
C GLN A 47 2.08 16.04 -7.82
N LEU A 48 1.22 15.17 -7.29
CA LEU A 48 1.49 14.46 -6.05
C LEU A 48 2.84 13.71 -6.08
N SER A 49 3.29 13.33 -7.27
CA SER A 49 4.51 12.55 -7.43
C SER A 49 5.70 13.26 -6.79
N ARG A 50 6.01 14.44 -7.30
CA ARG A 50 7.15 15.20 -6.81
C ARG A 50 6.83 15.83 -5.47
N PHE A 51 5.55 16.19 -5.30
CA PHE A 51 5.08 16.83 -4.08
C PHE A 51 5.29 15.93 -2.86
N ALA A 52 5.16 14.62 -3.06
CA ALA A 52 5.33 13.69 -1.96
C ALA A 52 6.55 12.82 -2.10
N SER A 53 7.46 13.20 -3.00
CA SER A 53 8.72 12.50 -3.14
C SER A 53 8.52 11.03 -3.52
N ALA A 54 7.55 10.75 -4.37
CA ALA A 54 7.19 9.37 -4.67
C ALA A 54 6.81 9.18 -6.13
N SER A 55 6.71 7.93 -6.54
CA SER A 55 6.21 7.58 -7.86
C SER A 55 4.70 7.66 -7.82
N ILE A 56 4.12 8.10 -8.94
CA ILE A 56 2.83 8.77 -8.96
C ILE A 56 1.62 7.82 -8.95
N LYS A 57 0.52 8.44 -8.56
CA LYS A 57 -0.72 7.93 -8.03
C LYS A 57 -1.72 7.71 -9.14
N ILE A 58 -2.96 7.58 -8.75
CA ILE A 58 -3.97 6.75 -9.39
C ILE A 58 -4.26 7.06 -10.84
N ALA A 59 -4.62 5.96 -11.46
CA ALA A 59 -5.01 5.92 -12.86
C ALA A 59 -6.49 6.25 -12.99
N PRO A 60 -6.85 7.11 -13.95
CA PRO A 60 -8.24 7.51 -14.18
C PRO A 60 -9.15 6.29 -14.33
N PRO A 61 -10.17 6.18 -13.46
CA PRO A 61 -11.11 5.07 -13.49
C PRO A 61 -11.71 4.89 -14.87
N GLU A 62 -11.63 3.66 -15.37
CA GLU A 62 -12.00 3.36 -16.75
C GLU A 62 -13.46 3.72 -17.02
N THR A 63 -14.30 3.52 -16.01
CA THR A 63 -15.72 3.80 -16.15
C THR A 63 -16.26 4.42 -14.87
N PRO A 64 -17.36 5.19 -14.96
CA PRO A 64 -18.09 5.67 -13.77
C PRO A 64 -18.82 4.52 -13.09
N ASP A 65 -18.71 3.35 -13.72
CA ASP A 65 -19.30 2.12 -13.23
C ASP A 65 -18.33 1.42 -12.27
N SER A 66 -17.10 1.92 -12.22
CA SER A 66 -16.08 1.36 -11.34
C SER A 66 -16.42 1.67 -9.89
N LYS A 67 -15.92 0.83 -8.98
CA LYS A 67 -16.24 0.96 -7.57
C LYS A 67 -15.12 1.69 -6.84
N VAL A 68 -13.89 1.29 -7.10
CA VAL A 68 -12.74 1.86 -6.42
C VAL A 68 -11.65 2.24 -7.41
N ARG A 69 -10.89 3.27 -7.05
CA ARG A 69 -9.77 3.74 -7.87
C ARG A 69 -8.46 3.49 -7.13
N MET A 70 -7.40 3.14 -7.86
CA MET A 70 -6.13 2.78 -7.22
C MET A 70 -5.10 3.91 -7.31
N VAL A 71 -4.73 4.46 -6.14
CA VAL A 71 -3.64 5.43 -6.05
C VAL A 71 -2.31 4.70 -5.94
N VAL A 72 -1.30 5.25 -6.59
CA VAL A 72 0.01 4.63 -6.64
C VAL A 72 0.98 5.31 -5.71
N ILE A 73 1.42 4.62 -4.67
CA ILE A 73 2.42 5.18 -3.79
C ILE A 73 3.69 4.33 -3.81
N THR A 74 4.65 4.70 -4.64
CA THR A 74 5.93 4.00 -4.64
C THR A 74 7.03 4.96 -4.20
N GLY A 75 7.80 4.58 -3.19
CA GLY A 75 8.89 5.43 -2.74
C GLY A 75 9.43 5.02 -1.39
N PRO A 76 10.29 5.84 -0.79
CA PRO A 76 10.93 5.53 0.50
C PRO A 76 9.95 5.69 1.67
N PRO A 77 10.34 5.30 2.90
CA PRO A 77 9.46 5.36 4.08
C PRO A 77 8.67 6.66 4.21
N GLU A 78 9.31 7.79 3.93
CA GLU A 78 8.67 9.09 4.05
C GLU A 78 7.54 9.24 3.04
N ALA A 79 7.70 8.62 1.88
CA ALA A 79 6.75 8.77 0.79
C ALA A 79 5.41 8.14 1.12
N GLN A 80 5.43 7.10 1.95
CA GLN A 80 4.19 6.48 2.39
C GLN A 80 3.31 7.50 3.09
N PHE A 81 3.90 8.18 4.07
CA PHE A 81 3.17 9.17 4.86
C PHE A 81 2.90 10.42 4.03
N LYS A 82 3.92 10.87 3.31
CA LYS A 82 3.85 12.11 2.54
C LYS A 82 2.78 12.03 1.44
N ALA A 83 2.82 10.95 0.66
CA ALA A 83 1.91 10.80 -0.46
C ALA A 83 0.48 10.55 -0.03
N GLN A 84 0.28 9.63 0.91
CA GLN A 84 -1.07 9.28 1.35
C GLN A 84 -1.73 10.45 2.07
N GLY A 85 -0.92 11.25 2.77
CA GLY A 85 -1.42 12.37 3.54
C GLY A 85 -2.24 13.34 2.72
N ARG A 86 -1.79 13.61 1.50
CA ARG A 86 -2.47 14.57 0.62
C ARG A 86 -3.87 14.08 0.30
N ILE A 87 -4.00 12.81 -0.04
CA ILE A 87 -5.28 12.25 -0.44
C ILE A 87 -6.17 11.99 0.77
N TYR A 88 -5.62 11.32 1.78
CA TYR A 88 -6.37 11.00 3.01
C TYR A 88 -6.94 12.27 3.64
N GLY A 89 -6.10 13.31 3.72
CA GLY A 89 -6.52 14.56 4.34
C GLY A 89 -7.56 15.30 3.53
N LYS A 90 -7.42 15.27 2.21
CA LYS A 90 -8.36 15.95 1.32
C LYS A 90 -9.76 15.35 1.46
N LEU A 91 -9.81 14.04 1.73
CA LEU A 91 -11.07 13.35 1.89
C LEU A 91 -11.86 13.92 3.07
N LYS A 92 -11.15 14.22 4.14
CA LYS A 92 -11.74 14.81 5.33
C LYS A 92 -12.35 16.17 5.01
N GLU A 93 -11.54 17.04 4.40
CA GLU A 93 -11.99 18.40 4.10
C GLU A 93 -13.06 18.40 3.02
N GLU A 94 -13.03 17.43 2.11
CA GLU A 94 -14.00 17.39 1.04
C GLU A 94 -15.26 16.65 1.48
N ASN A 95 -15.29 16.32 2.77
CA ASN A 95 -16.47 15.76 3.42
C ASN A 95 -16.83 14.37 2.90
N PHE A 96 -15.82 13.55 2.65
CA PHE A 96 -16.05 12.14 2.40
C PHE A 96 -16.48 11.50 3.71
N PHE A 97 -15.59 11.63 4.68
CA PHE A 97 -15.81 11.16 6.04
C PHE A 97 -14.82 11.86 6.97
N GLY A 98 -15.29 12.35 8.11
CA GLY A 98 -14.41 13.06 9.01
C GLY A 98 -14.99 13.24 10.41
N PRO A 99 -15.92 14.20 10.58
CA PRO A 99 -16.45 14.60 11.90
C PRO A 99 -16.89 13.43 12.78
N LYS A 100 -17.79 12.59 12.27
CA LYS A 100 -18.35 11.52 13.09
C LYS A 100 -17.71 10.17 12.76
N GLU A 101 -16.80 10.20 11.81
CA GLU A 101 -16.07 9.02 11.38
C GLU A 101 -15.01 9.45 10.37
N GLU A 102 -13.75 9.44 10.80
CA GLU A 102 -12.65 9.92 9.98
C GLU A 102 -12.50 9.09 8.71
N VAL A 103 -11.63 9.56 7.82
CA VAL A 103 -11.44 8.91 6.53
C VAL A 103 -11.04 7.45 6.71
N LYS A 104 -11.74 6.57 6.02
CA LYS A 104 -11.47 5.15 6.11
C LYS A 104 -11.29 4.59 4.72
N LEU A 105 -10.07 4.14 4.43
CA LEU A 105 -9.71 3.71 3.08
C LEU A 105 -9.06 2.33 3.10
N GLU A 106 -9.01 1.69 1.95
CA GLU A 106 -8.53 0.32 1.83
C GLU A 106 -7.11 0.27 1.24
N THR A 107 -6.14 -0.12 2.06
CA THR A 107 -4.76 -0.26 1.60
C THR A 107 -4.45 -1.69 1.17
N HIS A 108 -3.89 -1.83 -0.02
CA HIS A 108 -3.40 -3.13 -0.49
C HIS A 108 -1.88 -3.13 -0.52
N ILE A 109 -1.27 -4.05 0.21
CA ILE A 109 0.18 -4.18 0.24
C ILE A 109 0.61 -5.61 -0.07
N ARG A 110 1.86 -5.77 -0.44
CA ARG A 110 2.43 -7.06 -0.80
C ARG A 110 3.30 -7.57 0.33
N VAL A 111 2.94 -8.71 0.87
CA VAL A 111 3.73 -9.35 1.90
C VAL A 111 4.26 -10.68 1.42
N PRO A 112 5.48 -11.02 1.85
CA PRO A 112 6.03 -12.36 1.72
C PRO A 112 5.02 -13.37 2.24
N ALA A 113 4.30 -13.98 1.32
CA ALA A 113 3.10 -14.76 1.60
C ALA A 113 3.34 -15.90 2.59
N SER A 114 4.58 -16.35 2.70
CA SER A 114 4.92 -17.36 3.71
C SER A 114 4.76 -16.78 5.13
N ALA A 115 4.55 -15.47 5.20
CA ALA A 115 4.37 -14.77 6.47
C ALA A 115 3.00 -14.12 6.55
N ALA A 116 2.07 -14.57 5.71
CA ALA A 116 0.71 -14.00 5.67
C ALA A 116 0.07 -14.05 7.06
N GLY A 117 0.16 -15.20 7.71
CA GLY A 117 -0.38 -15.34 9.04
C GLY A 117 0.36 -14.53 10.08
N ARG A 118 1.64 -14.27 9.81
CA ARG A 118 2.48 -13.51 10.74
C ARG A 118 2.00 -12.06 10.81
N VAL A 119 1.44 -11.59 9.72
CA VAL A 119 0.96 -10.21 9.62
C VAL A 119 -0.10 -9.91 10.67
N ILE A 120 -1.10 -10.77 10.74
CA ILE A 120 -2.21 -10.57 11.66
C ILE A 120 -1.95 -11.26 12.99
N GLY A 121 -1.06 -12.25 12.96
CA GLY A 121 -0.63 -12.93 14.17
C GLY A 121 -1.56 -14.06 14.55
N LYS A 122 -1.66 -14.31 15.86
CA LYS A 122 -2.51 -15.37 16.36
C LYS A 122 -3.97 -14.93 16.34
N GLY A 123 -4.69 -15.37 15.32
CA GLY A 123 -6.08 -14.99 15.18
C GLY A 123 -6.20 -13.59 14.61
N GLY A 124 -6.66 -12.66 15.41
CA GLY A 124 -6.77 -11.29 14.97
C GLY A 124 -6.14 -10.31 15.94
N LYS A 125 -4.96 -10.68 16.45
CA LYS A 125 -4.24 -9.85 17.41
C LYS A 125 -3.98 -8.45 16.83
N THR A 126 -3.34 -8.42 15.68
CA THR A 126 -3.00 -7.17 15.01
C THR A 126 -4.22 -6.27 14.82
N VAL A 127 -5.29 -6.85 14.28
CA VAL A 127 -6.49 -6.08 13.97
C VAL A 127 -7.22 -5.66 15.23
N ASN A 128 -7.17 -6.50 16.26
CA ASN A 128 -7.83 -6.19 17.53
C ASN A 128 -7.27 -4.90 18.11
N GLU A 129 -5.95 -4.86 18.19
CA GLU A 129 -5.24 -3.70 18.74
C GLU A 129 -5.38 -2.50 17.80
N LEU A 130 -5.12 -2.73 16.54
CA LEU A 130 -5.13 -1.68 15.53
C LEU A 130 -6.50 -1.05 15.35
N GLN A 131 -7.53 -1.87 15.26
CA GLN A 131 -8.88 -1.38 15.00
C GLN A 131 -9.42 -0.59 16.19
N ASN A 132 -9.19 -1.09 17.40
CA ASN A 132 -9.73 -0.44 18.59
C ASN A 132 -9.06 0.90 18.86
N LEU A 133 -7.79 1.04 18.49
CA LEU A 133 -7.05 2.27 18.75
C LEU A 133 -7.04 3.21 17.55
N THR A 134 -6.66 2.70 16.39
CA THR A 134 -6.45 3.54 15.21
C THR A 134 -7.52 3.32 14.13
N ALA A 135 -8.32 2.26 14.30
CA ALA A 135 -9.28 1.80 13.29
C ALA A 135 -8.59 1.06 12.15
N ALA A 136 -7.34 0.68 12.39
CA ALA A 136 -6.57 -0.04 11.39
C ALA A 136 -7.00 -1.50 11.34
N GLU A 137 -7.18 -2.01 10.14
CA GLU A 137 -7.76 -3.33 9.95
C GLU A 137 -6.91 -4.15 9.00
N VAL A 138 -6.28 -5.19 9.52
CA VAL A 138 -5.47 -6.08 8.71
C VAL A 138 -6.29 -7.28 8.27
N VAL A 139 -6.66 -7.28 7.00
CA VAL A 139 -7.51 -8.33 6.47
C VAL A 139 -6.73 -9.24 5.53
N VAL A 140 -6.74 -10.54 5.81
CA VAL A 140 -6.02 -11.49 4.98
C VAL A 140 -7.00 -12.36 4.19
N PRO A 141 -6.62 -12.76 2.98
CA PRO A 141 -7.46 -13.60 2.12
C PRO A 141 -7.35 -15.07 2.47
N ARG A 142 -8.49 -15.75 2.51
CA ARG A 142 -8.53 -17.17 2.80
C ARG A 142 -7.90 -17.96 1.66
N ASP A 143 -6.66 -18.36 1.86
CA ASP A 143 -5.93 -19.22 0.92
C ASP A 143 -5.81 -18.59 -0.47
N GLN A 144 -5.26 -17.39 -0.52
CA GLN A 144 -4.98 -16.75 -1.79
C GLN A 144 -3.77 -17.40 -2.45
N THR A 145 -3.81 -17.50 -3.77
CA THR A 145 -2.70 -18.06 -4.52
C THR A 145 -1.57 -17.03 -4.64
N PRO A 146 -0.47 -17.27 -3.92
CA PRO A 146 0.66 -16.33 -3.83
C PRO A 146 1.36 -16.11 -5.17
N ASP A 147 1.91 -14.92 -5.33
CA ASP A 147 2.61 -14.54 -6.55
C ASP A 147 3.96 -15.25 -6.66
N GLU A 148 4.63 -15.11 -7.80
CA GLU A 148 5.87 -15.83 -8.06
C GLU A 148 6.91 -15.60 -6.95
N ASN A 149 7.03 -14.37 -6.49
CA ASN A 149 8.04 -14.00 -5.51
C ASN A 149 7.49 -14.07 -4.08
N GLU A 150 6.46 -14.90 -3.92
CA GLU A 150 5.80 -15.15 -2.63
C GLU A 150 5.17 -13.88 -2.07
N GLN A 151 4.34 -13.24 -2.86
CA GLN A 151 3.64 -12.05 -2.39
C GLN A 151 2.13 -12.19 -2.59
N VAL A 152 1.39 -11.85 -1.55
CA VAL A 152 -0.07 -11.87 -1.61
C VAL A 152 -0.64 -10.49 -1.33
N ILE A 153 -1.94 -10.37 -1.47
CA ILE A 153 -2.63 -9.12 -1.22
C ILE A 153 -3.29 -9.15 0.15
N VAL A 154 -2.90 -8.21 0.99
CA VAL A 154 -3.43 -8.12 2.34
C VAL A 154 -3.87 -6.68 2.56
N LYS A 155 -4.97 -6.52 3.27
CA LYS A 155 -5.61 -5.23 3.37
C LYS A 155 -5.33 -4.55 4.69
N ILE A 156 -5.07 -3.26 4.63
CA ILE A 156 -5.02 -2.43 5.81
C ILE A 156 -6.06 -1.34 5.65
N ILE A 157 -7.09 -1.45 6.45
CA ILE A 157 -8.11 -0.43 6.50
C ILE A 157 -7.76 0.51 7.63
N GLY A 158 -8.32 1.71 7.65
CA GLY A 158 -8.04 2.60 8.75
C GLY A 158 -8.19 4.06 8.39
N HIS A 159 -7.80 4.90 9.33
CA HIS A 159 -7.85 6.35 9.13
C HIS A 159 -6.48 6.84 8.66
N PHE A 160 -6.32 8.16 8.55
CA PHE A 160 -5.10 8.76 8.03
C PHE A 160 -3.85 8.28 8.77
N TYR A 161 -3.87 8.36 10.10
CA TYR A 161 -2.71 7.94 10.89
C TYR A 161 -2.65 6.42 11.00
N ALA A 162 -3.82 5.78 10.97
CA ALA A 162 -3.92 4.33 11.17
C ALA A 162 -3.15 3.57 10.11
N SER A 163 -3.40 3.90 8.85
CA SER A 163 -2.74 3.24 7.74
C SER A 163 -1.22 3.34 7.87
N GLN A 164 -0.74 4.55 8.17
CA GLN A 164 0.69 4.80 8.29
C GLN A 164 1.32 3.88 9.33
N MET A 165 0.68 3.79 10.48
CA MET A 165 1.16 2.98 11.59
C MET A 165 1.09 1.49 11.25
N ALA A 166 -0.07 1.07 10.76
CA ALA A 166 -0.29 -0.34 10.45
C ALA A 166 0.68 -0.84 9.39
N GLN A 167 0.87 -0.06 8.33
CA GLN A 167 1.79 -0.42 7.24
C GLN A 167 3.20 -0.62 7.79
N ARG A 168 3.68 0.36 8.53
CA ARG A 168 5.02 0.31 9.09
C ARG A 168 5.16 -0.86 10.07
N LYS A 169 4.10 -1.12 10.84
CA LYS A 169 4.10 -2.20 11.81
C LYS A 169 4.29 -3.55 11.13
N ILE A 170 3.42 -3.88 10.20
CA ILE A 170 3.46 -5.19 9.57
C ILE A 170 4.76 -5.41 8.79
N ARG A 171 5.27 -4.36 8.14
CA ARG A 171 6.51 -4.45 7.39
C ARG A 171 7.67 -4.84 8.29
N ASP A 172 7.70 -4.30 9.51
CA ASP A 172 8.71 -4.65 10.49
C ASP A 172 8.62 -6.12 10.88
N ILE A 173 7.40 -6.56 11.20
CA ILE A 173 7.14 -7.95 11.54
C ILE A 173 7.54 -8.89 10.39
N LEU A 174 7.22 -8.47 9.16
CA LEU A 174 7.57 -9.22 7.96
C LEU A 174 9.07 -9.42 7.88
N ALA A 175 9.81 -8.34 8.06
CA ALA A 175 11.26 -8.40 8.00
C ALA A 175 11.82 -9.36 9.03
N GLN A 176 11.30 -9.30 10.25
CA GLN A 176 11.75 -10.19 11.31
C GLN A 176 11.58 -11.65 10.90
N VAL A 177 10.36 -12.04 10.56
CA VAL A 177 10.08 -13.43 10.21
C VAL A 177 10.77 -13.86 8.91
N LYS A 178 10.84 -12.96 7.94
CA LYS A 178 11.54 -13.23 6.70
C LYS A 178 13.04 -13.42 6.93
N GLN A 179 13.65 -12.55 7.72
CA GLN A 179 15.07 -12.65 8.02
C GLN A 179 15.39 -13.96 8.74
N GLN A 180 14.67 -14.24 9.84
CA GLN A 180 14.88 -15.47 10.59
C GLN A 180 14.64 -16.69 9.70
N HIS A 181 13.69 -16.59 8.79
CA HIS A 181 13.41 -17.65 7.83
C HIS A 181 14.58 -17.85 6.87
N GLN A 182 15.12 -16.75 6.34
CA GLN A 182 16.23 -16.81 5.40
C GLN A 182 17.49 -17.38 6.07
N LYS A 183 17.91 -16.74 7.15
CA LYS A 183 19.09 -17.19 7.88
C LYS A 183 19.19 -16.49 9.24
N GLY A 184 18.10 -16.55 9.99
CA GLY A 184 18.08 -15.94 11.29
C GLY A 184 18.75 -16.80 12.34
N GLN A 185 19.32 -16.17 13.35
CA GLN A 185 20.00 -16.88 14.42
C GLN A 185 18.97 -17.38 15.42
N SER A 186 18.42 -18.57 15.17
CA SER A 186 17.29 -19.14 15.91
C SER A 186 16.10 -18.17 15.96
N GLY A 187 16.14 -17.21 16.88
CA GLY A 187 15.15 -16.16 16.89
C GLY A 187 15.68 -14.90 16.25
N GLN A 188 15.86 -13.86 17.07
CA GLN A 188 16.44 -12.62 16.58
C GLN A 188 17.93 -12.60 16.89
N LEU A 189 18.26 -12.57 18.19
CA LEU A 189 19.64 -12.61 18.67
C LEU A 189 20.46 -11.45 18.11
N GLN A 190 20.45 -10.33 18.83
CA GLN A 190 21.26 -9.18 18.45
C GLN A 190 22.66 -9.33 19.03
N ALA A 191 22.75 -10.03 20.15
CA ALA A 191 24.03 -10.27 20.81
C ALA A 191 24.35 -11.75 20.81
N GLY A 1 0.89 -19.07 -32.16
CA GLY A 1 0.03 -17.94 -31.71
C GLY A 1 0.00 -16.81 -32.70
N ALA A 2 -1.08 -16.02 -32.65
CA ALA A 2 -1.24 -14.81 -33.47
C ALA A 2 -1.18 -15.09 -34.97
N MET A 3 0.03 -14.97 -35.53
CA MET A 3 0.22 -15.03 -36.98
C MET A 3 -0.51 -13.88 -37.66
N GLY A 4 0.24 -12.85 -38.01
CA GLY A 4 -0.35 -11.64 -38.53
C GLY A 4 -0.30 -10.53 -37.50
N PRO A 5 0.53 -9.50 -37.73
CA PRO A 5 0.74 -8.41 -36.76
C PRO A 5 -0.56 -7.81 -36.24
N SER A 6 -1.44 -7.41 -37.15
CA SER A 6 -2.73 -6.86 -36.76
C SER A 6 -3.72 -8.00 -36.60
N SER A 7 -3.85 -8.50 -35.38
CA SER A 7 -4.77 -9.59 -35.08
C SER A 7 -5.55 -9.25 -33.82
N VAL A 8 -6.15 -10.26 -33.19
CA VAL A 8 -6.92 -10.04 -31.99
C VAL A 8 -6.00 -9.74 -30.81
N SER A 9 -5.01 -10.62 -30.60
CA SER A 9 -3.97 -10.45 -29.59
C SER A 9 -4.51 -10.56 -28.17
N GLY A 10 -5.82 -10.73 -28.04
CA GLY A 10 -6.45 -10.84 -26.74
C GLY A 10 -6.52 -12.26 -26.24
N ALA A 11 -5.65 -13.10 -26.77
CA ALA A 11 -5.60 -14.50 -26.37
C ALA A 11 -4.84 -14.67 -25.07
N ALA A 12 -5.44 -14.18 -23.99
CA ALA A 12 -4.86 -14.23 -22.64
C ALA A 12 -3.64 -13.31 -22.52
N PRO A 13 -3.66 -12.42 -21.52
CA PRO A 13 -2.56 -11.48 -21.26
C PRO A 13 -1.28 -12.22 -20.89
N PHE A 14 -1.41 -13.49 -20.50
CA PHE A 14 -0.26 -14.35 -20.22
C PHE A 14 0.74 -13.65 -19.29
N SER A 15 0.22 -13.19 -18.16
CA SER A 15 1.05 -12.48 -17.19
C SER A 15 1.85 -13.46 -16.36
N SER A 16 2.82 -14.11 -16.99
CA SER A 16 3.74 -14.99 -16.28
C SER A 16 5.04 -14.25 -15.99
N PHE A 17 4.96 -12.93 -16.02
CA PHE A 17 6.08 -12.06 -15.74
C PHE A 17 5.57 -10.68 -15.34
N MET A 18 5.58 -10.38 -14.06
CA MET A 18 5.15 -9.08 -13.57
C MET A 18 6.37 -8.19 -13.37
N PRO A 19 6.30 -6.94 -13.84
CA PRO A 19 7.40 -5.98 -13.70
C PRO A 19 7.66 -5.60 -12.25
N PRO A 20 8.85 -5.90 -11.73
CA PRO A 20 9.25 -5.56 -10.37
C PRO A 20 9.57 -4.07 -10.25
N GLU A 21 8.53 -3.24 -10.32
CA GLU A 21 8.70 -1.81 -10.24
C GLU A 21 8.77 -1.34 -8.79
N GLN A 22 9.85 -1.75 -8.11
CA GLN A 22 10.11 -1.37 -6.72
C GLN A 22 8.95 -1.80 -5.83
N GLU A 23 8.67 -1.02 -4.79
CA GLU A 23 7.51 -1.29 -3.95
C GLU A 23 6.31 -0.55 -4.52
N THR A 24 5.30 -1.31 -4.89
CA THR A 24 4.09 -0.75 -5.47
C THR A 24 2.96 -0.73 -4.45
N VAL A 25 2.44 0.45 -4.17
CA VAL A 25 1.35 0.61 -3.24
C VAL A 25 0.07 0.89 -4.00
N HIS A 26 -0.91 0.02 -3.86
CA HIS A 26 -2.18 0.18 -4.57
C HIS A 26 -3.25 0.67 -3.61
N VAL A 27 -3.70 1.89 -3.80
CA VAL A 27 -4.77 2.42 -2.97
C VAL A 27 -6.03 2.59 -3.79
N PHE A 28 -7.11 1.99 -3.30
CA PHE A 28 -8.40 2.08 -3.99
C PHE A 28 -9.30 3.07 -3.29
N ILE A 29 -9.48 4.21 -3.92
CA ILE A 29 -10.26 5.29 -3.35
C ILE A 29 -11.63 5.36 -4.01
N PRO A 30 -12.64 5.83 -3.30
CA PRO A 30 -13.98 6.01 -3.85
C PRO A 30 -13.96 7.06 -4.96
N ALA A 31 -14.94 6.98 -5.86
CA ALA A 31 -15.00 7.89 -7.00
C ALA A 31 -15.25 9.33 -6.55
N GLN A 32 -15.63 9.50 -5.28
CA GLN A 32 -15.77 10.82 -4.69
C GLN A 32 -14.41 11.36 -4.23
N ALA A 33 -13.48 10.45 -3.98
CA ALA A 33 -12.18 10.80 -3.41
C ALA A 33 -11.31 11.53 -4.43
N VAL A 34 -11.43 11.16 -5.70
CA VAL A 34 -10.71 11.88 -6.76
C VAL A 34 -11.18 13.32 -6.83
N GLY A 35 -12.42 13.56 -6.41
CA GLY A 35 -12.90 14.92 -6.33
C GLY A 35 -12.08 15.75 -5.36
N ALA A 36 -11.69 15.13 -4.25
CA ALA A 36 -10.89 15.81 -3.25
C ALA A 36 -9.44 15.86 -3.67
N ILE A 37 -8.92 14.72 -4.13
CA ILE A 37 -7.51 14.60 -4.48
C ILE A 37 -7.15 15.41 -5.73
N ILE A 38 -7.88 15.19 -6.81
CA ILE A 38 -7.56 15.85 -8.06
C ILE A 38 -7.82 17.35 -7.95
N GLY A 39 -9.01 17.71 -7.47
CA GLY A 39 -9.43 19.10 -7.45
C GLY A 39 -8.79 19.93 -6.35
N ASP A 40 -8.11 19.27 -5.41
CA ASP A 40 -7.47 19.96 -4.28
C ASP A 40 -6.54 21.07 -4.77
N ASP A 41 -5.90 20.83 -5.90
CA ASP A 41 -4.94 21.76 -6.46
C ASP A 41 -5.04 21.73 -7.99
N GLY A 42 -6.26 21.51 -8.49
CA GLY A 42 -6.49 21.40 -9.92
C GLY A 42 -5.98 20.09 -10.48
N GLN A 43 -4.68 19.93 -10.48
CA GLN A 43 -4.05 18.69 -10.87
C GLN A 43 -3.15 18.20 -9.75
N HIS A 44 -3.69 18.23 -8.54
CA HIS A 44 -2.94 17.89 -7.33
C HIS A 44 -2.40 16.47 -7.40
N ILE A 45 -3.06 15.62 -8.17
CA ILE A 45 -2.59 14.27 -8.39
C ILE A 45 -1.20 14.25 -9.04
N LYS A 46 -0.93 15.23 -9.90
CA LYS A 46 0.35 15.31 -10.58
C LYS A 46 1.41 15.81 -9.60
N GLN A 47 0.95 16.62 -8.64
CA GLN A 47 1.80 17.06 -7.54
C GLN A 47 2.31 15.85 -6.77
N LEU A 48 1.41 14.88 -6.52
CA LEU A 48 1.73 13.71 -5.71
C LEU A 48 2.89 12.93 -6.30
N SER A 49 3.03 12.98 -7.62
CA SER A 49 4.06 12.25 -8.31
C SER A 49 5.45 12.69 -7.83
N ARG A 50 5.77 13.97 -8.00
CA ARG A 50 7.09 14.45 -7.59
C ARG A 50 7.16 14.68 -6.09
N PHE A 51 6.05 15.09 -5.50
CA PHE A 51 5.97 15.33 -4.06
C PHE A 51 6.39 14.09 -3.28
N ALA A 52 5.87 12.94 -3.67
CA ALA A 52 6.18 11.69 -3.02
C ALA A 52 7.37 11.00 -3.68
N SER A 53 7.81 11.59 -4.80
CA SER A 53 8.90 11.03 -5.60
C SER A 53 8.50 9.65 -6.14
N ALA A 54 7.26 9.54 -6.58
CA ALA A 54 6.71 8.27 -7.03
C ALA A 54 5.96 8.42 -8.34
N SER A 55 5.92 7.35 -9.10
CA SER A 55 5.14 7.31 -10.33
C SER A 55 3.71 6.91 -9.98
N ILE A 56 2.84 7.90 -9.88
CA ILE A 56 1.47 7.65 -9.49
C ILE A 56 0.56 7.50 -10.71
N LYS A 57 0.06 6.29 -10.88
CA LYS A 57 -0.82 5.97 -12.00
C LYS A 57 -2.27 5.96 -11.51
N ILE A 58 -3.07 6.89 -11.98
CA ILE A 58 -4.46 6.97 -11.55
C ILE A 58 -5.40 6.58 -12.68
N ALA A 59 -6.53 5.98 -12.30
CA ALA A 59 -7.53 5.55 -13.27
C ALA A 59 -8.58 6.63 -13.48
N PRO A 60 -8.53 7.35 -14.62
CA PRO A 60 -9.49 8.40 -14.97
C PRO A 60 -10.80 7.81 -15.50
N PRO A 61 -11.85 8.65 -15.68
CA PRO A 61 -13.19 8.21 -16.12
C PRO A 61 -13.18 7.13 -17.20
N GLU A 62 -12.28 7.26 -18.18
CA GLU A 62 -12.17 6.32 -19.30
C GLU A 62 -12.02 4.87 -18.84
N THR A 63 -11.31 4.66 -17.74
CA THR A 63 -10.99 3.32 -17.27
C THR A 63 -12.22 2.58 -16.74
N PRO A 64 -12.16 1.23 -16.76
CA PRO A 64 -13.22 0.37 -16.21
C PRO A 64 -13.34 0.52 -14.70
N ASP A 65 -12.33 1.16 -14.12
CA ASP A 65 -12.28 1.44 -12.69
C ASP A 65 -13.17 2.64 -12.34
N SER A 66 -14.27 2.77 -13.07
CA SER A 66 -15.18 3.90 -12.90
C SER A 66 -15.81 3.93 -11.51
N LYS A 67 -15.96 2.75 -10.89
CA LYS A 67 -16.59 2.67 -9.58
C LYS A 67 -15.64 3.16 -8.49
N VAL A 68 -14.45 2.57 -8.43
CA VAL A 68 -13.43 3.03 -7.51
C VAL A 68 -12.14 3.31 -8.26
N ARG A 69 -11.39 4.29 -7.81
CA ARG A 69 -10.23 4.76 -8.55
C ARG A 69 -8.95 4.26 -7.92
N MET A 70 -8.05 3.77 -8.76
CA MET A 70 -6.77 3.25 -8.29
C MET A 70 -5.68 4.30 -8.42
N VAL A 71 -4.92 4.46 -7.33
CA VAL A 71 -3.70 5.24 -7.35
C VAL A 71 -2.50 4.31 -7.14
N VAL A 72 -1.81 4.01 -8.23
CA VAL A 72 -0.66 3.15 -8.19
C VAL A 72 0.58 3.93 -7.78
N ILE A 73 1.04 3.68 -6.57
CA ILE A 73 2.23 4.36 -6.05
C ILE A 73 3.46 3.49 -6.26
N THR A 74 4.22 3.81 -7.29
CA THR A 74 5.45 3.11 -7.59
C THR A 74 6.67 3.93 -7.17
N GLY A 75 7.44 3.42 -6.22
CA GLY A 75 8.66 4.12 -5.84
C GLY A 75 9.14 3.79 -4.43
N PRO A 76 9.63 4.82 -3.72
CA PRO A 76 10.21 4.66 -2.38
C PRO A 76 9.15 4.61 -1.28
N PRO A 77 9.53 4.14 -0.07
CA PRO A 77 8.60 4.00 1.06
C PRO A 77 8.17 5.36 1.63
N GLU A 78 8.90 6.40 1.26
CA GLU A 78 8.52 7.76 1.62
C GLU A 78 7.25 8.15 0.88
N ALA A 79 7.15 7.68 -0.36
CA ALA A 79 5.97 7.92 -1.18
C ALA A 79 4.74 7.26 -0.58
N GLN A 80 4.96 6.16 0.11
CA GLN A 80 3.89 5.45 0.78
C GLN A 80 3.13 6.38 1.71
N PHE A 81 3.86 7.02 2.62
CA PHE A 81 3.25 7.91 3.60
C PHE A 81 2.87 9.26 2.99
N LYS A 82 3.71 9.76 2.08
CA LYS A 82 3.45 11.05 1.44
C LYS A 82 2.17 11.03 0.61
N ALA A 83 2.06 10.04 -0.28
CA ALA A 83 0.91 9.93 -1.16
C ALA A 83 -0.37 9.68 -0.37
N GLN A 84 -0.31 8.72 0.57
CA GLN A 84 -1.46 8.41 1.41
C GLN A 84 -1.84 9.60 2.26
N GLY A 85 -0.84 10.34 2.72
CA GLY A 85 -1.08 11.50 3.56
C GLY A 85 -2.03 12.49 2.94
N ARG A 86 -2.00 12.60 1.62
CA ARG A 86 -2.87 13.51 0.92
C ARG A 86 -4.26 12.91 0.77
N ILE A 87 -4.32 11.66 0.32
CA ILE A 87 -5.58 10.99 0.09
C ILE A 87 -6.34 10.78 1.39
N TYR A 88 -5.67 10.19 2.37
CA TYR A 88 -6.25 9.99 3.68
C TYR A 88 -6.57 11.31 4.33
N GLY A 89 -5.69 12.28 4.14
CA GLY A 89 -5.90 13.60 4.68
C GLY A 89 -7.20 14.19 4.16
N LYS A 90 -7.39 14.11 2.85
CA LYS A 90 -8.60 14.61 2.22
C LYS A 90 -9.81 13.90 2.77
N LEU A 91 -9.81 12.59 2.69
CA LEU A 91 -10.96 11.81 3.14
C LEU A 91 -11.31 12.08 4.60
N LYS A 92 -10.31 12.39 5.41
CA LYS A 92 -10.56 12.73 6.79
C LYS A 92 -11.08 14.16 6.93
N GLU A 93 -10.31 15.12 6.43
CA GLU A 93 -10.62 16.54 6.64
C GLU A 93 -11.74 17.04 5.73
N GLU A 94 -11.87 16.43 4.56
CA GLU A 94 -12.93 16.79 3.61
C GLU A 94 -14.24 16.15 4.06
N ASN A 95 -14.13 15.36 5.13
CA ASN A 95 -15.26 14.79 5.83
C ASN A 95 -16.02 13.78 4.97
N PHE A 96 -15.27 12.83 4.41
CA PHE A 96 -15.87 11.70 3.71
C PHE A 96 -16.40 10.71 4.73
N PHE A 97 -15.50 10.23 5.58
CA PHE A 97 -15.86 9.36 6.69
C PHE A 97 -14.95 9.70 7.87
N GLY A 98 -15.25 10.81 8.53
CA GLY A 98 -14.31 11.32 9.52
C GLY A 98 -14.76 11.08 10.95
N PRO A 99 -15.61 11.96 11.48
CA PRO A 99 -16.01 11.95 12.89
C PRO A 99 -16.74 10.67 13.33
N LYS A 100 -17.65 10.16 12.51
CA LYS A 100 -18.56 9.12 12.95
C LYS A 100 -18.11 7.72 12.52
N GLU A 101 -17.11 7.62 11.67
CA GLU A 101 -16.78 6.36 11.03
C GLU A 101 -15.35 6.35 10.50
N GLU A 102 -14.80 5.17 10.31
CA GLU A 102 -13.49 5.01 9.71
C GLU A 102 -13.58 5.19 8.20
N VAL A 103 -12.55 5.77 7.61
CA VAL A 103 -12.56 6.07 6.19
C VAL A 103 -12.43 4.79 5.38
N LYS A 104 -13.34 4.58 4.44
CA LYS A 104 -13.19 3.46 3.53
C LYS A 104 -12.09 3.80 2.56
N LEU A 105 -10.89 3.41 2.96
CA LEU A 105 -9.70 3.58 2.16
C LEU A 105 -8.82 2.38 2.35
N GLU A 106 -8.61 1.66 1.28
CA GLU A 106 -7.90 0.41 1.36
C GLU A 106 -6.51 0.52 0.77
N THR A 107 -5.53 0.51 1.64
CA THR A 107 -4.14 0.53 1.22
C THR A 107 -3.64 -0.89 1.06
N HIS A 108 -3.36 -1.26 -0.19
CA HIS A 108 -2.81 -2.56 -0.47
C HIS A 108 -1.30 -2.46 -0.54
N ILE A 109 -0.61 -3.19 0.33
CA ILE A 109 0.85 -3.14 0.36
C ILE A 109 1.43 -4.52 0.10
N ARG A 110 2.69 -4.54 -0.31
CA ARG A 110 3.34 -5.76 -0.74
C ARG A 110 4.00 -6.46 0.45
N VAL A 111 3.54 -7.68 0.72
CA VAL A 111 4.08 -8.49 1.81
C VAL A 111 4.26 -9.92 1.31
N PRO A 112 5.38 -10.56 1.66
CA PRO A 112 5.64 -11.95 1.27
C PRO A 112 4.55 -12.88 1.78
N ALA A 113 4.03 -13.71 0.88
CA ALA A 113 2.90 -14.59 1.19
C ALA A 113 3.22 -15.53 2.35
N SER A 114 4.51 -15.86 2.48
CA SER A 114 4.96 -16.75 3.53
C SER A 114 5.15 -16.03 4.86
N ALA A 115 4.77 -14.76 4.90
CA ALA A 115 4.86 -13.99 6.13
C ALA A 115 3.51 -13.38 6.50
N ALA A 116 2.52 -13.55 5.61
CA ALA A 116 1.20 -12.94 5.79
C ALA A 116 0.54 -13.41 7.08
N GLY A 117 0.64 -14.71 7.37
CA GLY A 117 0.05 -15.24 8.58
C GLY A 117 0.74 -14.75 9.84
N ARG A 118 1.97 -14.27 9.69
CA ARG A 118 2.72 -13.75 10.82
C ARG A 118 2.38 -12.29 11.05
N VAL A 119 1.94 -11.62 9.98
CA VAL A 119 1.57 -10.21 10.04
C VAL A 119 0.44 -9.99 11.04
N ILE A 120 -0.36 -11.02 11.24
CA ILE A 120 -1.48 -10.93 12.18
C ILE A 120 -1.05 -11.42 13.57
N GLY A 121 0.19 -11.90 13.66
CA GLY A 121 0.73 -12.36 14.92
C GLY A 121 0.34 -13.81 15.21
N LYS A 122 -0.76 -13.98 15.93
CA LYS A 122 -1.31 -15.29 16.23
C LYS A 122 -2.81 -15.17 16.37
N GLY A 123 -3.52 -15.43 15.29
CA GLY A 123 -4.95 -15.17 15.27
C GLY A 123 -5.22 -13.70 15.08
N GLY A 124 -6.47 -13.28 15.20
CA GLY A 124 -6.82 -11.90 14.95
C GLY A 124 -6.51 -10.98 16.12
N LYS A 125 -5.40 -11.26 16.81
CA LYS A 125 -5.03 -10.53 18.01
C LYS A 125 -4.67 -9.07 17.69
N THR A 126 -3.68 -8.87 16.84
CA THR A 126 -3.23 -7.52 16.54
C THR A 126 -4.27 -6.75 15.73
N VAL A 127 -5.18 -7.47 15.10
CA VAL A 127 -6.27 -6.85 14.36
C VAL A 127 -7.33 -6.34 15.33
N ASN A 128 -7.73 -7.20 16.26
CA ASN A 128 -8.71 -6.85 17.29
C ASN A 128 -8.21 -5.65 18.10
N GLU A 129 -6.96 -5.72 18.54
CA GLU A 129 -6.36 -4.65 19.34
C GLU A 129 -6.30 -3.34 18.54
N LEU A 130 -5.82 -3.43 17.31
CA LEU A 130 -5.66 -2.26 16.46
C LEU A 130 -7.02 -1.62 16.18
N GLN A 131 -7.97 -2.44 15.79
CA GLN A 131 -9.32 -1.96 15.44
C GLN A 131 -10.05 -1.43 16.67
N ASN A 132 -9.79 -2.03 17.82
CA ASN A 132 -10.44 -1.60 19.06
C ASN A 132 -9.98 -0.21 19.47
N LEU A 133 -8.74 0.12 19.15
CA LEU A 133 -8.18 1.40 19.54
C LEU A 133 -8.38 2.48 18.46
N THR A 134 -8.04 2.15 17.23
CA THR A 134 -8.03 3.16 16.17
C THR A 134 -9.19 3.00 15.18
N ALA A 135 -9.88 1.86 15.28
CA ALA A 135 -10.95 1.48 14.35
C ALA A 135 -10.37 0.99 13.01
N ALA A 136 -9.05 0.93 12.93
CA ALA A 136 -8.38 0.45 11.73
C ALA A 136 -8.36 -1.07 11.69
N GLU A 137 -8.90 -1.64 10.62
CA GLU A 137 -8.99 -3.08 10.47
C GLU A 137 -7.90 -3.60 9.52
N VAL A 138 -7.36 -4.77 9.82
CA VAL A 138 -6.32 -5.36 9.00
C VAL A 138 -6.83 -6.62 8.31
N VAL A 139 -7.05 -6.53 7.01
CA VAL A 139 -7.54 -7.66 6.23
C VAL A 139 -6.39 -8.35 5.51
N VAL A 140 -6.10 -9.58 5.88
CA VAL A 140 -5.03 -10.32 5.24
C VAL A 140 -5.62 -11.41 4.36
N PRO A 141 -4.86 -11.85 3.34
CA PRO A 141 -5.34 -12.82 2.35
C PRO A 141 -5.34 -14.25 2.88
N ARG A 142 -6.53 -14.81 3.05
CA ARG A 142 -6.67 -16.17 3.54
C ARG A 142 -6.13 -17.18 2.53
N ASP A 143 -5.48 -18.20 3.05
CA ASP A 143 -4.97 -19.32 2.26
C ASP A 143 -3.87 -18.90 1.28
N GLN A 144 -3.38 -17.68 1.44
CA GLN A 144 -2.33 -17.12 0.59
C GLN A 144 -2.81 -16.93 -0.85
N THR A 145 -3.16 -15.70 -1.21
CA THR A 145 -3.51 -15.37 -2.58
C THR A 145 -2.48 -14.41 -3.18
N PRO A 146 -1.24 -14.90 -3.41
CA PRO A 146 -0.14 -14.07 -3.86
C PRO A 146 0.02 -14.05 -5.38
N ASP A 147 0.81 -13.10 -5.84
CA ASP A 147 1.19 -13.05 -7.25
C ASP A 147 2.42 -13.91 -7.45
N GLU A 148 2.79 -14.08 -8.71
CA GLU A 148 3.80 -15.05 -9.16
C GLU A 148 5.08 -15.09 -8.30
N ASN A 149 5.52 -13.95 -7.79
CA ASN A 149 6.78 -13.89 -7.05
C ASN A 149 6.61 -14.18 -5.56
N GLU A 150 5.53 -14.88 -5.21
CA GLU A 150 5.23 -15.21 -3.81
C GLU A 150 4.92 -13.94 -3.01
N GLN A 151 4.50 -12.91 -3.71
CA GLN A 151 4.19 -11.63 -3.07
C GLN A 151 2.69 -11.50 -2.92
N VAL A 152 2.24 -11.31 -1.69
CA VAL A 152 0.84 -11.25 -1.38
C VAL A 152 0.43 -9.81 -1.05
N ILE A 153 -0.85 -9.61 -0.87
CA ILE A 153 -1.40 -8.29 -0.59
C ILE A 153 -2.16 -8.31 0.72
N VAL A 154 -1.94 -7.29 1.53
CA VAL A 154 -2.69 -7.10 2.74
C VAL A 154 -3.34 -5.74 2.74
N LYS A 155 -4.57 -5.68 3.23
CA LYS A 155 -5.40 -4.49 3.12
C LYS A 155 -5.62 -3.84 4.47
N ILE A 156 -5.27 -2.57 4.57
CA ILE A 156 -5.50 -1.82 5.79
C ILE A 156 -6.57 -0.75 5.58
N ILE A 157 -7.58 -0.77 6.43
CA ILE A 157 -8.63 0.24 6.41
C ILE A 157 -8.57 1.06 7.69
N GLY A 158 -8.16 2.32 7.58
CA GLY A 158 -8.06 3.16 8.75
C GLY A 158 -7.67 4.58 8.39
N HIS A 159 -8.01 5.53 9.24
CA HIS A 159 -7.77 6.96 8.98
C HIS A 159 -6.27 7.25 8.78
N PHE A 160 -5.96 8.51 8.51
CA PHE A 160 -4.59 8.94 8.23
C PHE A 160 -3.62 8.43 9.31
N TYR A 161 -3.98 8.63 10.58
CA TYR A 161 -3.15 8.20 11.69
C TYR A 161 -3.21 6.68 11.86
N ALA A 162 -4.42 6.13 11.77
CA ALA A 162 -4.65 4.72 12.03
C ALA A 162 -3.91 3.83 11.04
N SER A 163 -3.98 4.17 9.76
CA SER A 163 -3.33 3.40 8.72
C SER A 163 -1.82 3.45 8.88
N GLN A 164 -1.30 4.63 9.21
CA GLN A 164 0.13 4.80 9.46
C GLN A 164 0.60 3.87 10.58
N MET A 165 -0.16 3.84 11.67
CA MET A 165 0.15 2.98 12.80
C MET A 165 0.11 1.51 12.39
N ALA A 166 -0.97 1.13 11.73
CA ALA A 166 -1.17 -0.25 11.27
C ALA A 166 -0.03 -0.70 10.36
N GLN A 167 0.29 0.12 9.36
CA GLN A 167 1.34 -0.20 8.40
C GLN A 167 2.70 -0.36 9.06
N ARG A 168 3.06 0.59 9.92
CA ARG A 168 4.34 0.52 10.60
C ARG A 168 4.45 -0.70 11.50
N LYS A 169 3.35 -1.10 12.14
CA LYS A 169 3.36 -2.27 13.00
C LYS A 169 3.55 -3.54 12.18
N ILE A 170 2.72 -3.74 11.17
CA ILE A 170 2.82 -4.93 10.32
C ILE A 170 4.19 -4.96 9.60
N ARG A 171 4.69 -3.78 9.22
CA ARG A 171 6.00 -3.64 8.63
C ARG A 171 7.08 -4.18 9.58
N ASP A 172 6.95 -3.81 10.84
CA ASP A 172 7.87 -4.25 11.90
C ASP A 172 7.81 -5.76 12.09
N ILE A 173 6.60 -6.31 12.16
CA ILE A 173 6.43 -7.76 12.30
C ILE A 173 7.06 -8.51 11.11
N LEU A 174 6.85 -7.98 9.91
CA LEU A 174 7.38 -8.57 8.69
C LEU A 174 8.91 -8.70 8.78
N ALA A 175 9.56 -7.60 9.11
CA ALA A 175 11.02 -7.57 9.23
C ALA A 175 11.50 -8.63 10.22
N GLN A 176 10.76 -8.78 11.32
CA GLN A 176 11.08 -9.79 12.32
C GLN A 176 11.07 -11.20 11.74
N VAL A 177 10.11 -11.48 10.86
CA VAL A 177 10.04 -12.77 10.19
C VAL A 177 11.29 -12.99 9.33
N LYS A 178 11.63 -11.98 8.53
CA LYS A 178 12.83 -12.03 7.69
C LYS A 178 14.07 -12.29 8.55
N GLN A 179 14.13 -11.62 9.70
CA GLN A 179 15.25 -11.77 10.62
C GLN A 179 15.41 -13.21 11.08
N GLN A 180 14.30 -13.84 11.48
CA GLN A 180 14.34 -15.22 11.95
C GLN A 180 14.83 -16.18 10.88
N HIS A 181 14.56 -15.88 9.62
CA HIS A 181 15.08 -16.68 8.51
C HIS A 181 16.59 -16.47 8.35
N GLN A 182 17.01 -15.21 8.32
CA GLN A 182 18.42 -14.88 8.13
C GLN A 182 19.27 -15.40 9.29
N LYS A 183 18.83 -15.17 10.51
CA LYS A 183 19.57 -15.59 11.68
C LYS A 183 18.98 -16.88 12.27
N GLY A 184 18.46 -17.72 11.39
CA GLY A 184 17.89 -18.98 11.83
C GLY A 184 18.31 -20.13 10.93
N GLN A 185 19.38 -19.94 10.19
CA GLN A 185 19.89 -20.96 9.29
C GLN A 185 20.93 -21.83 9.99
N SER A 186 20.59 -23.11 10.15
CA SER A 186 21.49 -24.07 10.76
C SER A 186 22.02 -25.02 9.68
N GLY A 187 21.44 -24.92 8.49
CA GLY A 187 21.84 -25.76 7.39
C GLY A 187 20.85 -25.70 6.25
N GLN A 188 21.22 -26.27 5.11
CA GLN A 188 20.34 -26.32 3.96
C GLN A 188 20.27 -27.75 3.45
N LEU A 189 19.98 -28.67 4.36
CA LEU A 189 19.95 -30.09 4.05
C LEU A 189 18.53 -30.53 3.72
N GLN A 190 18.13 -30.35 2.48
CA GLN A 190 16.83 -30.79 2.02
C GLN A 190 16.98 -31.91 1.00
N ALA A 191 16.62 -33.12 1.42
CA ALA A 191 16.70 -34.31 0.57
C ALA A 191 18.12 -34.52 0.05
#